data_3CDA
#
_entry.id   3CDA
#
_cell.length_a   72.611
_cell.length_b   172.249
_cell.length_c   75.620
_cell.angle_alpha   90.000
_cell.angle_beta   118.040
_cell.angle_gamma   90.000
#
_symmetry.space_group_name_H-M   'P 1 21 1'
#
loop_
_entity.id
_entity.type
_entity.pdbx_description
1 polymer '3-hydroxy-3-methylglutaryl-coenzyme A reductase'
2 non-polymer '(3R,5R)-7-{3-(4-fluorophenyl)-1-(1-methylethyl)-4-phenyl-5-[(4-sulfamoylphenyl)carbamoyl]-1H-pyrrol-2-yl}-3,5-dihydroxyheptanoic acid'
3 water water
#
_entity_poly.entity_id   1
_entity_poly.type   'polypeptide(L)'
_entity_poly.pdbx_seq_one_letter_code
;HHHHHHEPRPNEECLQILGNAEKGAKFLSDAEIIQLVNAKHIPAYKLETLIETHERGVSIRRQLLSKKLSEPSSLQYLPY
RDYNYSLVMGACCENVIGYMPIPVGVAGPLCLDEKEFQVPMATTEGCLVASTNRGCRAIGLGGGASSRVLADGMTRGPVV
RLPRACDSAEVKAWLETSEGFAVIKEAFDSTSRFARLQKLHTSIAGRNLYIRFQSRSGDAMGMNMISKGTEKALSKLHEY
FPEMQILAVSGNYCTDKKPAAINWIEGRGKSVVCEAVIPAKVVREVLKTTTEAMIEVNINKNLVGSAMAGSIGGYNAHAA
NIVTAIYIACGQDAAQNVGSSNCITLMEASGPTNEDLYISCTMPSIEIGTVGGGTNLLPQQACLQMLGVQGACKDNPGEN
ARQLARIVCGTVMAGELSLMAALAAGHLVKSHMIHNRSKIN
;
_entity_poly.pdbx_strand_id   A,B,C,D
#
# COMPACT_ATOMS: atom_id res chain seq x y z
N GLU A 7 9.83 15.21 61.00
CA GLU A 7 8.80 14.39 61.72
C GLU A 7 8.85 12.89 61.39
N PRO A 8 9.05 12.52 60.11
CA PRO A 8 9.09 11.11 59.70
C PRO A 8 10.07 10.24 60.50
N ARG A 9 9.54 9.22 61.18
CA ARG A 9 10.36 8.30 61.97
C ARG A 9 11.14 7.34 61.05
N PRO A 10 12.15 6.65 61.58
CA PRO A 10 13.05 5.83 60.74
C PRO A 10 12.36 4.71 59.97
N ASN A 11 13.04 4.21 58.93
CA ASN A 11 12.48 3.21 58.03
C ASN A 11 12.12 1.90 58.72
N GLU A 12 12.91 1.52 59.72
CA GLU A 12 12.71 0.26 60.45
C GLU A 12 11.30 0.15 61.03
N GLU A 13 10.90 1.17 61.79
CA GLU A 13 9.59 1.20 62.45
C GLU A 13 8.43 1.26 61.45
N CYS A 14 8.66 1.95 60.33
CA CYS A 14 7.62 2.10 59.30
C CYS A 14 7.30 0.77 58.62
N LEU A 15 8.29 -0.12 58.55
CA LEU A 15 8.13 -1.44 57.93
C LEU A 15 7.36 -2.42 58.81
N GLN A 16 7.54 -2.34 60.13
CA GLN A 16 6.82 -3.20 61.09
C GLN A 16 5.31 -2.93 61.04
N ILE A 17 4.95 -1.65 60.98
CA ILE A 17 3.55 -1.21 60.90
C ILE A 17 2.94 -1.61 59.56
N LEU A 18 3.76 -1.63 58.52
CA LEU A 18 3.32 -2.00 57.17
C LEU A 18 3.00 -3.49 57.07
N GLY A 19 3.73 -4.31 57.81
CA GLY A 19 3.55 -5.75 57.82
C GLY A 19 2.59 -6.27 58.88
N ASN A 20 2.04 -5.34 59.68
CA ASN A 20 0.99 -5.66 60.64
C ASN A 20 -0.38 -5.65 59.95
N ALA A 21 -1.21 -6.65 60.25
CA ALA A 21 -2.52 -6.80 59.61
C ALA A 21 -3.54 -5.73 60.03
N GLU A 22 -3.60 -5.42 61.32
CA GLU A 22 -4.60 -4.46 61.84
C GLU A 22 -4.14 -2.99 61.76
N LYS A 23 -3.06 -2.73 61.00
CA LYS A 23 -2.56 -1.37 60.80
C LYS A 23 -2.42 -1.07 59.31
N GLY A 24 -1.38 -1.65 58.67
CA GLY A 24 -1.13 -1.46 57.26
C GLY A 24 -0.58 -0.08 56.93
N ALA A 25 -0.89 0.41 55.73
CA ALA A 25 -0.41 1.72 55.28
C ALA A 25 -1.20 2.87 55.89
N LYS A 26 -2.40 2.60 56.41
CA LYS A 26 -3.24 3.65 57.02
C LYS A 26 -2.57 4.38 58.19
N PHE A 27 -1.62 3.72 58.85
CA PHE A 27 -0.98 4.27 60.04
C PHE A 27 0.32 5.04 59.75
N LEU A 28 0.57 5.35 58.48
CA LEU A 28 1.78 6.08 58.08
C LEU A 28 1.43 7.42 57.40
N SER A 29 2.41 8.31 57.37
CA SER A 29 2.27 9.63 56.74
C SER A 29 2.52 9.52 55.23
N ASP A 30 2.24 10.58 54.50
CA ASP A 30 2.65 10.66 53.09
C ASP A 30 4.18 10.68 53.04
N ALA A 31 4.78 11.53 53.86
CA ALA A 31 6.23 11.64 53.97
C ALA A 31 6.89 10.28 54.19
N GLU A 32 6.24 9.42 54.98
CA GLU A 32 6.82 8.12 55.36
C GLU A 32 6.75 7.06 54.26
N ILE A 33 5.66 7.05 53.49
CA ILE A 33 5.54 6.15 52.34
C ILE A 33 6.58 6.53 51.29
N ILE A 34 6.66 7.82 50.99
CA ILE A 34 7.63 8.37 50.04
C ILE A 34 9.08 8.07 50.46
N GLN A 35 9.31 8.00 51.77
CA GLN A 35 10.65 7.71 52.30
C GLN A 35 11.04 6.25 52.02
N LEU A 36 10.09 5.34 52.21
CA LEU A 36 10.29 3.92 51.94
C LEU A 36 10.58 3.67 50.44
N VAL A 37 9.83 4.36 49.57
CA VAL A 37 10.04 4.25 48.12
C VAL A 37 11.42 4.76 47.72
N ASN A 38 11.77 5.95 48.22
CA ASN A 38 13.10 6.52 48.01
C ASN A 38 14.11 5.82 48.90
N ALA A 39 14.65 4.70 48.40
CA ALA A 39 15.51 3.75 49.14
C ALA A 39 14.93 2.33 49.15
N LYS A 40 14.24 1.95 48.08
CA LYS A 40 13.73 0.59 47.88
C LYS A 40 12.88 0.09 49.08
N HIS A 41 12.68 -1.22 49.21
CA HIS A 41 11.75 -1.81 50.19
C HIS A 41 10.32 -1.84 49.63
N ILE A 42 9.84 -0.71 49.13
CA ILE A 42 8.63 -0.65 48.28
C ILE A 42 9.02 -0.01 46.94
N PRO A 43 8.87 -0.73 45.84
CA PRO A 43 9.34 -0.25 44.51
C PRO A 43 8.55 0.93 43.92
N ALA A 44 7.22 0.87 43.98
CA ALA A 44 6.33 1.94 43.48
C ALA A 44 5.05 1.34 42.93
N TYR A 45 5.19 0.29 42.12
CA TYR A 45 4.04 -0.40 41.54
C TYR A 45 3.23 -1.18 42.58
N LYS A 46 3.86 -1.51 43.71
CA LYS A 46 3.18 -2.20 44.78
C LYS A 46 2.33 -1.24 45.64
N LEU A 47 2.47 0.07 45.42
CA LEU A 47 1.66 1.07 46.13
C LEU A 47 0.15 0.84 46.00
N GLU A 48 -0.30 0.35 44.85
CA GLU A 48 -1.72 0.08 44.64
C GLU A 48 -2.20 -1.03 45.58
N THR A 49 -1.42 -2.10 45.68
CA THR A 49 -1.74 -3.22 46.56
C THR A 49 -0.98 -3.05 47.88
N LEU A 50 -1.38 -2.06 48.66
CA LEU A 50 -0.73 -1.73 49.93
C LEU A 50 -1.36 -0.50 50.59
N ILE A 51 -1.70 0.52 49.81
CA ILE A 51 -2.25 1.76 50.34
C ILE A 51 -3.74 1.58 50.62
N GLU A 52 -4.17 2.13 51.77
CA GLU A 52 -5.57 2.13 52.23
C GLU A 52 -6.61 2.33 51.10
N THR A 53 -6.48 3.42 50.35
CA THR A 53 -7.42 3.74 49.27
C THR A 53 -6.73 3.95 47.93
N HIS A 54 -7.49 3.86 46.84
CA HIS A 54 -6.96 4.09 45.50
C HIS A 54 -6.46 5.52 45.35
N GLU A 55 -7.25 6.48 45.82
CA GLU A 55 -6.94 7.90 45.63
C GLU A 55 -5.66 8.34 46.32
N ARG A 56 -5.39 7.82 47.51
CA ARG A 56 -4.16 8.13 48.22
C ARG A 56 -2.94 7.52 47.51
N GLY A 57 -3.12 6.36 46.90
CA GLY A 57 -2.08 5.76 46.06
C GLY A 57 -1.74 6.66 44.89
N VAL A 58 -2.76 7.24 44.27
CA VAL A 58 -2.58 8.18 43.16
C VAL A 58 -1.92 9.46 43.66
N SER A 59 -2.41 9.97 44.79
CA SER A 59 -1.84 11.16 45.40
C SER A 59 -0.35 10.98 45.65
N ILE A 60 0.04 9.83 46.21
CA ILE A 60 1.44 9.55 46.54
C ILE A 60 2.29 9.43 45.28
N ARG A 61 1.76 8.75 44.27
CA ARG A 61 2.45 8.63 42.98
C ARG A 61 2.72 9.98 42.36
N ARG A 62 1.78 10.91 42.49
CA ARG A 62 1.96 12.27 41.98
C ARG A 62 3.08 13.00 42.71
N GLN A 63 3.12 12.89 44.04
CA GLN A 63 4.17 13.53 44.85
C GLN A 63 5.55 12.99 44.50
N LEU A 64 5.65 11.68 44.28
CA LEU A 64 6.88 11.03 43.79
C LEU A 64 7.31 11.65 42.45
N LEU A 65 6.36 11.71 41.51
CA LEU A 65 6.63 12.19 40.16
C LEU A 65 7.02 13.67 40.14
N SER A 66 6.35 14.46 40.97
CA SER A 66 6.54 15.92 40.99
C SER A 66 7.96 16.33 41.37
N LYS A 67 8.60 15.55 42.25
CA LYS A 67 9.99 15.80 42.66
C LYS A 67 10.98 15.50 41.54
N LYS A 68 10.60 14.59 40.64
CA LYS A 68 11.43 14.21 39.50
C LYS A 68 11.37 15.23 38.36
N LEU A 69 10.38 16.12 38.36
CA LEU A 69 10.16 17.04 37.24
C LEU A 69 10.96 18.33 37.33
N SER A 70 11.17 18.97 36.18
CA SER A 70 11.89 20.24 36.11
C SER A 70 11.07 21.37 36.74
N GLU A 71 9.78 21.43 36.42
CA GLU A 71 8.84 22.31 37.11
C GLU A 71 7.95 21.46 38.01
N PRO A 72 8.21 21.47 39.32
CA PRO A 72 7.44 20.69 40.29
C PRO A 72 5.91 20.87 40.26
N SER A 73 5.43 22.05 39.90
CA SER A 73 3.99 22.32 39.89
C SER A 73 3.31 21.93 38.58
N SER A 74 3.95 21.10 37.75
CA SER A 74 3.41 20.74 36.42
C SER A 74 2.03 20.08 36.53
N LEU A 75 1.87 19.24 37.54
CA LEU A 75 0.64 18.46 37.74
C LEU A 75 -0.53 19.25 38.38
N GLN A 76 -0.30 20.50 38.73
CA GLN A 76 -1.32 21.31 39.43
C GLN A 76 -2.73 21.18 38.83
N TYR A 77 -2.82 21.27 37.51
CA TYR A 77 -4.09 21.30 36.80
C TYR A 77 -4.46 19.97 36.11
N LEU A 78 -3.67 18.93 36.37
CA LEU A 78 -4.03 17.57 35.99
C LEU A 78 -4.90 17.04 37.14
N PRO A 79 -6.20 16.87 36.92
CA PRO A 79 -7.08 16.49 38.02
C PRO A 79 -6.88 15.04 38.42
N TYR A 80 -7.20 14.71 39.67
CA TYR A 80 -7.15 13.32 40.13
C TYR A 80 -8.18 12.98 41.21
N ARG A 81 -8.66 13.99 41.95
CA ARG A 81 -9.56 13.75 43.06
C ARG A 81 -10.92 13.21 42.60
N ASP A 82 -11.44 12.28 43.39
CA ASP A 82 -12.83 11.82 43.30
C ASP A 82 -13.19 11.06 42.04
N TYR A 83 -12.18 10.63 41.27
CA TYR A 83 -12.40 9.77 40.13
C TYR A 83 -12.47 8.34 40.64
N ASN A 84 -13.31 7.51 40.01
CA ASN A 84 -13.50 6.14 40.46
C ASN A 84 -12.38 5.22 39.96
N TYR A 85 -11.28 5.20 40.70
CA TYR A 85 -10.09 4.46 40.30
C TYR A 85 -10.21 2.94 40.48
N SER A 86 -11.25 2.48 41.17
CA SER A 86 -11.41 1.06 41.47
C SER A 86 -11.57 0.22 40.20
N LEU A 87 -12.31 0.76 39.22
CA LEU A 87 -12.54 0.06 37.96
C LEU A 87 -11.33 0.15 37.01
N VAL A 88 -10.38 1.03 37.33
CA VAL A 88 -9.17 1.20 36.54
C VAL A 88 -8.01 0.29 36.98
N MET A 89 -7.85 0.09 38.29
CA MET A 89 -6.64 -0.56 38.79
C MET A 89 -6.60 -2.05 38.44
N GLY A 90 -5.44 -2.52 37.99
CA GLY A 90 -5.24 -3.90 37.63
C GLY A 90 -5.83 -4.31 36.29
N ALA A 91 -6.70 -3.46 35.73
CA ALA A 91 -7.47 -3.76 34.52
C ALA A 91 -7.06 -2.87 33.33
N CYS A 92 -7.10 -1.56 33.53
CA CYS A 92 -7.01 -0.57 32.45
C CYS A 92 -5.69 0.23 32.37
N CYS A 93 -5.01 0.40 33.50
CA CYS A 93 -3.89 1.36 33.58
C CYS A 93 -2.99 1.13 34.79
N GLU A 94 -1.68 1.30 34.63
CA GLU A 94 -0.75 1.27 35.78
C GLU A 94 0.10 2.54 35.86
N ASN A 95 0.64 2.78 37.06
CA ASN A 95 1.31 4.04 37.41
C ASN A 95 0.40 5.27 37.23
N VAL A 96 -0.84 5.16 37.70
CA VAL A 96 -1.84 6.19 37.48
C VAL A 96 -1.56 7.43 38.34
N ILE A 97 -1.58 8.59 37.71
CA ILE A 97 -1.41 9.88 38.39
C ILE A 97 -2.61 10.79 38.22
N GLY A 98 -3.65 10.33 37.53
CA GLY A 98 -4.82 11.16 37.32
C GLY A 98 -5.72 10.74 36.16
N TYR A 99 -6.42 11.73 35.62
CA TYR A 99 -7.23 11.51 34.43
C TYR A 99 -7.18 12.74 33.54
N MET A 100 -7.46 12.53 32.25
CA MET A 100 -7.44 13.58 31.27
C MET A 100 -8.87 13.75 30.76
N PRO A 101 -9.50 14.88 31.10
CA PRO A 101 -10.85 15.15 30.61
C PRO A 101 -10.85 15.52 29.12
N ILE A 102 -11.61 14.78 28.32
CA ILE A 102 -11.82 15.12 26.91
C ILE A 102 -13.27 15.57 26.76
N PRO A 103 -13.51 16.81 26.31
CA PRO A 103 -14.88 17.31 26.22
C PRO A 103 -15.74 16.42 25.31
N VAL A 104 -16.98 16.18 25.71
CA VAL A 104 -17.89 15.34 24.96
C VAL A 104 -19.05 16.20 24.45
N GLY A 105 -19.18 16.28 23.14
CA GLY A 105 -20.33 16.90 22.51
C GLY A 105 -21.24 15.84 21.93
N VAL A 106 -22.43 16.24 21.52
CA VAL A 106 -23.40 15.29 20.96
C VAL A 106 -23.80 15.71 19.55
N ALA A 107 -23.75 14.75 18.63
CA ALA A 107 -24.19 14.93 17.27
C ALA A 107 -25.42 14.07 17.07
N GLY A 108 -26.52 14.71 16.71
CA GLY A 108 -27.76 13.99 16.42
C GLY A 108 -28.98 14.89 16.37
N PRO A 109 -30.15 14.30 16.16
CA PRO A 109 -30.33 12.86 15.99
C PRO A 109 -29.70 12.31 14.70
N LEU A 110 -29.15 11.10 14.79
CA LEU A 110 -28.69 10.36 13.64
C LEU A 110 -29.80 9.36 13.32
N CYS A 111 -30.48 9.59 12.20
CA CYS A 111 -31.54 8.70 11.77
C CYS A 111 -30.91 7.53 11.04
N LEU A 112 -30.83 6.39 11.74
CA LEU A 112 -30.19 5.19 11.24
C LEU A 112 -31.06 3.95 11.47
N ASP A 113 -31.40 3.28 10.38
CA ASP A 113 -32.23 2.08 10.41
C ASP A 113 -33.51 2.30 11.21
N GLU A 114 -34.22 3.38 10.85
CA GLU A 114 -35.55 3.70 11.39
C GLU A 114 -35.55 4.04 12.89
N LYS A 115 -34.36 4.19 13.47
CA LYS A 115 -34.18 4.61 14.85
C LYS A 115 -33.49 5.97 14.87
N GLU A 116 -33.37 6.54 16.06
CA GLU A 116 -32.66 7.80 16.26
C GLU A 116 -31.57 7.62 17.31
N PHE A 117 -30.42 8.24 17.07
CA PHE A 117 -29.28 8.09 17.95
C PHE A 117 -28.71 9.46 18.28
N GLN A 118 -28.41 9.68 19.55
CA GLN A 118 -27.68 10.85 19.99
C GLN A 118 -26.25 10.38 20.22
N VAL A 119 -25.35 10.72 19.30
CA VAL A 119 -24.03 10.14 19.24
C VAL A 119 -23.01 10.97 20.01
N PRO A 120 -22.41 10.39 21.04
CA PRO A 120 -21.38 11.10 21.82
C PRO A 120 -20.04 11.10 21.12
N MET A 121 -19.37 12.24 21.16
CA MET A 121 -18.09 12.42 20.48
C MET A 121 -17.13 13.16 21.41
N ALA A 122 -16.06 12.48 21.81
CA ALA A 122 -15.03 13.08 22.67
C ALA A 122 -13.93 13.63 21.79
N THR A 123 -13.84 14.95 21.71
CA THR A 123 -12.88 15.59 20.84
C THR A 123 -12.47 16.97 21.32
N THR A 124 -11.29 17.43 20.88
CA THR A 124 -10.83 18.80 21.13
C THR A 124 -10.64 19.60 19.84
N GLU A 125 -11.03 19.03 18.70
CA GLU A 125 -10.93 19.77 17.45
C GLU A 125 -12.17 20.64 17.26
N GLY A 126 -11.95 21.95 17.15
CA GLY A 126 -13.05 22.90 16.98
C GLY A 126 -13.90 22.55 15.76
N CYS A 127 -15.22 22.62 15.95
CA CYS A 127 -16.20 22.51 14.86
C CYS A 127 -16.57 21.10 14.42
N LEU A 128 -15.82 20.10 14.88
CA LEU A 128 -16.03 18.73 14.42
C LEU A 128 -17.44 18.23 14.73
N VAL A 129 -17.88 18.44 15.98
CA VAL A 129 -19.20 18.00 16.41
C VAL A 129 -20.30 18.81 15.70
N ALA A 130 -20.10 20.12 15.57
CA ALA A 130 -21.04 20.97 14.86
C ALA A 130 -21.20 20.52 13.39
N SER A 131 -20.08 20.27 12.72
CA SER A 131 -20.08 19.80 11.33
C SER A 131 -20.77 18.45 11.18
N THR A 132 -20.44 17.53 12.08
CA THR A 132 -21.00 16.19 12.06
C THR A 132 -22.50 16.25 12.32
N ASN A 133 -22.89 17.17 13.20
CA ASN A 133 -24.27 17.41 13.57
C ASN A 133 -25.10 17.89 12.36
N ARG A 134 -24.51 18.72 11.50
CA ARG A 134 -25.16 19.18 10.28
C ARG A 134 -25.37 18.03 9.30
N GLY A 135 -24.36 17.15 9.20
CA GLY A 135 -24.47 15.94 8.41
C GLY A 135 -25.63 15.07 8.85
N CYS A 136 -25.81 14.94 10.17
CA CYS A 136 -26.94 14.20 10.73
C CYS A 136 -28.28 14.83 10.33
N ARG A 137 -28.34 16.15 10.30
CA ARG A 137 -29.54 16.90 9.94
C ARG A 137 -29.89 16.70 8.46
N ALA A 138 -28.88 16.79 7.59
CA ALA A 138 -29.07 16.52 6.17
C ALA A 138 -29.57 15.10 5.93
N ILE A 139 -29.03 14.15 6.67
CA ILE A 139 -29.47 12.76 6.60
C ILE A 139 -30.92 12.63 7.10
N GLY A 140 -31.23 13.32 8.19
CA GLY A 140 -32.55 13.23 8.82
C GLY A 140 -33.65 13.71 7.89
N LEU A 141 -33.39 14.80 7.17
CA LEU A 141 -34.38 15.40 6.28
C LEU A 141 -34.54 14.60 5.00
N GLY A 142 -33.54 13.78 4.69
CA GLY A 142 -33.58 12.92 3.52
C GLY A 142 -34.11 11.53 3.79
N GLY A 143 -34.86 11.33 4.87
CA GLY A 143 -35.47 10.04 5.17
C GLY A 143 -34.59 9.09 5.98
N GLY A 144 -33.39 9.52 6.31
CA GLY A 144 -32.48 8.75 7.15
C GLY A 144 -31.61 7.77 6.40
N ALA A 145 -30.67 7.19 7.13
CA ALA A 145 -29.68 6.28 6.59
C ALA A 145 -30.05 4.83 6.88
N SER A 146 -29.51 3.92 6.07
CA SER A 146 -29.63 2.49 6.30
C SER A 146 -28.24 1.89 6.30
N SER A 147 -28.01 0.89 7.14
CA SER A 147 -26.71 0.22 7.20
C SER A 147 -26.87 -1.28 7.41
N ARG A 148 -25.90 -2.04 6.90
CA ARG A 148 -25.83 -3.48 7.14
C ARG A 148 -24.43 -3.85 7.63
N VAL A 149 -24.36 -4.80 8.55
CA VAL A 149 -23.11 -5.40 8.99
C VAL A 149 -22.85 -6.58 8.07
N LEU A 150 -21.74 -6.51 7.35
CA LEU A 150 -21.41 -7.45 6.28
C LEU A 150 -20.68 -8.67 6.78
N ALA A 151 -19.79 -8.44 7.74
CA ALA A 151 -18.94 -9.50 8.28
C ALA A 151 -18.64 -9.19 9.72
N ASP A 152 -18.29 -10.22 10.46
CA ASP A 152 -18.07 -10.08 11.89
C ASP A 152 -17.08 -11.15 12.36
N GLY A 153 -15.88 -10.71 12.71
CA GLY A 153 -14.90 -11.60 13.31
C GLY A 153 -13.60 -10.87 13.59
N MET A 154 -13.23 -10.78 14.86
CA MET A 154 -11.94 -10.27 15.29
C MET A 154 -10.88 -11.31 14.93
N THR A 155 -9.68 -10.87 14.58
CA THR A 155 -8.62 -11.79 14.17
C THR A 155 -7.35 -11.68 15.00
N ARG A 156 -6.54 -12.73 14.93
CA ARG A 156 -5.20 -12.72 15.46
C ARG A 156 -4.36 -13.57 14.51
N GLY A 157 -3.19 -13.06 14.12
CA GLY A 157 -2.42 -13.63 13.03
C GLY A 157 -1.00 -14.02 13.43
N PRO A 158 -0.85 -15.11 14.19
CA PRO A 158 0.47 -15.62 14.60
C PRO A 158 1.36 -16.04 13.44
N VAL A 159 2.66 -16.02 13.67
CA VAL A 159 3.63 -16.61 12.75
C VAL A 159 4.30 -17.82 13.42
N VAL A 160 4.20 -18.97 12.77
CA VAL A 160 4.93 -20.17 13.18
C VAL A 160 6.03 -20.44 12.15
N ARG A 161 6.90 -21.40 12.43
CA ARG A 161 7.98 -21.79 11.53
C ARG A 161 8.15 -23.29 11.51
N LEU A 162 8.34 -23.86 10.33
CA LEU A 162 8.70 -25.25 10.18
C LEU A 162 10.19 -25.28 9.79
N PRO A 163 10.83 -26.45 9.82
CA PRO A 163 12.23 -26.55 9.38
C PRO A 163 12.41 -26.10 7.93
N ARG A 164 11.45 -26.41 7.07
CA ARG A 164 11.54 -26.10 5.64
C ARG A 164 10.24 -25.49 5.14
N ALA A 165 10.30 -24.88 3.96
CA ALA A 165 9.14 -24.37 3.26
C ALA A 165 8.21 -25.50 2.82
N CYS A 166 8.78 -26.67 2.53
CA CYS A 166 7.98 -27.83 2.15
C CYS A 166 7.16 -28.33 3.33
N ASP A 167 7.71 -28.16 4.53
CA ASP A 167 7.00 -28.55 5.77
C ASP A 167 5.89 -27.55 6.07
N SER A 168 6.17 -26.26 5.93
CA SER A 168 5.14 -25.23 6.10
C SER A 168 4.04 -25.40 5.06
N ALA A 169 4.41 -25.83 3.86
CA ALA A 169 3.45 -26.15 2.80
C ALA A 169 2.54 -27.30 3.23
N GLU A 170 3.12 -28.31 3.86
CA GLU A 170 2.35 -29.45 4.37
C GLU A 170 1.36 -29.01 5.45
N VAL A 171 1.77 -28.09 6.30
CA VAL A 171 0.90 -27.62 7.37
C VAL A 171 -0.27 -26.80 6.81
N LYS A 172 -0.01 -26.03 5.76
CA LYS A 172 -1.05 -25.23 5.10
C LYS A 172 -2.10 -26.12 4.45
N ALA A 173 -1.65 -27.13 3.72
CA ALA A 173 -2.54 -28.09 3.08
C ALA A 173 -3.35 -28.87 4.11
N TRP A 174 -2.72 -29.22 5.23
CA TRP A 174 -3.40 -29.95 6.31
C TRP A 174 -4.48 -29.10 6.95
N LEU A 175 -4.21 -27.80 7.13
CA LEU A 175 -5.18 -26.86 7.68
C LEU A 175 -6.33 -26.59 6.69
N GLU A 176 -6.05 -26.80 5.40
CA GLU A 176 -7.03 -26.62 4.33
C GLU A 176 -7.95 -27.84 4.15
N THR A 177 -7.57 -28.99 4.68
CA THR A 177 -8.47 -30.15 4.69
C THR A 177 -9.57 -29.91 5.70
N SER A 178 -10.72 -30.53 5.48
CA SER A 178 -11.85 -30.39 6.38
C SER A 178 -11.54 -30.95 7.77
N GLU A 179 -10.86 -32.08 7.80
CA GLU A 179 -10.61 -32.81 9.03
C GLU A 179 -9.51 -32.15 9.87
N GLY A 180 -8.54 -31.56 9.20
CA GLY A 180 -7.50 -30.79 9.86
C GLY A 180 -8.06 -29.54 10.50
N PHE A 181 -8.91 -28.83 9.78
CA PHE A 181 -9.52 -27.60 10.29
C PHE A 181 -10.51 -27.88 11.41
N ALA A 182 -11.15 -29.05 11.37
CA ALA A 182 -12.17 -29.40 12.36
C ALA A 182 -11.53 -29.70 13.71
N VAL A 183 -10.32 -30.25 13.67
CA VAL A 183 -9.54 -30.51 14.88
C VAL A 183 -9.07 -29.19 15.51
N ILE A 184 -8.60 -28.28 14.66
CA ILE A 184 -8.14 -26.98 15.10
C ILE A 184 -9.30 -26.12 15.61
N LYS A 185 -10.44 -26.21 14.93
CA LYS A 185 -11.64 -25.50 15.33
C LYS A 185 -12.08 -25.98 16.71
N GLU A 186 -11.99 -27.28 16.96
CA GLU A 186 -12.43 -27.86 18.23
C GLU A 186 -11.56 -27.38 19.38
N ALA A 187 -10.25 -27.28 19.16
CA ALA A 187 -9.35 -26.80 20.19
C ALA A 187 -9.56 -25.31 20.44
N PHE A 188 -9.82 -24.56 19.37
CA PHE A 188 -10.08 -23.13 19.45
C PHE A 188 -11.35 -22.87 20.24
N ASP A 189 -12.42 -23.57 19.88
CA ASP A 189 -13.75 -23.32 20.40
C ASP A 189 -13.96 -23.81 21.83
N SER A 190 -13.08 -24.69 22.30
CA SER A 190 -13.14 -25.22 23.67
C SER A 190 -12.76 -24.18 24.74
N THR A 191 -12.12 -23.08 24.32
CA THR A 191 -11.56 -22.09 25.24
C THR A 191 -12.58 -21.09 25.80
N SER A 192 -13.71 -20.92 25.11
CA SER A 192 -14.77 -20.01 25.58
C SER A 192 -16.08 -20.21 24.84
N ARG A 193 -17.17 -19.69 25.41
CA ARG A 193 -18.50 -19.93 24.85
C ARG A 193 -18.74 -19.19 23.54
N PHE A 194 -18.07 -18.07 23.34
CA PHE A 194 -18.20 -17.30 22.10
C PHE A 194 -17.20 -17.69 21.01
N ALA A 195 -16.18 -18.47 21.36
CA ALA A 195 -15.13 -18.83 20.41
C ALA A 195 -15.67 -19.79 19.34
N ARG A 196 -15.92 -19.24 18.16
CA ARG A 196 -16.36 -20.02 16.99
C ARG A 196 -15.48 -19.68 15.78
N LEU A 197 -14.55 -20.58 15.47
CA LEU A 197 -13.55 -20.33 14.43
C LEU A 197 -14.18 -20.41 13.04
N GLN A 198 -14.02 -19.35 12.26
CA GLN A 198 -14.44 -19.30 10.86
C GLN A 198 -13.30 -19.80 9.97
N LYS A 199 -13.50 -19.75 8.66
CA LYS A 199 -12.48 -20.14 7.69
C LYS A 199 -11.11 -19.50 8.00
N LEU A 200 -10.06 -20.32 7.98
CA LEU A 200 -8.70 -19.89 8.28
C LEU A 200 -8.07 -19.25 7.04
N HIS A 201 -7.39 -18.12 7.22
CA HIS A 201 -6.57 -17.56 6.16
C HIS A 201 -5.09 -17.77 6.45
N THR A 202 -4.39 -18.34 5.47
CA THR A 202 -3.01 -18.75 5.65
C THR A 202 -2.11 -18.13 4.57
N SER A 203 -0.89 -17.77 4.97
CA SER A 203 0.09 -17.24 4.02
C SER A 203 1.47 -17.76 4.32
N ILE A 204 2.14 -18.22 3.28
CA ILE A 204 3.47 -18.81 3.41
C ILE A 204 4.50 -17.80 2.95
N ALA A 205 5.56 -17.68 3.73
CA ALA A 205 6.73 -16.92 3.36
C ALA A 205 7.93 -17.81 3.68
N GLY A 206 8.27 -18.68 2.74
CA GLY A 206 9.33 -19.65 2.92
C GLY A 206 8.91 -20.67 3.96
N ARG A 207 9.71 -20.83 5.00
CA ARG A 207 9.35 -21.72 6.10
C ARG A 207 8.46 -21.06 7.14
N ASN A 208 8.23 -19.75 7.00
CA ASN A 208 7.24 -19.06 7.81
C ASN A 208 5.82 -19.38 7.35
N LEU A 209 4.91 -19.40 8.32
CA LEU A 209 3.51 -19.67 8.05
C LEU A 209 2.65 -18.79 8.94
N TYR A 210 1.99 -17.81 8.32
CA TYR A 210 1.12 -16.87 9.02
C TYR A 210 -0.29 -17.43 8.95
N ILE A 211 -0.93 -17.50 10.10
CA ILE A 211 -2.25 -18.10 10.21
C ILE A 211 -3.15 -17.07 10.83
N ARG A 212 -4.25 -16.75 10.14
CA ARG A 212 -5.17 -15.72 10.57
C ARG A 212 -6.41 -16.38 11.15
N PHE A 213 -6.45 -16.42 12.47
CA PHE A 213 -7.60 -16.99 13.18
C PHE A 213 -8.68 -15.92 13.29
N GLN A 214 -9.90 -16.28 12.90
CA GLN A 214 -11.01 -15.32 12.92
C GLN A 214 -12.22 -15.91 13.64
N SER A 215 -12.81 -15.12 14.53
CA SER A 215 -14.00 -15.54 15.24
C SER A 215 -14.78 -14.35 15.79
N ARG A 216 -16.11 -14.49 15.79
CA ARG A 216 -16.97 -13.60 16.57
C ARG A 216 -16.56 -13.71 18.03
N SER A 217 -17.05 -12.79 18.87
CA SER A 217 -16.57 -12.69 20.24
C SER A 217 -17.58 -12.04 21.16
N GLY A 218 -18.86 -12.38 20.98
CA GLY A 218 -19.92 -11.72 21.71
C GLY A 218 -19.91 -10.23 21.42
N ASP A 219 -20.08 -9.42 22.46
CA ASP A 219 -20.00 -7.96 22.34
C ASP A 219 -18.63 -7.43 22.76
N ALA A 220 -17.70 -8.32 23.10
CA ALA A 220 -16.34 -7.89 23.39
C ALA A 220 -15.60 -7.63 22.08
N MET A 221 -14.65 -6.70 22.09
CA MET A 221 -13.83 -6.46 20.92
C MET A 221 -13.09 -7.77 20.56
N GLY A 222 -12.67 -8.49 21.59
CA GLY A 222 -12.31 -9.90 21.46
C GLY A 222 -10.85 -10.27 21.38
N MET A 223 -9.94 -9.34 21.60
CA MET A 223 -8.51 -9.63 21.44
C MET A 223 -8.00 -10.69 22.41
N ASN A 224 -8.37 -10.55 23.68
CA ASN A 224 -7.90 -11.48 24.72
C ASN A 224 -8.48 -12.87 24.53
N MET A 225 -9.76 -12.93 24.18
CA MET A 225 -10.44 -14.19 23.90
C MET A 225 -9.84 -14.91 22.68
N ILE A 226 -9.63 -14.17 21.60
CA ILE A 226 -9.06 -14.73 20.38
C ILE A 226 -7.65 -15.26 20.62
N SER A 227 -6.83 -14.51 21.34
CA SER A 227 -5.45 -14.91 21.64
C SER A 227 -5.41 -16.22 22.42
N LYS A 228 -6.36 -16.38 23.34
CA LYS A 228 -6.49 -17.60 24.14
C LYS A 228 -6.90 -18.77 23.24
N GLY A 229 -7.86 -18.53 22.36
CA GLY A 229 -8.26 -19.55 21.39
C GLY A 229 -7.10 -19.94 20.49
N THR A 230 -6.36 -18.93 20.02
CA THR A 230 -5.22 -19.12 19.14
C THR A 230 -4.16 -20.01 19.78
N GLU A 231 -3.87 -19.77 21.06
CA GLU A 231 -2.82 -20.50 21.77
C GLU A 231 -3.16 -21.98 21.91
N LYS A 232 -4.41 -22.31 22.25
CA LYS A 232 -4.84 -23.71 22.33
C LYS A 232 -4.91 -24.38 20.95
N ALA A 233 -5.16 -23.58 19.92
CA ALA A 233 -5.27 -24.10 18.56
C ALA A 233 -3.89 -24.48 18.04
N LEU A 234 -2.90 -23.69 18.41
CA LEU A 234 -1.53 -23.91 17.95
C LEU A 234 -0.88 -25.05 18.72
N SER A 235 -1.24 -25.19 20.00
CA SER A 235 -0.81 -26.32 20.81
C SER A 235 -1.27 -27.63 20.19
N LYS A 236 -2.54 -27.67 19.77
CA LYS A 236 -3.09 -28.84 19.08
C LYS A 236 -2.42 -29.05 17.73
N LEU A 237 -2.15 -27.97 17.00
CA LEU A 237 -1.47 -28.04 15.73
C LEU A 237 -0.07 -28.64 15.90
N HIS A 238 0.56 -28.34 17.02
CA HIS A 238 1.89 -28.87 17.30
C HIS A 238 1.88 -30.38 17.60
N GLU A 239 0.75 -30.90 18.10
CA GLU A 239 0.62 -32.35 18.28
C GLU A 239 0.76 -33.10 16.95
N TYR A 240 0.24 -32.53 15.87
CA TYR A 240 0.35 -33.13 14.55
C TYR A 240 1.68 -32.79 13.87
N PHE A 241 2.24 -31.62 14.18
CA PHE A 241 3.45 -31.14 13.56
C PHE A 241 4.46 -30.73 14.63
N PRO A 242 5.08 -31.71 15.28
CA PRO A 242 5.96 -31.45 16.44
C PRO A 242 7.21 -30.58 16.19
N GLU A 243 7.69 -30.52 14.95
CA GLU A 243 8.81 -29.65 14.60
C GLU A 243 8.41 -28.18 14.37
N MET A 244 7.11 -27.89 14.41
CA MET A 244 6.60 -26.51 14.35
C MET A 244 7.01 -25.70 15.58
N GLN A 245 7.52 -24.50 15.34
CA GLN A 245 7.88 -23.55 16.39
C GLN A 245 6.94 -22.34 16.27
N ILE A 246 6.25 -22.00 17.36
CA ILE A 246 5.50 -20.76 17.41
C ILE A 246 6.50 -19.64 17.64
N LEU A 247 6.69 -18.78 16.65
CA LEU A 247 7.62 -17.66 16.78
C LEU A 247 7.01 -16.49 17.53
N ALA A 248 5.77 -16.17 17.22
CA ALA A 248 5.05 -15.08 17.89
C ALA A 248 3.54 -15.27 17.74
N VAL A 249 2.82 -15.07 18.85
CA VAL A 249 1.38 -15.24 18.86
C VAL A 249 0.68 -14.20 17.98
N SER A 250 1.36 -13.10 17.71
CA SER A 250 0.98 -12.19 16.62
C SER A 250 2.19 -11.98 15.72
N GLY A 251 2.05 -12.33 14.45
CA GLY A 251 3.07 -12.09 13.44
C GLY A 251 2.72 -10.94 12.51
N ASN A 252 1.95 -9.98 13.03
CA ASN A 252 1.48 -8.81 12.26
C ASN A 252 0.59 -9.15 11.07
N TYR A 253 -0.01 -10.33 11.10
CA TYR A 253 -0.86 -10.79 10.01
C TYR A 253 -2.35 -10.64 10.37
N CYS A 254 -2.63 -10.07 11.54
CA CYS A 254 -4.00 -10.00 12.05
C CYS A 254 -4.92 -9.07 11.24
N THR A 255 -4.56 -7.81 10.95
CA THR A 255 -3.42 -7.07 11.49
C THR A 255 -3.94 -6.03 12.47
N ASP A 256 -3.31 -5.93 13.64
CA ASP A 256 -3.79 -5.07 14.71
C ASP A 256 -2.96 -3.79 14.83
N LYS A 257 -3.63 -2.64 14.72
CA LYS A 257 -3.06 -1.31 14.98
C LYS A 257 -1.93 -0.86 14.05
N LYS A 258 -1.85 -1.49 12.88
CA LYS A 258 -1.01 -1.01 11.79
C LYS A 258 -1.85 -1.07 10.52
N PRO A 259 -1.62 -0.17 9.57
CA PRO A 259 -2.33 -0.25 8.28
C PRO A 259 -1.88 -1.49 7.53
N ALA A 260 -2.82 -2.11 6.83
CA ALA A 260 -2.59 -3.41 6.20
C ALA A 260 -3.70 -3.70 5.20
N ALA A 261 -3.31 -4.05 3.99
CA ALA A 261 -4.25 -4.40 2.94
C ALA A 261 -5.15 -5.57 3.33
N ILE A 262 -4.64 -6.52 4.10
CA ILE A 262 -5.43 -7.68 4.49
C ILE A 262 -6.72 -7.28 5.23
N ASN A 263 -6.67 -6.27 6.09
CA ASN A 263 -7.86 -5.80 6.81
C ASN A 263 -8.86 -5.14 5.87
N TRP A 264 -8.33 -4.40 4.90
CA TRP A 264 -9.14 -3.75 3.88
C TRP A 264 -9.87 -4.77 3.03
N ILE A 265 -9.20 -5.86 2.70
CA ILE A 265 -9.70 -6.85 1.74
C ILE A 265 -10.48 -7.97 2.42
N GLU A 266 -10.01 -8.43 3.57
CA GLU A 266 -10.64 -9.56 4.26
C GLU A 266 -11.61 -9.10 5.35
N GLY A 267 -11.50 -7.85 5.76
CA GLY A 267 -12.23 -7.33 6.90
C GLY A 267 -11.60 -7.75 8.21
N ARG A 268 -11.90 -7.00 9.26
CA ARG A 268 -11.48 -7.33 10.61
C ARG A 268 -12.46 -6.70 11.58
N GLY A 269 -12.82 -7.42 12.64
CA GLY A 269 -13.89 -6.98 13.52
C GLY A 269 -15.18 -6.90 12.71
N LYS A 270 -15.74 -5.70 12.61
CA LYS A 270 -17.01 -5.50 11.91
C LYS A 270 -16.83 -4.74 10.59
N SER A 271 -17.24 -5.37 9.50
CA SER A 271 -17.31 -4.73 8.20
C SER A 271 -18.74 -4.22 8.01
N VAL A 272 -18.88 -2.93 7.73
CA VAL A 272 -20.17 -2.28 7.64
C VAL A 272 -20.30 -1.47 6.36
N VAL A 273 -21.52 -1.33 5.87
CA VAL A 273 -21.83 -0.39 4.81
C VAL A 273 -22.98 0.50 5.29
N CYS A 274 -22.95 1.76 4.91
CA CYS A 274 -24.02 2.70 5.24
C CYS A 274 -24.39 3.50 4.00
N GLU A 275 -25.60 4.03 3.97
CA GLU A 275 -26.04 4.84 2.85
C GLU A 275 -27.18 5.77 3.18
N ALA A 276 -27.39 6.76 2.32
CA ALA A 276 -28.51 7.69 2.44
C ALA A 276 -28.65 8.44 1.14
N VAL A 277 -29.88 8.82 0.82
CA VAL A 277 -30.12 9.73 -0.30
C VAL A 277 -30.55 11.07 0.28
N ILE A 278 -29.89 12.13 -0.16
CA ILE A 278 -30.18 13.48 0.31
C ILE A 278 -30.87 14.22 -0.83
N PRO A 279 -32.15 14.58 -0.63
CA PRO A 279 -32.87 15.46 -1.58
C PRO A 279 -32.04 16.65 -2.04
N ALA A 280 -32.18 17.06 -3.30
CA ALA A 280 -31.45 18.19 -3.85
C ALA A 280 -31.68 19.44 -3.02
N LYS A 281 -32.93 19.60 -2.59
CA LYS A 281 -33.37 20.71 -1.72
C LYS A 281 -32.52 20.78 -0.45
N VAL A 282 -32.31 19.64 0.19
CA VAL A 282 -31.54 19.59 1.44
C VAL A 282 -30.07 19.91 1.22
N VAL A 283 -29.48 19.40 0.14
CA VAL A 283 -28.08 19.65 -0.17
C VAL A 283 -27.85 21.15 -0.31
N ARG A 284 -28.82 21.83 -0.90
CA ARG A 284 -28.74 23.28 -1.11
C ARG A 284 -28.89 24.06 0.18
N GLU A 285 -29.97 23.77 0.91
CA GLU A 285 -30.34 24.56 2.08
C GLU A 285 -29.44 24.25 3.28
N VAL A 286 -29.34 22.96 3.59
CA VAL A 286 -28.56 22.53 4.74
C VAL A 286 -27.05 22.58 4.45
N LEU A 287 -26.63 21.95 3.35
CA LEU A 287 -25.19 21.75 3.10
C LEU A 287 -24.53 22.85 2.25
N LYS A 288 -25.31 23.85 1.81
CA LYS A 288 -24.77 25.03 1.11
C LYS A 288 -24.01 24.71 -0.19
N THR A 289 -24.42 23.64 -0.87
CA THR A 289 -23.75 23.18 -2.09
C THR A 289 -24.78 22.55 -3.04
N THR A 290 -24.30 21.86 -4.08
CA THR A 290 -25.17 21.11 -4.97
C THR A 290 -24.70 19.66 -5.06
N THR A 291 -25.58 18.80 -5.53
CA THR A 291 -25.26 17.40 -5.74
C THR A 291 -24.11 17.27 -6.73
N GLU A 292 -24.21 17.97 -7.86
CA GLU A 292 -23.18 17.96 -8.90
C GLU A 292 -21.80 18.30 -8.32
N ALA A 293 -21.75 19.29 -7.45
CA ALA A 293 -20.50 19.74 -6.85
C ALA A 293 -19.93 18.67 -5.91
N MET A 294 -20.79 18.06 -5.10
CA MET A 294 -20.40 17.03 -4.14
C MET A 294 -19.72 15.84 -4.82
N ILE A 295 -20.31 15.38 -5.92
CA ILE A 295 -19.83 14.23 -6.67
C ILE A 295 -18.46 14.50 -7.28
N GLU A 296 -18.29 15.69 -7.83
CA GLU A 296 -17.04 16.11 -8.44
C GLU A 296 -15.93 16.16 -7.40
N VAL A 297 -16.24 16.71 -6.21
CA VAL A 297 -15.25 16.77 -5.15
C VAL A 297 -14.92 15.37 -4.67
N ASN A 298 -15.95 14.53 -4.48
CA ASN A 298 -15.74 13.19 -3.95
C ASN A 298 -14.86 12.33 -4.85
N ILE A 299 -15.16 12.35 -6.14
CA ILE A 299 -14.37 11.62 -7.12
C ILE A 299 -12.92 12.07 -7.08
N ASN A 300 -12.70 13.39 -7.14
CA ASN A 300 -11.38 13.91 -7.39
C ASN A 300 -10.55 14.13 -6.13
N LYS A 301 -11.21 14.08 -4.98
CA LYS A 301 -10.53 14.10 -3.67
C LYS A 301 -10.40 12.68 -3.13
N ASN A 302 -11.55 12.05 -2.85
CA ASN A 302 -11.57 10.80 -2.10
C ASN A 302 -11.15 9.59 -2.92
N LEU A 303 -11.41 9.60 -4.22
CA LEU A 303 -10.95 8.54 -5.12
C LEU A 303 -9.62 8.91 -5.75
N VAL A 304 -9.61 9.93 -6.62
CA VAL A 304 -8.42 10.21 -7.43
C VAL A 304 -7.30 10.75 -6.56
N GLY A 305 -7.63 11.66 -5.65
CA GLY A 305 -6.64 12.24 -4.76
C GLY A 305 -5.99 11.21 -3.86
N SER A 306 -6.81 10.35 -3.25
CA SER A 306 -6.32 9.30 -2.37
C SER A 306 -5.45 8.33 -3.16
N ALA A 307 -5.83 8.09 -4.42
CA ALA A 307 -5.05 7.24 -5.31
C ALA A 307 -3.68 7.82 -5.65
N MET A 308 -3.60 9.14 -5.89
CA MET A 308 -2.32 9.79 -6.20
C MET A 308 -1.38 9.80 -5.00
N ALA A 309 -1.94 9.82 -3.79
CA ALA A 309 -1.15 9.78 -2.56
C ALA A 309 -0.72 8.36 -2.21
N GLY A 310 -1.28 7.37 -2.88
CA GLY A 310 -0.91 5.98 -2.67
C GLY A 310 -1.55 5.46 -1.40
N SER A 311 -2.87 5.64 -1.31
CA SER A 311 -3.63 5.19 -0.17
C SER A 311 -4.15 3.78 -0.37
N ILE A 312 -4.04 2.98 0.70
CA ILE A 312 -4.76 1.74 0.84
C ILE A 312 -5.76 1.96 1.96
N GLY A 313 -7.06 1.94 1.62
CA GLY A 313 -8.11 2.03 2.62
C GLY A 313 -8.53 3.43 3.03
N GLY A 314 -7.90 4.46 2.48
CA GLY A 314 -8.13 5.83 2.90
C GLY A 314 -8.84 6.66 1.86
N TYR A 315 -9.90 6.12 1.29
CA TYR A 315 -10.65 6.81 0.24
C TYR A 315 -11.83 7.56 0.83
N ASN A 316 -11.52 8.47 1.75
CA ASN A 316 -12.52 9.22 2.49
C ASN A 316 -11.94 10.57 2.91
N ALA A 317 -12.77 11.41 3.51
CA ALA A 317 -12.37 12.76 3.89
C ALA A 317 -11.78 12.78 5.30
N HIS A 318 -12.55 12.33 6.29
CA HIS A 318 -12.10 12.33 7.68
C HIS A 318 -12.82 11.31 8.57
N ALA A 319 -13.07 10.13 8.04
CA ALA A 319 -13.66 9.05 8.85
C ALA A 319 -12.94 8.91 10.18
N ALA A 320 -11.63 9.08 10.16
CA ALA A 320 -10.81 8.99 11.37
C ALA A 320 -11.21 9.98 12.47
N ASN A 321 -11.57 11.20 12.09
CA ASN A 321 -12.07 12.17 13.06
C ASN A 321 -13.24 11.65 13.87
N ILE A 322 -14.21 11.07 13.18
CA ILE A 322 -15.44 10.59 13.82
C ILE A 322 -15.19 9.32 14.61
N VAL A 323 -14.45 8.38 14.02
CA VAL A 323 -14.13 7.13 14.67
C VAL A 323 -13.43 7.40 16.01
N THR A 324 -12.47 8.32 16.00
CA THR A 324 -11.66 8.61 17.17
C THR A 324 -12.48 9.23 18.28
N ALA A 325 -13.35 10.18 17.92
CA ALA A 325 -14.19 10.87 18.88
C ALA A 325 -15.19 9.94 19.55
N ILE A 326 -15.85 9.10 18.75
CA ILE A 326 -16.78 8.14 19.30
C ILE A 326 -16.04 7.12 20.15
N TYR A 327 -14.85 6.73 19.70
CA TYR A 327 -14.06 5.69 20.39
C TYR A 327 -13.62 6.15 21.77
N ILE A 328 -13.14 7.38 21.89
CA ILE A 328 -12.70 7.90 23.19
C ILE A 328 -13.94 8.06 24.09
N ALA A 329 -15.05 8.53 23.52
CA ALA A 329 -16.27 8.75 24.28
C ALA A 329 -16.85 7.44 24.78
N CYS A 330 -16.63 6.36 24.05
CA CYS A 330 -17.32 5.11 24.33
C CYS A 330 -16.41 3.99 24.82
N GLY A 331 -15.23 4.35 25.32
CA GLY A 331 -14.37 3.41 26.00
C GLY A 331 -13.71 2.39 25.09
N GLN A 332 -13.59 2.73 23.82
CA GLN A 332 -12.98 1.84 22.84
C GLN A 332 -11.48 2.03 22.90
N ASP A 333 -10.77 1.19 22.18
CA ASP A 333 -9.32 1.32 22.06
C ASP A 333 -9.03 2.28 20.92
N ALA A 334 -8.74 3.54 21.26
CA ALA A 334 -8.52 4.59 20.27
C ALA A 334 -7.30 4.36 19.35
N ALA A 335 -6.34 3.55 19.80
CA ALA A 335 -5.22 3.13 18.95
C ALA A 335 -5.70 2.32 17.74
N GLN A 336 -6.86 1.67 17.88
CA GLN A 336 -7.46 0.93 16.78
C GLN A 336 -8.10 1.84 15.72
N ASN A 337 -8.03 3.16 15.93
CA ASN A 337 -8.34 4.15 14.88
C ASN A 337 -7.56 3.87 13.58
N VAL A 338 -6.36 3.34 13.71
CA VAL A 338 -5.52 3.02 12.56
C VAL A 338 -6.30 2.21 11.50
N GLY A 339 -6.77 1.02 11.89
CA GLY A 339 -7.52 0.17 10.98
C GLY A 339 -9.00 0.45 10.89
N SER A 340 -9.61 0.86 12.00
CA SER A 340 -11.05 1.12 12.07
C SER A 340 -11.53 2.30 11.22
N SER A 341 -10.62 3.23 10.93
CA SER A 341 -10.92 4.37 10.07
C SER A 341 -10.97 4.04 8.58
N ASN A 342 -10.58 2.83 8.20
CA ASN A 342 -10.67 2.40 6.82
C ASN A 342 -12.08 2.67 6.32
N CYS A 343 -12.17 3.38 5.20
CA CYS A 343 -13.46 3.80 4.66
C CYS A 343 -13.34 4.20 3.20
N ILE A 344 -14.31 3.83 2.39
CA ILE A 344 -14.45 4.38 1.06
C ILE A 344 -15.82 5.04 0.94
N THR A 345 -15.80 6.33 0.65
CA THR A 345 -16.97 7.18 0.54
C THR A 345 -17.30 7.36 -0.94
N LEU A 346 -18.52 6.99 -1.31
CA LEU A 346 -18.98 7.11 -2.70
C LEU A 346 -20.21 8.00 -2.80
N MET A 347 -20.21 8.87 -3.80
CA MET A 347 -21.29 9.81 -4.04
C MET A 347 -21.65 9.77 -5.53
N GLU A 348 -22.94 9.70 -5.81
CA GLU A 348 -23.44 9.76 -7.18
C GLU A 348 -24.85 10.37 -7.26
N ALA A 349 -25.24 10.75 -8.47
CA ALA A 349 -26.58 11.30 -8.71
C ALA A 349 -27.62 10.20 -8.54
N SER A 350 -28.80 10.60 -8.07
CA SER A 350 -29.87 9.66 -7.76
C SER A 350 -31.25 10.31 -8.02
N GLY A 351 -32.28 9.47 -8.19
CA GLY A 351 -33.65 9.94 -8.28
C GLY A 351 -34.13 10.34 -9.67
N PRO A 352 -35.39 10.78 -9.77
CA PRO A 352 -35.96 11.28 -11.04
C PRO A 352 -35.15 12.38 -11.74
N THR A 353 -34.85 13.46 -11.01
CA THR A 353 -34.12 14.60 -11.59
C THR A 353 -32.67 14.25 -11.88
N ASN A 354 -32.14 13.25 -11.17
CA ASN A 354 -30.70 12.99 -11.12
C ASN A 354 -30.00 14.17 -10.44
N GLU A 355 -30.74 14.81 -9.52
CA GLU A 355 -30.26 15.97 -8.76
C GLU A 355 -30.11 15.64 -7.27
N ASP A 356 -30.57 14.46 -6.84
CA ASP A 356 -30.43 14.02 -5.45
C ASP A 356 -29.10 13.28 -5.25
N LEU A 357 -28.56 13.35 -4.03
CA LEU A 357 -27.21 12.84 -3.74
C LEU A 357 -27.29 11.50 -3.02
N TYR A 358 -26.97 10.43 -3.73
CA TYR A 358 -26.72 9.15 -3.10
C TYR A 358 -25.32 9.20 -2.47
N ILE A 359 -25.23 8.77 -1.21
CA ILE A 359 -23.94 8.67 -0.52
C ILE A 359 -23.84 7.32 0.19
N SER A 360 -22.67 6.70 0.12
CA SER A 360 -22.40 5.49 0.88
C SER A 360 -21.00 5.54 1.49
N CYS A 361 -20.87 4.93 2.66
CA CYS A 361 -19.59 4.77 3.34
C CYS A 361 -19.44 3.30 3.68
N THR A 362 -18.39 2.67 3.17
CA THR A 362 -18.10 1.27 3.45
C THR A 362 -16.83 1.18 4.28
N MET A 363 -16.91 0.48 5.42
CA MET A 363 -15.85 0.44 6.42
C MET A 363 -15.57 -0.99 6.85
N PRO A 364 -14.60 -1.65 6.22
CA PRO A 364 -14.44 -3.10 6.39
C PRO A 364 -13.84 -3.56 7.72
N SER A 365 -13.27 -2.67 8.52
CA SER A 365 -12.48 -3.10 9.68
C SER A 365 -12.73 -2.27 10.94
N ILE A 366 -13.99 -2.10 11.30
CA ILE A 366 -14.35 -1.43 12.55
C ILE A 366 -14.15 -2.38 13.73
N GLU A 367 -13.12 -2.12 14.52
CA GLU A 367 -12.76 -2.97 15.63
C GLU A 367 -13.39 -2.35 16.88
N ILE A 368 -14.34 -3.07 17.48
CA ILE A 368 -15.25 -2.45 18.43
C ILE A 368 -15.84 -3.44 19.41
N GLY A 369 -16.45 -2.92 20.45
CA GLY A 369 -17.05 -3.77 21.47
C GLY A 369 -17.64 -2.96 22.59
N THR A 370 -18.59 -3.56 23.31
CA THR A 370 -19.29 -2.84 24.37
C THR A 370 -19.07 -3.46 25.75
N VAL A 371 -18.33 -4.58 25.78
CA VAL A 371 -17.85 -5.19 27.02
C VAL A 371 -16.31 -5.20 27.00
N GLY A 372 -15.70 -5.09 28.17
CA GLY A 372 -14.25 -5.19 28.30
C GLY A 372 -13.52 -3.88 28.11
N GLY A 373 -12.24 -3.88 28.49
CA GLY A 373 -11.37 -2.72 28.40
C GLY A 373 -11.93 -1.45 29.00
N GLY A 374 -11.92 -0.37 28.22
CA GLY A 374 -12.39 0.93 28.66
C GLY A 374 -13.88 1.04 28.87
N THR A 375 -14.66 0.15 28.26
CA THR A 375 -16.11 0.13 28.47
C THR A 375 -16.50 -0.37 29.86
N ASN A 376 -15.53 -0.78 30.67
CA ASN A 376 -15.79 -1.13 32.07
C ASN A 376 -15.95 0.09 32.98
N LEU A 377 -15.50 1.25 32.53
CA LEU A 377 -15.53 2.46 33.35
C LEU A 377 -16.89 3.17 33.17
N LEU A 378 -17.43 3.72 34.26
CA LEU A 378 -18.81 4.23 34.26
C LEU A 378 -19.05 5.44 33.35
N PRO A 379 -18.14 6.39 33.27
CA PRO A 379 -18.32 7.51 32.33
C PRO A 379 -18.47 7.03 30.89
N GLN A 380 -17.63 6.09 30.45
CA GLN A 380 -17.72 5.64 29.06
C GLN A 380 -18.94 4.71 28.88
N GLN A 381 -19.38 4.07 29.96
CA GLN A 381 -20.64 3.33 29.96
C GLN A 381 -21.85 4.25 29.78
N ALA A 382 -21.77 5.45 30.33
CA ALA A 382 -22.83 6.45 30.16
C ALA A 382 -23.06 6.77 28.69
N CYS A 383 -21.96 6.99 27.95
CA CYS A 383 -22.04 7.23 26.51
C CYS A 383 -22.55 6.01 25.76
N LEU A 384 -22.11 4.83 26.16
CA LEU A 384 -22.65 3.60 25.57
C LEU A 384 -24.15 3.45 25.85
N GLN A 385 -24.59 3.89 27.03
CA GLN A 385 -26.00 3.78 27.43
C GLN A 385 -26.86 4.76 26.62
N MET A 386 -26.29 5.92 26.30
CA MET A 386 -26.91 6.90 25.40
C MET A 386 -27.38 6.23 24.10
N LEU A 387 -26.51 5.40 23.54
CA LEU A 387 -26.76 4.72 22.28
C LEU A 387 -27.56 3.42 22.43
N GLY A 388 -27.72 2.95 23.66
CA GLY A 388 -28.48 1.75 23.95
C GLY A 388 -27.68 0.48 23.69
N VAL A 389 -26.35 0.59 23.77
CA VAL A 389 -25.45 -0.50 23.44
C VAL A 389 -24.52 -0.94 24.58
N GLN A 390 -24.72 -0.38 25.78
CA GLN A 390 -23.86 -0.67 26.90
C GLN A 390 -23.89 -2.15 27.26
N GLY A 391 -22.70 -2.74 27.37
CA GLY A 391 -22.55 -4.09 27.89
C GLY A 391 -23.00 -5.18 26.95
N ALA A 392 -23.08 -6.39 27.50
CA ALA A 392 -23.48 -7.57 26.77
C ALA A 392 -24.99 -7.61 26.55
N CYS A 393 -25.41 -8.19 25.43
CA CYS A 393 -26.81 -8.40 25.09
C CYS A 393 -27.15 -9.87 25.30
N LYS A 394 -28.05 -10.16 26.24
CA LYS A 394 -28.28 -11.53 26.69
C LYS A 394 -29.01 -12.37 25.66
N ASP A 395 -30.10 -11.83 25.12
CA ASP A 395 -30.98 -12.56 24.20
C ASP A 395 -30.48 -12.58 22.76
N ASN A 396 -29.39 -11.86 22.48
CA ASN A 396 -28.79 -11.82 21.15
C ASN A 396 -27.31 -11.41 21.20
N PRO A 397 -26.45 -12.30 21.71
CA PRO A 397 -25.03 -11.98 21.91
C PRO A 397 -24.31 -11.41 20.67
N GLY A 398 -23.80 -10.19 20.82
CA GLY A 398 -23.04 -9.51 19.78
C GLY A 398 -23.80 -8.33 19.21
N GLU A 399 -25.08 -8.22 19.55
CA GLU A 399 -25.96 -7.23 18.93
C GLU A 399 -25.55 -5.80 19.30
N ASN A 400 -25.13 -5.59 20.53
CA ASN A 400 -24.73 -4.26 20.96
C ASN A 400 -23.49 -3.76 20.23
N ALA A 401 -22.48 -4.61 20.08
CA ALA A 401 -21.27 -4.26 19.36
C ALA A 401 -21.53 -4.05 17.88
N ARG A 402 -22.45 -4.84 17.32
CA ARG A 402 -22.84 -4.70 15.91
C ARG A 402 -23.52 -3.36 15.72
N GLN A 403 -24.38 -3.01 16.68
CA GLN A 403 -25.15 -1.76 16.62
C GLN A 403 -24.22 -0.56 16.75
N LEU A 404 -23.23 -0.67 17.63
CA LEU A 404 -22.24 0.39 17.78
C LEU A 404 -21.45 0.56 16.48
N ALA A 405 -21.12 -0.55 15.82
CA ALA A 405 -20.40 -0.50 14.55
C ALA A 405 -21.23 0.22 13.49
N ARG A 406 -22.53 -0.07 13.46
CA ARG A 406 -23.44 0.59 12.53
C ARG A 406 -23.51 2.09 12.80
N ILE A 407 -23.57 2.46 14.09
CA ILE A 407 -23.65 3.86 14.50
C ILE A 407 -22.40 4.63 14.08
N VAL A 408 -21.23 4.01 14.26
CA VAL A 408 -19.95 4.60 13.86
C VAL A 408 -19.92 4.86 12.36
N CYS A 409 -20.35 3.88 11.57
CA CYS A 409 -20.31 4.00 10.12
C CYS A 409 -21.28 5.07 9.62
N GLY A 410 -22.46 5.13 10.24
CA GLY A 410 -23.45 6.14 9.95
C GLY A 410 -23.05 7.53 10.36
N THR A 411 -22.34 7.67 11.48
CA THR A 411 -21.86 8.96 11.93
C THR A 411 -20.69 9.42 11.06
N VAL A 412 -19.91 8.46 10.57
CA VAL A 412 -18.83 8.77 9.62
C VAL A 412 -19.45 9.33 8.35
N MET A 413 -20.52 8.71 7.86
CA MET A 413 -21.21 9.18 6.66
C MET A 413 -21.75 10.59 6.87
N ALA A 414 -22.31 10.84 8.05
CA ALA A 414 -22.77 12.16 8.41
C ALA A 414 -21.61 13.14 8.31
N GLY A 415 -20.47 12.78 8.89
CA GLY A 415 -19.28 13.62 8.87
C GLY A 415 -18.74 13.86 7.47
N GLU A 416 -18.83 12.85 6.61
CA GLU A 416 -18.38 12.95 5.24
C GLU A 416 -19.23 13.95 4.46
N LEU A 417 -20.54 13.83 4.63
CA LEU A 417 -21.50 14.73 3.97
C LEU A 417 -21.16 16.19 4.27
N SER A 418 -20.95 16.50 5.55
CA SER A 418 -20.76 17.87 6.00
C SER A 418 -19.45 18.46 5.53
N LEU A 419 -18.35 17.79 5.83
CA LEU A 419 -17.02 18.28 5.44
C LEU A 419 -16.86 18.39 3.93
N MET A 420 -17.40 17.41 3.22
CA MET A 420 -17.32 17.41 1.77
C MET A 420 -18.09 18.59 1.18
N ALA A 421 -19.16 19.02 1.85
CA ALA A 421 -19.94 20.18 1.41
C ALA A 421 -19.24 21.49 1.72
N ALA A 422 -18.58 21.56 2.88
CA ALA A 422 -17.75 22.69 3.24
C ALA A 422 -16.65 22.92 2.20
N LEU A 423 -15.92 21.86 1.86
CA LEU A 423 -14.85 21.93 0.86
C LEU A 423 -15.36 22.22 -0.55
N ALA A 424 -16.54 21.69 -0.88
CA ALA A 424 -17.13 21.89 -2.20
C ALA A 424 -17.57 23.35 -2.38
N ALA A 425 -18.05 23.96 -1.30
CA ALA A 425 -18.51 25.35 -1.34
C ALA A 425 -17.31 26.30 -1.31
N GLY A 426 -16.21 25.86 -0.69
CA GLY A 426 -14.98 26.63 -0.62
C GLY A 426 -15.11 27.87 0.24
N HIS A 427 -15.69 27.71 1.43
CA HIS A 427 -16.05 28.79 2.38
C HIS A 427 -17.44 29.39 2.10
N LEU A 428 -17.97 29.17 0.89
CA LEU A 428 -19.17 29.83 0.38
C LEU A 428 -20.40 28.92 0.43
N GLU B 7 -45.12 28.56 40.03
CA GLU B 7 -43.99 29.52 39.94
C GLU B 7 -43.41 29.60 38.52
N PRO B 8 -43.26 28.48 37.81
CA PRO B 8 -42.95 28.53 36.37
C PRO B 8 -44.00 29.36 35.61
N ARG B 9 -43.55 30.33 34.82
CA ARG B 9 -44.42 31.33 34.22
C ARG B 9 -44.77 30.96 32.79
N PRO B 10 -45.87 31.52 32.28
CA PRO B 10 -46.26 31.31 30.88
C PRO B 10 -45.15 31.66 29.89
N ASN B 11 -45.21 31.08 28.69
CA ASN B 11 -44.15 31.27 27.70
C ASN B 11 -43.94 32.72 27.28
N GLU B 12 -45.03 33.45 27.07
CA GLU B 12 -44.94 34.86 26.66
C GLU B 12 -44.28 35.72 27.74
N GLU B 13 -44.58 35.42 29.01
CA GLU B 13 -43.95 36.10 30.14
C GLU B 13 -42.45 35.77 30.22
N CYS B 14 -42.08 34.52 29.98
CA CYS B 14 -40.68 34.09 30.05
C CYS B 14 -39.87 34.73 28.93
N LEU B 15 -40.52 35.01 27.80
CA LEU B 15 -39.85 35.58 26.63
C LEU B 15 -39.52 37.06 26.82
N GLN B 16 -40.45 37.83 27.41
CA GLN B 16 -40.16 39.22 27.71
C GLN B 16 -39.02 39.33 28.71
N ILE B 17 -38.92 38.38 29.64
CA ILE B 17 -37.80 38.34 30.57
C ILE B 17 -36.50 38.03 29.82
N LEU B 18 -36.58 37.11 28.86
CA LEU B 18 -35.41 36.69 28.09
C LEU B 18 -34.89 37.81 27.18
N GLY B 19 -35.82 38.61 26.65
CA GLY B 19 -35.49 39.72 25.77
C GLY B 19 -35.34 41.04 26.50
N ASN B 20 -35.52 41.01 27.82
CA ASN B 20 -35.17 42.13 28.69
C ASN B 20 -33.67 42.06 28.94
N ALA B 21 -32.97 43.15 28.60
CA ALA B 21 -31.52 43.17 28.56
C ALA B 21 -30.86 43.22 29.93
N GLU B 22 -31.55 43.76 30.92
CA GLU B 22 -31.04 43.78 32.30
C GLU B 22 -31.54 42.58 33.14
N LYS B 23 -32.13 41.60 32.46
CA LYS B 23 -32.48 40.33 33.08
C LYS B 23 -31.85 39.19 32.27
N GLY B 24 -32.63 38.59 31.35
CA GLY B 24 -32.15 37.50 30.53
C GLY B 24 -32.45 36.13 31.14
N ALA B 25 -31.69 35.13 30.72
CA ALA B 25 -31.95 33.74 31.08
C ALA B 25 -31.61 33.45 32.54
N LYS B 26 -30.74 34.30 33.11
CA LYS B 26 -30.39 34.28 34.52
C LYS B 26 -31.61 34.46 35.44
N PHE B 27 -32.66 35.11 34.94
CA PHE B 27 -33.88 35.31 35.71
C PHE B 27 -34.97 34.28 35.38
N LEU B 28 -34.63 33.29 34.56
CA LEU B 28 -35.51 32.13 34.35
C LEU B 28 -34.92 30.90 35.04
N SER B 29 -35.78 29.97 35.41
CA SER B 29 -35.35 28.69 35.95
C SER B 29 -35.01 27.75 34.78
N ASP B 30 -34.30 26.67 35.07
CA ASP B 30 -34.01 25.63 34.07
C ASP B 30 -35.30 25.14 33.44
N ALA B 31 -36.31 24.88 34.27
CA ALA B 31 -37.58 24.40 33.78
C ALA B 31 -38.24 25.37 32.80
N GLU B 32 -38.08 26.67 33.02
CA GLU B 32 -38.63 27.68 32.11
C GLU B 32 -37.85 27.74 30.80
N ILE B 33 -36.52 27.64 30.86
CA ILE B 33 -35.71 27.62 29.65
C ILE B 33 -36.02 26.40 28.81
N ILE B 34 -36.23 25.26 29.46
CA ILE B 34 -36.59 24.00 28.80
C ILE B 34 -38.00 24.10 28.22
N GLN B 35 -38.90 24.72 28.97
CA GLN B 35 -40.28 24.94 28.53
C GLN B 35 -40.30 25.75 27.24
N LEU B 36 -39.37 26.71 27.13
CA LEU B 36 -39.23 27.55 25.94
C LEU B 36 -38.64 26.77 24.76
N VAL B 37 -37.67 25.90 25.04
CA VAL B 37 -37.04 25.10 23.98
C VAL B 37 -38.05 24.10 23.44
N ASN B 38 -38.80 23.48 24.34
CA ASN B 38 -39.80 22.47 23.96
C ASN B 38 -40.99 23.08 23.22
N ALA B 39 -41.27 24.36 23.48
CA ALA B 39 -42.34 25.08 22.81
C ALA B 39 -41.84 25.85 21.57
N LYS B 40 -40.57 25.66 21.22
CA LYS B 40 -39.97 26.11 19.96
C LYS B 40 -39.86 27.62 19.84
N HIS B 41 -39.63 28.28 20.97
CA HIS B 41 -39.39 29.72 21.02
C HIS B 41 -37.89 30.02 20.97
N ILE B 42 -37.08 29.09 21.48
CA ILE B 42 -35.62 29.16 21.38
C ILE B 42 -35.13 27.89 20.72
N PRO B 43 -34.31 28.01 19.67
CA PRO B 43 -33.62 26.83 19.12
C PRO B 43 -32.63 26.24 20.13
N ALA B 44 -32.51 24.92 20.15
CA ALA B 44 -31.66 24.23 21.13
C ALA B 44 -30.18 24.60 20.99
N TYR B 45 -29.76 24.94 19.78
CA TYR B 45 -28.35 25.28 19.51
C TYR B 45 -27.97 26.68 20.00
N LYS B 46 -28.95 27.57 20.11
CA LYS B 46 -28.71 28.94 20.59
C LYS B 46 -28.66 29.06 22.12
N LEU B 47 -28.68 27.93 22.83
CA LEU B 47 -28.54 27.93 24.29
C LEU B 47 -27.18 28.45 24.76
N GLU B 48 -26.14 28.26 23.95
CA GLU B 48 -24.78 28.65 24.32
C GLU B 48 -24.63 30.16 24.49
N THR B 49 -25.24 30.93 23.60
CA THR B 49 -25.12 32.40 23.61
C THR B 49 -26.20 33.10 24.46
N LEU B 50 -27.19 32.35 24.94
CA LEU B 50 -28.28 32.92 25.73
C LEU B 50 -28.00 32.80 27.23
N ILE B 51 -27.55 31.62 27.64
CA ILE B 51 -27.29 31.31 29.04
C ILE B 51 -25.95 31.94 29.43
N GLU B 52 -25.94 32.63 30.56
CA GLU B 52 -24.79 33.47 30.93
C GLU B 52 -23.55 32.66 31.29
N THR B 53 -23.74 31.58 32.04
CA THR B 53 -22.61 30.75 32.49
C THR B 53 -22.50 29.50 31.59
N HIS B 54 -21.27 29.06 31.34
CA HIS B 54 -21.04 27.92 30.44
C HIS B 54 -21.56 26.61 31.01
N GLU B 55 -21.32 26.36 32.29
CA GLU B 55 -21.74 25.11 32.92
C GLU B 55 -23.25 24.93 32.96
N ARG B 56 -23.98 26.02 33.12
CA ARG B 56 -25.44 25.96 33.14
C ARG B 56 -25.98 25.60 31.75
N GLY B 57 -25.29 26.07 30.71
CA GLY B 57 -25.63 25.67 29.36
C GLY B 57 -25.46 24.16 29.16
N VAL B 58 -24.38 23.61 29.72
CA VAL B 58 -24.14 22.16 29.67
C VAL B 58 -25.21 21.43 30.48
N SER B 59 -25.60 21.99 31.61
CA SER B 59 -26.59 21.37 32.47
C SER B 59 -27.94 21.25 31.74
N ILE B 60 -28.35 22.31 31.07
CA ILE B 60 -29.64 22.34 30.40
C ILE B 60 -29.61 21.47 29.15
N ARG B 61 -28.52 21.48 28.40
CA ARG B 61 -28.38 20.59 27.24
C ARG B 61 -28.53 19.13 27.68
N ARG B 62 -27.94 18.79 28.82
CA ARG B 62 -28.08 17.45 29.41
C ARG B 62 -29.51 17.10 29.77
N GLN B 63 -30.25 18.03 30.38
CA GLN B 63 -31.62 17.74 30.80
C GLN B 63 -32.49 17.51 29.57
N LEU B 64 -32.31 18.37 28.57
CA LEU B 64 -32.98 18.22 27.26
C LEU B 64 -32.64 16.87 26.61
N LEU B 65 -31.36 16.54 26.59
CA LEU B 65 -30.88 15.29 25.97
C LEU B 65 -31.40 14.04 26.69
N SER B 66 -31.44 14.08 28.02
CA SER B 66 -31.86 12.92 28.82
C SER B 66 -33.29 12.50 28.53
N LYS B 67 -34.15 13.48 28.25
CA LYS B 67 -35.54 13.19 27.93
C LYS B 67 -35.71 12.55 26.56
N LYS B 68 -34.71 12.69 25.69
CA LYS B 68 -34.71 12.04 24.38
C LYS B 68 -34.23 10.59 24.40
N LEU B 69 -33.52 10.20 25.46
CA LEU B 69 -32.90 8.88 25.51
C LEU B 69 -33.86 7.82 26.00
N SER B 70 -33.67 6.59 25.52
CA SER B 70 -34.53 5.47 25.88
C SER B 70 -34.36 5.11 27.36
N GLU B 71 -33.17 5.36 27.90
CA GLU B 71 -32.93 5.30 29.34
C GLU B 71 -32.52 6.69 29.84
N PRO B 72 -33.44 7.42 30.48
CA PRO B 72 -33.18 8.82 30.86
C PRO B 72 -32.06 9.06 31.87
N SER B 73 -31.66 8.05 32.64
CA SER B 73 -30.58 8.23 33.63
C SER B 73 -29.20 7.85 33.08
N SER B 74 -29.08 7.64 31.77
CA SER B 74 -27.83 7.17 31.20
C SER B 74 -26.64 8.13 31.40
N LEU B 75 -26.92 9.43 31.58
CA LEU B 75 -25.88 10.43 31.78
C LEU B 75 -25.40 10.59 33.24
N GLN B 76 -26.02 9.86 34.16
CA GLN B 76 -25.70 9.97 35.59
C GLN B 76 -24.19 10.01 35.88
N TYR B 77 -23.46 9.01 35.37
CA TYR B 77 -22.02 8.89 35.62
C TYR B 77 -21.15 9.51 34.51
N LEU B 78 -21.75 10.28 33.60
CA LEU B 78 -20.98 11.21 32.76
C LEU B 78 -20.79 12.51 33.51
N PRO B 79 -19.56 12.83 33.92
CA PRO B 79 -19.33 14.03 34.71
C PRO B 79 -19.37 15.29 33.83
N TYR B 80 -19.73 16.42 34.42
CA TYR B 80 -19.73 17.69 33.70
C TYR B 80 -19.36 18.90 34.56
N ARG B 81 -19.42 18.75 35.88
CA ARG B 81 -19.32 19.88 36.79
C ARG B 81 -17.87 20.28 37.04
N ASP B 82 -17.68 21.57 37.30
CA ASP B 82 -16.40 22.13 37.69
C ASP B 82 -15.28 21.86 36.68
N TYR B 83 -15.67 21.78 35.40
CA TYR B 83 -14.70 21.71 34.31
C TYR B 83 -14.66 23.08 33.63
N ASN B 84 -13.49 23.44 33.12
CA ASN B 84 -13.25 24.76 32.54
C ASN B 84 -13.71 24.85 31.09
N TYR B 85 -15.02 24.97 30.89
CA TYR B 85 -15.60 25.04 29.54
C TYR B 85 -15.25 26.32 28.79
N SER B 86 -14.66 27.31 29.47
CA SER B 86 -14.36 28.60 28.86
C SER B 86 -13.29 28.49 27.77
N LEU B 87 -12.38 27.54 27.93
CA LEU B 87 -11.33 27.31 26.93
C LEU B 87 -11.76 26.34 25.82
N VAL B 88 -12.92 25.72 26.00
CA VAL B 88 -13.47 24.75 25.05
C VAL B 88 -14.55 25.34 24.13
N MET B 89 -15.44 26.16 24.67
CA MET B 89 -16.58 26.66 23.89
C MET B 89 -16.09 27.60 22.79
N GLY B 90 -16.55 27.34 21.57
CA GLY B 90 -16.14 28.13 20.40
C GLY B 90 -14.68 27.97 20.04
N ALA B 91 -14.12 26.78 20.31
CA ALA B 91 -12.69 26.51 20.11
C ALA B 91 -12.33 25.02 20.01
N CYS B 92 -12.88 24.19 20.91
CA CYS B 92 -12.56 22.75 20.96
C CYS B 92 -13.76 21.81 20.72
N CYS B 93 -14.98 22.25 21.03
CA CYS B 93 -16.13 21.33 21.03
C CYS B 93 -17.47 22.07 21.06
N GLU B 94 -18.48 21.53 20.37
CA GLU B 94 -19.83 22.09 20.39
C GLU B 94 -20.89 21.10 20.90
N ASN B 95 -22.04 21.65 21.30
CA ASN B 95 -23.14 20.89 21.92
C ASN B 95 -22.66 19.99 23.07
N VAL B 96 -21.89 20.60 23.97
CA VAL B 96 -21.17 19.88 25.02
C VAL B 96 -22.04 19.45 26.19
N ILE B 97 -21.99 18.16 26.50
CA ILE B 97 -22.78 17.57 27.59
C ILE B 97 -21.93 17.04 28.75
N GLY B 98 -20.64 17.32 28.75
CA GLY B 98 -19.74 16.84 29.79
C GLY B 98 -18.32 16.60 29.31
N TYR B 99 -17.60 15.74 30.02
CA TYR B 99 -16.26 15.35 29.61
C TYR B 99 -16.02 13.88 29.97
N MET B 100 -15.07 13.28 29.26
CA MET B 100 -14.75 11.88 29.40
C MET B 100 -13.37 11.75 30.06
N PRO B 101 -13.31 11.30 31.30
CA PRO B 101 -12.01 11.09 31.96
C PRO B 101 -11.28 9.85 31.43
N ILE B 102 -10.11 10.06 30.84
CA ILE B 102 -9.22 8.98 30.43
C ILE B 102 -8.09 8.88 31.46
N PRO B 103 -7.92 7.73 32.10
CA PRO B 103 -6.82 7.53 33.03
C PRO B 103 -5.46 7.85 32.43
N VAL B 104 -4.64 8.54 33.19
CA VAL B 104 -3.30 8.92 32.77
C VAL B 104 -2.31 8.17 33.66
N GLY B 105 -1.48 7.34 33.04
CA GLY B 105 -0.35 6.72 33.71
C GLY B 105 0.93 7.33 33.19
N VAL B 106 2.05 7.01 33.83
CA VAL B 106 3.34 7.55 33.44
C VAL B 106 4.35 6.44 33.25
N ALA B 107 4.95 6.39 32.06
CA ALA B 107 6.07 5.50 31.81
C ALA B 107 7.32 6.34 31.82
N GLY B 108 8.34 5.89 32.54
CA GLY B 108 9.61 6.59 32.59
C GLY B 108 10.51 6.16 33.75
N PRO B 109 11.69 6.77 33.88
CA PRO B 109 12.17 7.81 32.97
C PRO B 109 12.58 7.25 31.61
N LEU B 110 12.20 7.95 30.54
CA LEU B 110 12.72 7.68 29.20
C LEU B 110 14.03 8.42 29.05
N CYS B 111 15.11 7.68 28.90
CA CYS B 111 16.43 8.29 28.78
C CYS B 111 16.71 8.54 27.30
N LEU B 112 16.59 9.80 26.91
CA LEU B 112 16.60 10.20 25.52
C LEU B 112 17.43 11.46 25.31
N ASP B 113 18.44 11.37 24.44
CA ASP B 113 19.38 12.46 24.16
C ASP B 113 19.98 13.07 25.42
N GLU B 114 20.48 12.19 26.30
CA GLU B 114 21.11 12.58 27.56
C GLU B 114 20.17 13.31 28.53
N LYS B 115 18.87 13.23 28.29
CA LYS B 115 17.86 13.77 29.21
C LYS B 115 16.96 12.65 29.69
N GLU B 116 16.10 12.96 30.67
CA GLU B 116 15.15 12.00 31.22
C GLU B 116 13.74 12.58 31.10
N PHE B 117 12.79 11.75 30.65
CA PHE B 117 11.42 12.20 30.47
C PHE B 117 10.46 11.28 31.19
N GLN B 118 9.46 11.88 31.84
CA GLN B 118 8.37 11.14 32.45
C GLN B 118 7.17 11.28 31.52
N VAL B 119 6.90 10.22 30.76
CA VAL B 119 5.97 10.28 29.62
C VAL B 119 4.55 9.95 30.05
N PRO B 120 3.62 10.90 29.90
CA PRO B 120 2.23 10.66 30.28
C PRO B 120 1.46 9.94 29.15
N MET B 121 0.62 8.99 29.55
CA MET B 121 -0.04 8.09 28.63
C MET B 121 -1.49 7.92 29.08
N ALA B 122 -2.39 8.52 28.34
CA ALA B 122 -3.81 8.41 28.62
C ALA B 122 -4.34 7.23 27.83
N THR B 123 -4.60 6.14 28.54
CA THR B 123 -5.10 4.92 27.92
C THR B 123 -5.99 4.12 28.86
N THR B 124 -6.79 3.22 28.28
CA THR B 124 -7.57 2.24 29.03
C THR B 124 -7.18 0.82 28.69
N GLU B 125 -6.04 0.62 28.01
CA GLU B 125 -5.59 -0.73 27.72
C GLU B 125 -4.65 -1.24 28.80
N GLY B 126 -5.01 -2.38 29.39
CA GLY B 126 -4.30 -2.95 30.52
C GLY B 126 -2.87 -3.34 30.19
N CYS B 127 -1.96 -2.99 31.08
CA CYS B 127 -0.53 -3.32 30.96
C CYS B 127 0.24 -2.54 29.92
N LEU B 128 -0.39 -1.58 29.25
CA LEU B 128 0.29 -0.83 28.21
C LEU B 128 1.33 0.09 28.83
N VAL B 129 0.96 0.75 29.92
CA VAL B 129 1.85 1.66 30.61
C VAL B 129 2.98 0.89 31.30
N ALA B 130 2.63 -0.22 31.96
CA ALA B 130 3.61 -1.05 32.64
C ALA B 130 4.60 -1.64 31.64
N SER B 131 4.10 -2.12 30.51
CA SER B 131 4.95 -2.67 29.47
C SER B 131 5.87 -1.61 28.88
N THR B 132 5.31 -0.43 28.55
CA THR B 132 6.12 0.65 28.00
C THR B 132 7.20 1.09 28.98
N ASN B 133 6.85 1.06 30.26
CA ASN B 133 7.75 1.41 31.34
C ASN B 133 8.89 0.40 31.47
N ARG B 134 8.62 -0.87 31.17
CA ARG B 134 9.67 -1.88 31.11
C ARG B 134 10.64 -1.55 29.98
N GLY B 135 10.11 -1.16 28.82
CA GLY B 135 10.93 -0.74 27.69
C GLY B 135 11.83 0.42 28.02
N CYS B 136 11.32 1.36 28.82
CA CYS B 136 12.10 2.51 29.28
C CYS B 136 13.27 2.09 30.16
N ARG B 137 13.03 1.11 31.04
CA ARG B 137 14.04 0.58 31.96
C ARG B 137 15.22 -0.01 31.20
N ALA B 138 14.92 -0.82 30.20
CA ALA B 138 15.90 -1.41 29.30
C ALA B 138 16.74 -0.36 28.56
N ILE B 139 16.10 0.72 28.12
CA ILE B 139 16.81 1.78 27.43
C ILE B 139 17.74 2.51 28.40
N GLY B 140 17.25 2.81 29.59
CA GLY B 140 18.01 3.55 30.59
C GLY B 140 19.17 2.76 31.17
N LEU B 141 18.99 1.44 31.28
CA LEU B 141 20.06 0.56 31.76
C LEU B 141 20.99 0.19 30.61
N GLY B 142 20.55 0.47 29.38
CA GLY B 142 21.37 0.28 28.20
C GLY B 142 22.10 1.54 27.76
N GLY B 143 22.15 2.56 28.62
CA GLY B 143 22.92 3.76 28.35
C GLY B 143 22.17 4.86 27.61
N GLY B 144 20.90 4.64 27.31
CA GLY B 144 20.03 5.66 26.74
C GLY B 144 19.78 5.56 25.24
N ALA B 145 18.81 6.35 24.78
CA ALA B 145 18.42 6.42 23.39
C ALA B 145 18.86 7.75 22.81
N SER B 146 19.09 7.77 21.50
CA SER B 146 19.39 9.01 20.78
C SER B 146 18.44 9.15 19.60
N SER B 147 18.00 10.38 19.35
CA SER B 147 17.03 10.65 18.28
C SER B 147 17.37 11.88 17.47
N ARG B 148 16.81 11.96 16.26
CA ARG B 148 16.98 13.10 15.38
C ARG B 148 15.70 13.39 14.61
N VAL B 149 15.29 14.66 14.57
CA VAL B 149 14.29 15.13 13.64
C VAL B 149 14.98 15.30 12.29
N LEU B 150 14.47 14.61 11.29
CA LEU B 150 15.07 14.56 9.96
C LEU B 150 14.41 15.55 9.01
N ALA B 151 13.12 15.78 9.20
CA ALA B 151 12.34 16.71 8.39
C ALA B 151 11.22 17.32 9.22
N ASP B 152 10.78 18.51 8.83
CA ASP B 152 9.79 19.25 9.59
C ASP B 152 8.96 20.05 8.62
N GLY B 153 7.65 19.80 8.62
CA GLY B 153 6.74 20.51 7.72
C GLY B 153 5.38 19.88 7.64
N MET B 154 4.38 20.55 8.17
CA MET B 154 2.98 20.16 7.98
C MET B 154 2.66 20.43 6.51
N THR B 155 1.70 19.69 5.98
CA THR B 155 1.30 19.88 4.60
C THR B 155 -0.18 20.04 4.46
N ARG B 156 -0.56 20.57 3.30
CA ARG B 156 -1.91 20.63 2.80
C ARG B 156 -1.84 20.40 1.30
N GLY B 157 -2.74 19.57 0.78
CA GLY B 157 -2.64 19.09 -0.57
C GLY B 157 -3.92 19.27 -1.36
N PRO B 158 -4.23 20.54 -1.72
CA PRO B 158 -5.44 20.86 -2.49
C PRO B 158 -5.44 20.29 -3.89
N VAL B 159 -6.64 20.11 -4.43
CA VAL B 159 -6.81 19.75 -5.83
C VAL B 159 -7.40 20.94 -6.58
N VAL B 160 -6.75 21.33 -7.66
CA VAL B 160 -7.30 22.31 -8.59
C VAL B 160 -7.51 21.64 -9.94
N ARG B 161 -8.35 22.27 -10.77
CA ARG B 161 -8.70 21.74 -12.09
C ARG B 161 -8.48 22.82 -13.14
N LEU B 162 -7.90 22.42 -14.26
CA LEU B 162 -7.67 23.29 -15.40
C LEU B 162 -8.55 22.77 -16.53
N PRO B 163 -8.81 23.60 -17.54
CA PRO B 163 -9.65 23.17 -18.65
C PRO B 163 -9.12 21.92 -19.38
N ARG B 164 -7.80 21.87 -19.58
CA ARG B 164 -7.16 20.72 -20.25
C ARG B 164 -5.98 20.21 -19.43
N ALA B 165 -5.59 18.96 -19.68
CA ALA B 165 -4.40 18.39 -19.07
C ALA B 165 -3.14 19.13 -19.54
N CYS B 166 -3.18 19.68 -20.75
CA CYS B 166 -2.10 20.52 -21.25
C CYS B 166 -1.92 21.78 -20.43
N ASP B 167 -3.03 22.32 -19.89
CA ASP B 167 -2.98 23.50 -19.03
C ASP B 167 -2.53 23.13 -17.61
N SER B 168 -2.93 21.97 -17.11
CA SER B 168 -2.45 21.53 -15.80
C SER B 168 -0.94 21.31 -15.84
N ALA B 169 -0.46 20.72 -16.94
CA ALA B 169 0.98 20.60 -17.20
C ALA B 169 1.70 21.95 -17.28
N GLU B 170 1.06 22.95 -17.88
CA GLU B 170 1.64 24.30 -17.95
C GLU B 170 1.78 24.89 -16.56
N VAL B 171 0.78 24.68 -15.73
CA VAL B 171 0.77 25.19 -14.35
C VAL B 171 1.86 24.49 -13.52
N LYS B 172 2.00 23.18 -13.69
CA LYS B 172 3.03 22.39 -13.00
C LYS B 172 4.43 22.90 -13.34
N ALA B 173 4.69 23.11 -14.64
CA ALA B 173 5.98 23.61 -15.09
C ALA B 173 6.26 25.04 -14.59
N TRP B 174 5.21 25.86 -14.54
CA TRP B 174 5.30 27.23 -14.01
C TRP B 174 5.67 27.25 -12.52
N LEU B 175 5.06 26.36 -11.74
CA LEU B 175 5.36 26.22 -10.32
C LEU B 175 6.75 25.63 -10.09
N GLU B 176 7.31 25.00 -11.13
CA GLU B 176 8.64 24.43 -11.05
C GLU B 176 9.76 25.39 -11.46
N THR B 177 9.42 26.51 -12.10
CA THR B 177 10.40 27.56 -12.35
C THR B 177 10.64 28.31 -11.05
N SER B 178 11.84 28.87 -10.89
CA SER B 178 12.20 29.57 -9.66
C SER B 178 11.36 30.83 -9.41
N GLU B 179 10.93 31.50 -10.47
CA GLU B 179 10.17 32.75 -10.34
C GLU B 179 8.67 32.50 -10.12
N GLY B 180 8.16 31.42 -10.70
CA GLY B 180 6.78 31.03 -10.47
C GLY B 180 6.61 30.60 -9.03
N PHE B 181 7.52 29.74 -8.56
CA PHE B 181 7.52 29.28 -7.17
C PHE B 181 7.68 30.45 -6.20
N ALA B 182 8.58 31.37 -6.53
CA ALA B 182 8.89 32.51 -5.65
C ALA B 182 7.71 33.45 -5.47
N VAL B 183 6.90 33.61 -6.50
CA VAL B 183 5.68 34.41 -6.41
C VAL B 183 4.66 33.73 -5.50
N ILE B 184 4.61 32.41 -5.56
CA ILE B 184 3.71 31.63 -4.73
C ILE B 184 4.22 31.57 -3.29
N LYS B 185 5.54 31.44 -3.13
CA LYS B 185 6.18 31.44 -1.83
C LYS B 185 5.99 32.79 -1.12
N GLU B 186 6.06 33.90 -1.86
CA GLU B 186 5.83 35.23 -1.28
C GLU B 186 4.41 35.35 -0.75
N ALA B 187 3.43 34.88 -1.52
CA ALA B 187 2.05 34.90 -1.08
C ALA B 187 1.85 34.05 0.18
N PHE B 188 2.39 32.84 0.16
CA PHE B 188 2.22 31.88 1.27
C PHE B 188 2.85 32.38 2.57
N ASP B 189 4.08 32.89 2.48
CA ASP B 189 4.83 33.37 3.64
C ASP B 189 4.23 34.63 4.28
N SER B 190 3.50 35.41 3.47
CA SER B 190 2.90 36.66 3.95
C SER B 190 1.79 36.45 5.00
N THR B 191 1.21 35.24 5.05
CA THR B 191 0.05 34.97 5.91
C THR B 191 0.34 34.77 7.38
N SER B 192 1.57 34.43 7.74
CA SER B 192 1.92 34.19 9.15
C SER B 192 3.42 34.20 9.38
N ARG B 193 3.84 34.50 10.61
CA ARG B 193 5.26 34.72 10.90
C ARG B 193 6.15 33.49 10.74
N PHE B 194 5.56 32.30 10.81
CA PHE B 194 6.31 31.05 10.69
C PHE B 194 6.19 30.39 9.32
N ALA B 195 5.27 30.87 8.48
CA ALA B 195 5.09 30.32 7.15
C ALA B 195 6.35 30.47 6.31
N ARG B 196 6.93 29.33 5.93
CA ARG B 196 8.09 29.27 5.06
C ARG B 196 7.91 28.11 4.08
N LEU B 197 7.37 28.43 2.91
CA LEU B 197 7.04 27.42 1.92
C LEU B 197 8.28 26.70 1.43
N GLN B 198 8.25 25.37 1.46
CA GLN B 198 9.35 24.54 1.00
C GLN B 198 9.09 24.16 -0.45
N LYS B 199 10.03 23.47 -1.07
CA LYS B 199 9.87 22.99 -2.45
C LYS B 199 8.48 22.40 -2.66
N LEU B 200 7.82 22.81 -3.75
CA LEU B 200 6.48 22.34 -4.07
C LEU B 200 6.56 20.94 -4.68
N HIS B 201 5.81 19.99 -4.13
CA HIS B 201 5.65 18.68 -4.74
C HIS B 201 4.28 18.61 -5.41
N THR B 202 4.25 18.36 -6.71
CA THR B 202 3.00 18.33 -7.46
C THR B 202 2.81 17.02 -8.21
N SER B 203 1.55 16.72 -8.51
CA SER B 203 1.16 15.51 -9.21
C SER B 203 -0.06 15.77 -10.10
N ILE B 204 0.05 15.40 -11.36
CA ILE B 204 -1.05 15.56 -12.31
C ILE B 204 -1.84 14.26 -12.44
N ALA B 205 -3.16 14.41 -12.56
CA ALA B 205 -4.04 13.33 -12.98
C ALA B 205 -5.02 13.94 -13.98
N GLY B 206 -4.64 13.90 -15.26
CA GLY B 206 -5.44 14.48 -16.31
C GLY B 206 -5.44 15.99 -16.15
N ARG B 207 -6.63 16.58 -16.12
CA ARG B 207 -6.72 18.01 -15.89
C ARG B 207 -6.74 18.42 -14.41
N ASN B 208 -6.66 17.45 -13.50
CA ASN B 208 -6.42 17.73 -12.08
C ASN B 208 -4.95 18.03 -11.84
N LEU B 209 -4.68 18.95 -10.93
CA LEU B 209 -3.35 19.17 -10.40
C LEU B 209 -3.41 19.17 -8.89
N TYR B 210 -2.68 18.25 -8.28
CA TYR B 210 -2.59 18.17 -6.82
C TYR B 210 -1.30 18.87 -6.43
N ILE B 211 -1.39 19.80 -5.48
CA ILE B 211 -0.27 20.63 -5.07
C ILE B 211 -0.06 20.42 -3.58
N ARG B 212 1.13 19.95 -3.20
CA ARG B 212 1.43 19.63 -1.81
C ARG B 212 2.25 20.76 -1.23
N PHE B 213 1.57 21.66 -0.52
CA PHE B 213 2.22 22.77 0.19
C PHE B 213 2.77 22.26 1.52
N GLN B 214 4.03 22.57 1.80
CA GLN B 214 4.69 22.12 3.01
C GLN B 214 5.40 23.30 3.65
N SER B 215 5.18 23.49 4.94
CA SER B 215 5.90 24.53 5.68
C SER B 215 5.99 24.20 7.16
N ARG B 216 7.06 24.66 7.80
CA ARG B 216 7.11 24.69 9.25
C ARG B 216 5.95 25.53 9.76
N SER B 217 5.67 25.42 11.06
CA SER B 217 4.49 26.06 11.64
C SER B 217 4.74 26.42 13.10
N GLY B 218 5.96 26.83 13.40
CA GLY B 218 6.35 27.11 14.77
C GLY B 218 6.25 25.86 15.60
N ASP B 219 5.64 25.99 16.78
CA ASP B 219 5.35 24.86 17.63
C ASP B 219 3.93 24.35 17.47
N ALA B 220 3.16 24.95 16.57
CA ALA B 220 1.84 24.48 16.23
C ALA B 220 1.93 23.23 15.35
N MET B 221 0.92 22.36 15.45
CA MET B 221 0.77 21.26 14.51
C MET B 221 0.64 21.84 13.10
N GLY B 222 -0.22 22.84 12.96
CA GLY B 222 -0.18 23.73 11.81
C GLY B 222 -1.23 23.56 10.72
N MET B 223 -2.31 22.84 10.96
CA MET B 223 -3.34 22.68 9.92
C MET B 223 -3.89 24.03 9.48
N ASN B 224 -4.43 24.78 10.44
CA ASN B 224 -5.07 26.07 10.13
C ASN B 224 -4.13 27.06 9.47
N MET B 225 -2.89 27.11 9.96
CA MET B 225 -1.89 28.03 9.44
C MET B 225 -1.53 27.68 8.00
N ILE B 226 -1.15 26.43 7.76
CA ILE B 226 -0.81 25.96 6.42
C ILE B 226 -2.00 26.17 5.46
N SER B 227 -3.21 25.96 5.97
CA SER B 227 -4.41 26.08 5.15
C SER B 227 -4.66 27.51 4.75
N LYS B 228 -4.43 28.43 5.69
CA LYS B 228 -4.55 29.86 5.43
C LYS B 228 -3.53 30.31 4.38
N GLY B 229 -2.29 29.82 4.51
CA GLY B 229 -1.24 30.10 3.55
C GLY B 229 -1.52 29.50 2.19
N THR B 230 -2.20 28.35 2.19
CA THR B 230 -2.53 27.63 0.96
C THR B 230 -3.61 28.37 0.20
N GLU B 231 -4.56 28.93 0.93
CA GLU B 231 -5.72 29.61 0.32
C GLU B 231 -5.26 30.85 -0.40
N LYS B 232 -4.31 31.56 0.20
CA LYS B 232 -3.76 32.79 -0.36
C LYS B 232 -2.81 32.50 -1.51
N ALA B 233 -2.06 31.40 -1.41
CA ALA B 233 -1.16 30.97 -2.47
C ALA B 233 -1.93 30.62 -3.73
N LEU B 234 -3.10 29.97 -3.56
CA LEU B 234 -3.94 29.60 -4.69
C LEU B 234 -4.57 30.84 -5.31
N SER B 235 -4.91 31.84 -4.49
CA SER B 235 -5.45 33.11 -4.99
C SER B 235 -4.43 33.80 -5.88
N LYS B 236 -3.15 33.71 -5.53
CA LYS B 236 -2.09 34.31 -6.33
C LYS B 236 -1.92 33.53 -7.64
N LEU B 237 -1.90 32.20 -7.55
CA LEU B 237 -1.82 31.34 -8.72
C LEU B 237 -2.99 31.57 -9.70
N HIS B 238 -4.14 31.94 -9.17
CA HIS B 238 -5.34 32.23 -9.97
C HIS B 238 -5.17 33.52 -10.79
N GLU B 239 -4.38 34.47 -10.27
CA GLU B 239 -4.05 35.70 -10.99
C GLU B 239 -3.25 35.43 -12.25
N TYR B 240 -2.42 34.38 -12.24
CA TYR B 240 -1.66 33.97 -13.43
C TYR B 240 -2.40 32.97 -14.31
N PHE B 241 -3.33 32.22 -13.70
CA PHE B 241 -4.10 31.20 -14.40
C PHE B 241 -5.58 31.34 -14.06
N PRO B 242 -6.26 32.31 -14.68
CA PRO B 242 -7.64 32.63 -14.30
C PRO B 242 -8.67 31.56 -14.68
N GLU B 243 -8.29 30.59 -15.49
CA GLU B 243 -9.17 29.47 -15.84
C GLU B 243 -9.07 28.34 -14.82
N MET B 244 -8.17 28.46 -13.85
CA MET B 244 -8.04 27.44 -12.81
C MET B 244 -9.23 27.48 -11.86
N GLN B 245 -9.76 26.30 -11.55
CA GLN B 245 -10.82 26.13 -10.58
C GLN B 245 -10.21 25.51 -9.34
N ILE B 246 -10.47 26.11 -8.20
CA ILE B 246 -10.11 25.51 -6.93
C ILE B 246 -11.23 24.55 -6.55
N LEU B 247 -10.96 23.26 -6.68
CA LEU B 247 -11.98 22.24 -6.42
C LEU B 247 -12.14 21.97 -4.92
N ALA B 248 -11.03 21.87 -4.21
CA ALA B 248 -11.05 21.63 -2.78
C ALA B 248 -9.71 21.97 -2.16
N VAL B 249 -9.74 22.66 -1.03
CA VAL B 249 -8.53 23.07 -0.35
C VAL B 249 -7.75 21.86 0.18
N SER B 250 -8.45 20.74 0.38
CA SER B 250 -7.80 19.43 0.55
C SER B 250 -8.33 18.44 -0.47
N GLY B 251 -7.44 18.04 -1.37
CA GLY B 251 -7.73 16.99 -2.31
C GLY B 251 -7.13 15.66 -1.92
N ASN B 252 -6.97 15.43 -0.61
CA ASN B 252 -6.42 14.18 -0.05
C ASN B 252 -4.97 13.86 -0.41
N TYR B 253 -4.26 14.86 -0.90
CA TYR B 253 -2.88 14.68 -1.30
C TYR B 253 -1.95 15.14 -0.18
N CYS B 254 -2.52 15.53 0.97
CA CYS B 254 -1.72 16.09 2.08
C CYS B 254 -0.75 15.08 2.70
N THR B 255 -1.18 13.93 3.21
CA THR B 255 -2.56 13.47 3.34
C THR B 255 -2.89 13.43 4.82
N ASP B 256 -3.95 14.11 5.20
CA ASP B 256 -4.36 14.22 6.59
C ASP B 256 -5.37 13.15 6.99
N LYS B 257 -5.02 12.40 8.04
CA LYS B 257 -5.88 11.45 8.71
C LYS B 257 -6.43 10.29 7.85
N LYS B 258 -5.69 9.93 6.80
CA LYS B 258 -5.91 8.70 6.05
C LYS B 258 -4.55 8.06 5.76
N PRO B 259 -4.48 6.73 5.67
CA PRO B 259 -3.22 6.07 5.32
C PRO B 259 -2.78 6.44 3.91
N ALA B 260 -1.50 6.77 3.76
CA ALA B 260 -1.01 7.26 2.49
C ALA B 260 0.49 7.07 2.35
N ALA B 261 0.91 6.54 1.21
CA ALA B 261 2.31 6.32 0.90
C ALA B 261 3.06 7.63 0.81
N ILE B 262 2.38 8.69 0.37
CA ILE B 262 3.04 9.98 0.25
C ILE B 262 3.57 10.48 1.61
N ASN B 263 2.84 10.22 2.69
CA ASN B 263 3.33 10.60 4.03
C ASN B 263 4.52 9.76 4.48
N TRP B 264 4.48 8.47 4.13
CA TRP B 264 5.59 7.54 4.39
C TRP B 264 6.89 7.93 3.66
N ILE B 265 6.75 8.35 2.41
CA ILE B 265 7.89 8.55 1.52
C ILE B 265 8.43 9.99 1.60
N GLU B 266 7.56 10.97 1.73
CA GLU B 266 7.93 12.39 1.76
C GLU B 266 7.98 12.95 3.17
N GLY B 267 7.39 12.23 4.12
CA GLY B 267 7.23 12.73 5.46
C GLY B 267 6.10 13.72 5.58
N ARG B 268 5.69 14.00 6.80
CA ARG B 268 4.66 14.98 7.10
C ARG B 268 4.72 15.31 8.57
N GLY B 269 4.65 16.59 8.89
CA GLY B 269 4.99 17.06 10.22
C GLY B 269 6.44 16.71 10.45
N LYS B 270 6.70 16.02 11.56
CA LYS B 270 8.05 15.68 11.99
C LYS B 270 8.42 14.27 11.55
N SER B 271 9.50 14.14 10.78
CA SER B 271 10.11 12.84 10.52
C SER B 271 11.22 12.62 11.55
N VAL B 272 11.15 11.51 12.26
CA VAL B 272 12.06 11.26 13.38
C VAL B 272 12.65 9.85 13.30
N VAL B 273 13.87 9.72 13.80
CA VAL B 273 14.50 8.41 13.98
C VAL B 273 15.06 8.33 15.40
N CYS B 274 14.99 7.14 15.98
CA CYS B 274 15.41 6.91 17.36
C CYS B 274 16.22 5.63 17.40
N GLU B 275 17.16 5.53 18.33
CA GLU B 275 18.02 4.34 18.39
C GLU B 275 18.56 4.09 19.78
N ALA B 276 18.86 2.83 20.07
CA ALA B 276 19.57 2.46 21.30
C ALA B 276 20.33 1.15 21.09
N VAL B 277 21.35 0.91 21.91
CA VAL B 277 21.99 -0.39 21.99
C VAL B 277 21.67 -0.95 23.38
N ILE B 278 21.13 -2.17 23.42
CA ILE B 278 20.76 -2.82 24.67
C ILE B 278 21.71 -3.99 24.93
N PRO B 279 22.59 -3.87 25.93
CA PRO B 279 23.50 -4.95 26.29
C PRO B 279 22.77 -6.27 26.56
N ALA B 280 23.43 -7.41 26.35
CA ALA B 280 22.80 -8.72 26.53
C ALA B 280 22.24 -8.90 27.94
N LYS B 281 23.02 -8.47 28.94
CA LYS B 281 22.63 -8.54 30.34
C LYS B 281 21.28 -7.87 30.58
N VAL B 282 21.10 -6.68 30.03
CA VAL B 282 19.84 -5.92 30.18
C VAL B 282 18.71 -6.63 29.45
N VAL B 283 19.00 -7.12 28.25
CA VAL B 283 18.04 -7.89 27.46
C VAL B 283 17.58 -9.13 28.26
N ARG B 284 18.52 -9.72 29.00
CA ARG B 284 18.24 -10.92 29.82
C ARG B 284 17.38 -10.58 31.03
N GLU B 285 17.84 -9.62 31.83
CA GLU B 285 17.27 -9.36 33.15
C GLU B 285 15.99 -8.52 33.08
N VAL B 286 16.03 -7.43 32.31
CA VAL B 286 14.85 -6.59 32.12
C VAL B 286 13.84 -7.26 31.19
N LEU B 287 14.27 -7.64 29.99
CA LEU B 287 13.36 -8.12 28.95
C LEU B 287 13.16 -9.64 28.92
N LYS B 288 13.94 -10.37 29.72
CA LYS B 288 13.74 -11.81 29.96
C LYS B 288 14.00 -12.69 28.74
N THR B 289 14.80 -12.21 27.80
CA THR B 289 14.99 -12.93 26.55
C THR B 289 16.40 -12.73 26.00
N THR B 290 16.62 -13.15 24.75
CA THR B 290 17.90 -12.95 24.10
C THR B 290 17.73 -12.07 22.87
N THR B 291 18.85 -11.51 22.45
CA THR B 291 18.92 -10.69 21.26
C THR B 291 18.55 -11.51 20.04
N GLU B 292 19.06 -12.74 19.96
CA GLU B 292 18.75 -13.65 18.85
C GLU B 292 17.23 -13.83 18.67
N ALA B 293 16.53 -14.08 19.78
CA ALA B 293 15.09 -14.31 19.75
C ALA B 293 14.32 -13.07 19.28
N MET B 294 14.76 -11.90 19.71
CA MET B 294 14.08 -10.66 19.41
C MET B 294 14.24 -10.24 17.96
N ILE B 295 15.41 -10.50 17.39
CA ILE B 295 15.65 -10.24 15.97
C ILE B 295 14.82 -11.19 15.12
N GLU B 296 14.80 -12.47 15.50
CA GLU B 296 14.01 -13.47 14.78
C GLU B 296 12.53 -13.08 14.78
N VAL B 297 12.01 -12.61 15.90
CA VAL B 297 10.64 -12.11 15.97
C VAL B 297 10.51 -10.82 15.15
N ASN B 298 11.45 -9.89 15.28
CA ASN B 298 11.30 -8.60 14.60
C ASN B 298 11.33 -8.72 13.10
N ILE B 299 12.26 -9.51 12.59
CA ILE B 299 12.36 -9.74 11.16
C ILE B 299 11.06 -10.34 10.67
N ASN B 300 10.61 -11.40 11.33
CA ASN B 300 9.51 -12.19 10.80
C ASN B 300 8.10 -11.68 11.12
N LYS B 301 7.99 -10.77 12.07
CA LYS B 301 6.75 -10.10 12.41
C LYS B 301 6.70 -8.72 11.74
N ASN B 302 7.59 -7.83 12.15
CA ASN B 302 7.51 -6.43 11.73
C ASN B 302 7.95 -6.15 10.30
N LEU B 303 8.82 -6.98 9.73
CA LEU B 303 9.16 -6.86 8.32
C LEU B 303 8.35 -7.84 7.49
N VAL B 304 8.61 -9.13 7.65
CA VAL B 304 8.02 -10.13 6.77
C VAL B 304 6.50 -10.23 7.00
N GLY B 305 6.08 -10.19 8.25
CA GLY B 305 4.67 -10.30 8.58
C GLY B 305 3.86 -9.14 8.03
N SER B 306 4.34 -7.92 8.26
CA SER B 306 3.73 -6.73 7.68
C SER B 306 3.75 -6.78 6.15
N ALA B 307 4.81 -7.34 5.57
CA ALA B 307 4.91 -7.47 4.12
C ALA B 307 3.78 -8.34 3.57
N MET B 308 3.55 -9.48 4.21
CA MET B 308 2.55 -10.43 3.80
C MET B 308 1.14 -9.87 4.02
N ALA B 309 1.00 -8.99 5.01
CA ALA B 309 -0.27 -8.34 5.31
C ALA B 309 -0.55 -7.17 4.38
N GLY B 310 0.42 -6.82 3.54
CA GLY B 310 0.27 -5.75 2.58
C GLY B 310 0.24 -4.38 3.24
N SER B 311 1.20 -4.12 4.11
CA SER B 311 1.27 -2.87 4.84
C SER B 311 2.10 -1.83 4.12
N ILE B 312 1.65 -0.59 4.20
CA ILE B 312 2.43 0.57 3.85
C ILE B 312 2.68 1.30 5.15
N GLY B 313 3.93 1.30 5.60
CA GLY B 313 4.30 2.06 6.79
C GLY B 313 3.94 1.43 8.11
N GLY B 314 3.55 0.16 8.12
CA GLY B 314 3.12 -0.53 9.34
C GLY B 314 4.07 -1.62 9.76
N TYR B 315 5.36 -1.32 9.71
CA TYR B 315 6.43 -2.27 9.98
C TYR B 315 6.89 -2.16 11.43
N ASN B 316 5.95 -2.36 12.33
CA ASN B 316 6.16 -2.17 13.75
C ASN B 316 5.14 -2.99 14.51
N ALA B 317 5.36 -3.15 15.81
CA ALA B 317 4.50 -3.98 16.64
C ALA B 317 3.26 -3.24 17.13
N HIS B 318 3.44 -2.14 17.86
CA HIS B 318 2.30 -1.36 18.35
C HIS B 318 2.57 0.12 18.58
N ALA B 319 3.37 0.72 17.69
CA ALA B 319 3.62 2.16 17.74
C ALA B 319 2.36 2.94 18.04
N ALA B 320 1.24 2.54 17.43
CA ALA B 320 -0.01 3.26 17.56
C ALA B 320 -0.52 3.33 19.00
N ASN B 321 -0.34 2.27 19.77
CA ASN B 321 -0.67 2.31 21.20
C ASN B 321 -0.02 3.46 21.94
N ILE B 322 1.28 3.64 21.74
CA ILE B 322 2.03 4.69 22.41
C ILE B 322 1.69 6.07 21.85
N VAL B 323 1.66 6.17 20.52
CA VAL B 323 1.32 7.43 19.86
C VAL B 323 -0.04 7.93 20.36
N THR B 324 -1.01 7.02 20.46
CA THR B 324 -2.36 7.42 20.81
C THR B 324 -2.43 7.84 22.27
N ALA B 325 -1.75 7.09 23.13
CA ALA B 325 -1.80 7.36 24.56
C ALA B 325 -1.20 8.72 24.87
N ILE B 326 -0.06 9.02 24.26
CA ILE B 326 0.60 10.32 24.45
C ILE B 326 -0.22 11.42 23.80
N TYR B 327 -0.84 11.13 22.67
CA TYR B 327 -1.58 12.16 21.95
C TYR B 327 -2.77 12.62 22.78
N ILE B 328 -3.45 11.68 23.42
CA ILE B 328 -4.61 12.02 24.25
C ILE B 328 -4.19 12.78 25.50
N ALA B 329 -3.11 12.36 26.14
CA ALA B 329 -2.59 13.05 27.33
C ALA B 329 -2.20 14.48 27.02
N CYS B 330 -1.58 14.71 25.86
CA CYS B 330 -0.86 15.94 25.58
C CYS B 330 -1.64 16.89 24.66
N GLY B 331 -2.93 16.61 24.48
CA GLY B 331 -3.82 17.50 23.78
C GLY B 331 -3.60 17.58 22.28
N GLN B 332 -3.08 16.50 21.71
CA GLN B 332 -2.95 16.37 20.26
C GLN B 332 -4.28 15.96 19.61
N ASP B 333 -4.29 15.98 18.28
CA ASP B 333 -5.39 15.45 17.51
C ASP B 333 -5.15 13.95 17.38
N ALA B 334 -5.89 13.17 18.16
CA ALA B 334 -5.68 11.74 18.25
C ALA B 334 -6.06 10.99 16.99
N ALA B 335 -6.87 11.61 16.13
CA ALA B 335 -7.22 11.03 14.83
C ALA B 335 -6.01 11.01 13.89
N GLN B 336 -5.05 11.89 14.13
CA GLN B 336 -3.80 11.91 13.36
C GLN B 336 -2.81 10.81 13.74
N ASN B 337 -3.20 9.94 14.65
CA ASN B 337 -2.40 8.77 14.95
C ASN B 337 -2.38 7.79 13.76
N VAL B 338 -3.37 7.90 12.86
CA VAL B 338 -3.35 7.13 11.61
C VAL B 338 -2.01 7.20 10.89
N GLY B 339 -1.58 8.42 10.56
CA GLY B 339 -0.30 8.65 9.93
C GLY B 339 0.86 8.81 10.90
N SER B 340 0.60 9.36 12.08
CA SER B 340 1.66 9.58 13.08
C SER B 340 2.25 8.28 13.62
N SER B 341 1.46 7.22 13.59
CA SER B 341 1.91 5.87 13.97
C SER B 341 2.76 5.14 12.94
N ASN B 342 2.90 5.71 11.75
CA ASN B 342 3.74 5.10 10.73
C ASN B 342 5.10 4.86 11.36
N CYS B 343 5.58 3.63 11.28
CA CYS B 343 6.80 3.25 11.96
C CYS B 343 7.40 1.97 11.41
N ILE B 344 8.68 2.01 11.07
CA ILE B 344 9.45 0.80 10.80
C ILE B 344 10.45 0.57 11.96
N THR B 345 10.33 -0.59 12.61
CA THR B 345 11.15 -0.97 13.75
C THR B 345 12.19 -1.98 13.27
N LEU B 346 13.47 -1.68 13.48
CA LEU B 346 14.57 -2.52 13.04
C LEU B 346 15.39 -2.99 14.24
N MET B 347 15.89 -4.21 14.12
CA MET B 347 16.52 -4.91 15.22
C MET B 347 17.68 -5.70 14.65
N GLU B 348 18.87 -5.40 15.16
CA GLU B 348 20.11 -6.00 14.72
C GLU B 348 20.93 -6.52 15.89
N ALA B 349 21.77 -7.49 15.60
CA ALA B 349 22.73 -7.98 16.57
C ALA B 349 23.94 -7.07 16.53
N SER B 350 24.50 -6.82 17.70
CA SER B 350 25.68 -5.99 17.86
C SER B 350 26.59 -6.66 18.90
N GLY B 351 27.82 -6.18 19.01
CA GLY B 351 28.75 -6.78 19.94
C GLY B 351 29.41 -8.02 19.36
N PRO B 352 30.25 -8.67 20.16
CA PRO B 352 31.19 -9.69 19.69
C PRO B 352 30.58 -11.05 19.33
N THR B 353 29.55 -11.47 20.06
CA THR B 353 28.87 -12.73 19.77
C THR B 353 27.41 -12.49 19.36
N ASN B 354 27.14 -11.34 18.75
CA ASN B 354 25.79 -10.98 18.32
C ASN B 354 24.77 -11.07 19.46
N GLU B 355 25.13 -10.54 20.63
CA GLU B 355 24.28 -10.68 21.83
C GLU B 355 23.73 -9.35 22.39
N ASP B 356 24.18 -8.22 21.85
CA ASP B 356 23.58 -6.92 22.16
C ASP B 356 22.56 -6.56 21.07
N LEU B 357 21.53 -5.82 21.44
CA LEU B 357 20.43 -5.52 20.52
C LEU B 357 20.47 -4.06 20.10
N TYR B 358 20.89 -3.82 18.86
CA TYR B 358 20.65 -2.52 18.26
C TYR B 358 19.19 -2.46 17.89
N ILE B 359 18.50 -1.43 18.34
CA ILE B 359 17.12 -1.20 17.93
C ILE B 359 16.99 0.23 17.43
N SER B 360 16.18 0.40 16.38
CA SER B 360 15.79 1.73 15.94
C SER B 360 14.34 1.74 15.50
N CYS B 361 13.70 2.88 15.68
CA CYS B 361 12.38 3.15 15.12
C CYS B 361 12.47 4.39 14.25
N THR B 362 11.94 4.29 13.04
CA THR B 362 11.88 5.42 12.14
C THR B 362 10.43 5.76 11.89
N MET B 363 10.08 6.99 12.20
CA MET B 363 8.71 7.48 12.11
C MET B 363 8.72 8.75 11.29
N PRO B 364 8.38 8.64 10.01
CA PRO B 364 8.53 9.77 9.06
C PRO B 364 7.42 10.81 9.12
N SER B 365 6.37 10.57 9.88
CA SER B 365 5.22 11.46 9.82
C SER B 365 4.49 11.68 11.16
N ILE B 366 5.24 12.08 12.17
CA ILE B 366 4.69 12.46 13.46
C ILE B 366 4.03 13.85 13.37
N GLU B 367 2.71 13.89 13.39
CA GLU B 367 1.93 15.13 13.27
C GLU B 367 1.58 15.63 14.67
N ILE B 368 2.27 16.70 15.08
CA ILE B 368 2.24 17.09 16.48
C ILE B 368 2.38 18.59 16.69
N GLY B 369 2.08 19.03 17.89
CA GLY B 369 2.13 20.43 18.27
C GLY B 369 2.08 20.62 19.79
N THR B 370 2.52 21.79 20.25
CA THR B 370 2.44 22.16 21.66
C THR B 370 1.71 23.49 21.86
N VAL B 371 1.28 24.09 20.74
CA VAL B 371 0.43 25.29 20.74
C VAL B 371 -0.83 24.98 19.93
N GLY B 372 -1.95 25.50 20.40
CA GLY B 372 -3.22 25.38 19.69
C GLY B 372 -3.96 24.09 20.01
N GLY B 373 -5.21 24.01 19.55
CA GLY B 373 -6.03 22.83 19.71
C GLY B 373 -6.22 22.45 21.17
N GLY B 374 -6.09 21.16 21.46
CA GLY B 374 -6.23 20.66 22.81
C GLY B 374 -5.10 21.06 23.76
N THR B 375 -4.00 21.60 23.24
CA THR B 375 -2.90 22.07 24.09
C THR B 375 -3.19 23.43 24.74
N ASN B 376 -4.36 24.00 24.45
CA ASN B 376 -4.82 25.22 25.09
C ASN B 376 -5.51 24.92 26.42
N LEU B 377 -5.84 23.66 26.66
CA LEU B 377 -6.58 23.25 27.85
C LEU B 377 -5.60 22.91 28.95
N LEU B 378 -5.93 23.30 30.19
CA LEU B 378 -4.98 23.25 31.30
C LEU B 378 -4.54 21.82 31.70
N PRO B 379 -5.46 20.86 31.73
CA PRO B 379 -5.07 19.48 32.03
C PRO B 379 -4.12 18.92 30.97
N GLN B 380 -4.39 19.20 29.70
CA GLN B 380 -3.51 18.77 28.62
C GLN B 380 -2.16 19.49 28.73
N GLN B 381 -2.17 20.74 29.19
CA GLN B 381 -0.94 21.50 29.37
C GLN B 381 -0.11 20.98 30.54
N ALA B 382 -0.75 20.35 31.52
CA ALA B 382 -0.02 19.74 32.64
C ALA B 382 0.90 18.61 32.16
N CYS B 383 0.43 17.84 31.19
CA CYS B 383 1.21 16.74 30.63
C CYS B 383 2.31 17.26 29.72
N LEU B 384 2.01 18.32 28.97
CA LEU B 384 3.06 18.98 28.19
C LEU B 384 4.13 19.54 29.12
N GLN B 385 3.71 20.13 30.23
CA GLN B 385 4.63 20.70 31.23
C GLN B 385 5.47 19.62 31.91
N MET B 386 4.89 18.43 32.09
CA MET B 386 5.63 17.27 32.58
C MET B 386 6.88 17.05 31.75
N LEU B 387 6.74 17.18 30.43
CA LEU B 387 7.82 16.92 29.49
C LEU B 387 8.69 18.15 29.18
N GLY B 388 8.27 19.32 29.65
CA GLY B 388 9.01 20.56 29.42
C GLY B 388 8.80 21.15 28.04
N VAL B 389 7.68 20.80 27.41
CA VAL B 389 7.39 21.20 26.02
C VAL B 389 6.09 22.00 25.86
N GLN B 390 5.53 22.51 26.95
CA GLN B 390 4.26 23.24 26.87
C GLN B 390 4.40 24.57 26.12
N GLY B 391 3.51 24.81 25.16
CA GLY B 391 3.46 26.06 24.44
C GLY B 391 4.60 26.34 23.47
N ALA B 392 4.70 27.60 23.05
CA ALA B 392 5.72 28.02 22.11
C ALA B 392 7.07 28.24 22.81
N CYS B 393 8.14 27.83 22.14
CA CYS B 393 9.50 28.22 22.53
C CYS B 393 9.79 29.57 21.86
N LYS B 394 10.10 30.58 22.66
CA LYS B 394 10.26 31.94 22.15
C LYS B 394 11.56 32.10 21.37
N ASP B 395 12.66 31.70 22.00
CA ASP B 395 14.01 31.94 21.46
C ASP B 395 14.40 30.96 20.34
N ASN B 396 13.79 29.78 20.33
CA ASN B 396 14.05 28.76 19.32
C ASN B 396 12.73 28.18 18.80
N PRO B 397 12.01 28.93 17.97
CA PRO B 397 10.67 28.50 17.52
C PRO B 397 10.63 27.10 16.93
N GLY B 398 9.67 26.30 17.41
CA GLY B 398 9.47 24.93 16.94
C GLY B 398 10.16 23.87 17.79
N GLU B 399 10.98 24.30 18.74
CA GLU B 399 11.81 23.38 19.52
C GLU B 399 10.98 22.49 20.45
N ASN B 400 9.86 23.02 20.92
CA ASN B 400 8.99 22.25 21.82
C ASN B 400 8.26 21.14 21.07
N ALA B 401 7.71 21.46 19.91
CA ALA B 401 7.06 20.46 19.05
C ALA B 401 8.06 19.42 18.56
N ARG B 402 9.27 19.85 18.21
CA ARG B 402 10.33 18.93 17.79
C ARG B 402 10.69 17.97 18.92
N GLN B 403 10.79 18.49 20.13
CA GLN B 403 11.16 17.69 21.30
C GLN B 403 10.07 16.67 21.62
N LEU B 404 8.81 17.08 21.49
CA LEU B 404 7.70 16.18 21.75
C LEU B 404 7.66 15.03 20.73
N ALA B 405 7.94 15.33 19.46
CA ALA B 405 8.00 14.29 18.43
C ALA B 405 9.14 13.32 18.69
N ARG B 406 10.26 13.81 19.19
CA ARG B 406 11.35 12.92 19.59
C ARG B 406 10.91 12.02 20.74
N ILE B 407 10.18 12.59 21.71
CA ILE B 407 9.70 11.84 22.86
C ILE B 407 8.69 10.76 22.44
N VAL B 408 7.86 11.03 21.44
CA VAL B 408 6.94 10.03 20.91
C VAL B 408 7.72 8.87 20.29
N CYS B 409 8.68 9.18 19.42
CA CYS B 409 9.52 8.18 18.78
C CYS B 409 10.32 7.34 19.77
N GLY B 410 10.86 7.97 20.79
CA GLY B 410 11.63 7.28 21.82
C GLY B 410 10.76 6.39 22.68
N THR B 411 9.57 6.87 23.01
CA THR B 411 8.64 6.10 23.80
C THR B 411 8.08 4.97 22.95
N VAL B 412 7.92 5.21 21.65
CA VAL B 412 7.51 4.16 20.73
C VAL B 412 8.54 3.02 20.75
N MET B 413 9.82 3.36 20.66
CA MET B 413 10.90 2.37 20.70
C MET B 413 10.84 1.58 22.00
N ALA B 414 10.55 2.25 23.10
CA ALA B 414 10.38 1.60 24.39
C ALA B 414 9.25 0.60 24.31
N GLY B 415 8.10 1.02 23.79
CA GLY B 415 6.99 0.13 23.57
C GLY B 415 7.35 -1.08 22.72
N GLU B 416 8.14 -0.85 21.67
CA GLU B 416 8.53 -1.93 20.75
C GLU B 416 9.39 -2.95 21.46
N LEU B 417 10.31 -2.46 22.27
CA LEU B 417 11.24 -3.32 22.99
C LEU B 417 10.48 -4.29 23.87
N SER B 418 9.51 -3.77 24.63
CA SER B 418 8.83 -4.55 25.64
C SER B 418 7.88 -5.57 25.03
N LEU B 419 7.03 -5.13 24.10
CA LEU B 419 6.08 -6.03 23.45
C LEU B 419 6.81 -7.16 22.71
N MET B 420 7.82 -6.80 21.92
CA MET B 420 8.58 -7.79 21.15
C MET B 420 9.25 -8.81 22.06
N ALA B 421 9.83 -8.34 23.17
CA ALA B 421 10.43 -9.22 24.16
C ALA B 421 9.41 -10.19 24.71
N ALA B 422 8.20 -9.71 24.97
CA ALA B 422 7.11 -10.53 25.50
C ALA B 422 6.62 -11.56 24.48
N LEU B 423 6.61 -11.17 23.21
CA LEU B 423 6.22 -12.09 22.14
C LEU B 423 7.31 -13.15 21.92
N ALA B 424 8.56 -12.79 22.19
CA ALA B 424 9.70 -13.69 21.98
C ALA B 424 9.77 -14.78 23.06
N ALA B 425 9.18 -14.52 24.22
CA ALA B 425 9.21 -15.48 25.33
C ALA B 425 8.11 -16.53 25.20
N GLY B 426 6.85 -16.13 25.42
CA GLY B 426 5.68 -17.01 25.28
C GLY B 426 4.59 -16.78 26.32
N HIS B 427 3.61 -17.69 26.35
CA HIS B 427 2.59 -17.77 27.41
C HIS B 427 1.73 -16.50 27.58
N PRO C 10 38.50 -38.44 -36.15
CA PRO C 10 39.74 -38.76 -35.38
C PRO C 10 39.99 -37.74 -34.26
N ASN C 11 40.12 -38.22 -33.02
CA ASN C 11 40.19 -37.32 -31.85
C ASN C 11 41.50 -36.53 -31.74
N GLU C 12 42.63 -37.17 -32.04
CA GLU C 12 43.94 -36.55 -31.86
C GLU C 12 44.41 -35.74 -33.08
N GLU C 13 43.84 -36.00 -34.25
CA GLU C 13 44.07 -35.18 -35.45
C GLU C 13 43.29 -33.86 -35.34
N CYS C 14 42.10 -33.93 -34.74
CA CYS C 14 41.23 -32.75 -34.60
C CYS C 14 41.81 -31.70 -33.67
N LEU C 15 42.50 -32.14 -32.61
CA LEU C 15 43.20 -31.23 -31.71
C LEU C 15 44.33 -30.48 -32.42
N GLN C 16 45.00 -31.14 -33.37
CA GLN C 16 46.06 -30.51 -34.16
C GLN C 16 45.53 -29.32 -34.96
N ILE C 17 44.34 -29.47 -35.53
CA ILE C 17 43.75 -28.43 -36.38
C ILE C 17 43.21 -27.24 -35.55
N LEU C 18 42.90 -27.49 -34.28
CA LEU C 18 42.46 -26.42 -33.37
C LEU C 18 43.66 -25.60 -32.89
N GLY C 19 44.77 -26.27 -32.60
CA GLY C 19 45.96 -25.64 -32.07
C GLY C 19 46.73 -24.78 -33.05
N ASN C 20 46.62 -25.10 -34.34
CA ASN C 20 47.26 -24.30 -35.39
C ASN C 20 46.59 -22.94 -35.48
N ALA C 21 47.38 -21.88 -35.31
CA ALA C 21 46.85 -20.52 -35.19
C ALA C 21 46.22 -19.99 -36.48
N GLU C 22 46.69 -20.49 -37.64
CA GLU C 22 46.18 -20.03 -38.93
C GLU C 22 45.20 -21.01 -39.60
N LYS C 23 44.93 -22.14 -38.96
CA LYS C 23 43.89 -23.08 -39.41
C LYS C 23 42.56 -22.76 -38.72
N GLY C 24 42.43 -23.15 -37.45
CA GLY C 24 41.22 -22.91 -36.67
C GLY C 24 40.20 -24.03 -36.72
N ALA C 25 39.09 -23.84 -36.02
CA ALA C 25 37.99 -24.81 -35.96
C ALA C 25 37.06 -24.72 -37.18
N LYS C 26 37.28 -23.73 -38.04
CA LYS C 26 36.56 -23.62 -39.31
C LYS C 26 36.84 -24.82 -40.23
N PHE C 27 37.99 -25.47 -40.00
CA PHE C 27 38.41 -26.63 -40.79
C PHE C 27 37.81 -27.95 -40.25
N LEU C 28 37.29 -27.91 -39.02
CA LEU C 28 36.68 -29.08 -38.39
C LEU C 28 35.21 -29.24 -38.74
N SER C 29 34.63 -30.38 -38.37
CA SER C 29 33.23 -30.68 -38.62
C SER C 29 32.41 -30.64 -37.32
N ASP C 30 31.08 -30.64 -37.47
CA ASP C 30 30.16 -30.55 -36.33
C ASP C 30 30.37 -31.70 -35.36
N ALA C 31 30.27 -32.93 -35.86
CA ALA C 31 30.38 -34.14 -35.03
C ALA C 31 31.78 -34.31 -34.42
N GLU C 32 32.80 -33.73 -35.06
CA GLU C 32 34.18 -33.88 -34.59
C GLU C 32 34.42 -33.03 -33.34
N ILE C 33 33.93 -31.81 -33.32
CA ILE C 33 34.00 -30.95 -32.13
C ILE C 33 33.19 -31.55 -30.98
N ILE C 34 32.05 -32.17 -31.32
CA ILE C 34 31.18 -32.80 -30.32
C ILE C 34 31.81 -34.09 -29.79
N GLN C 35 32.58 -34.79 -30.61
CA GLN C 35 33.29 -36.00 -30.17
C GLN C 35 34.36 -35.62 -29.15
N LEU C 36 34.98 -34.46 -29.37
CA LEU C 36 36.02 -33.95 -28.48
C LEU C 36 35.49 -33.66 -27.08
N VAL C 37 34.35 -32.99 -27.00
CA VAL C 37 33.76 -32.60 -25.71
C VAL C 37 33.25 -33.82 -24.93
N ASN C 38 32.57 -34.73 -25.62
CA ASN C 38 32.02 -35.93 -25.01
C ASN C 38 33.09 -36.90 -24.50
N ALA C 39 34.23 -36.93 -25.19
CA ALA C 39 35.39 -37.75 -24.78
C ALA C 39 36.13 -37.08 -23.64
N LYS C 40 35.91 -35.78 -23.49
CA LYS C 40 36.49 -34.93 -22.43
C LYS C 40 37.92 -34.50 -22.78
N HIS C 41 38.24 -34.49 -24.07
CA HIS C 41 39.46 -33.87 -24.58
C HIS C 41 39.42 -32.36 -24.40
N ILE C 42 38.23 -31.78 -24.64
CA ILE C 42 38.03 -30.35 -24.55
C ILE C 42 36.84 -30.04 -23.63
N PRO C 43 37.02 -29.17 -22.64
CA PRO C 43 35.90 -28.68 -21.83
C PRO C 43 34.87 -27.89 -22.64
N ALA C 44 33.63 -27.84 -22.14
CA ALA C 44 32.53 -27.18 -22.84
C ALA C 44 32.72 -25.67 -22.98
N TYR C 45 33.20 -25.01 -21.93
CA TYR C 45 33.37 -23.55 -21.93
C TYR C 45 34.48 -23.05 -22.87
N LYS C 46 35.34 -23.97 -23.35
CA LYS C 46 36.39 -23.62 -24.30
C LYS C 46 35.86 -23.40 -25.74
N LEU C 47 34.60 -23.71 -25.99
CA LEU C 47 34.03 -23.59 -27.34
C LEU C 47 33.55 -22.18 -27.69
N GLU C 48 33.19 -21.39 -26.69
CA GLU C 48 32.84 -19.99 -26.90
C GLU C 48 34.01 -19.24 -27.53
N THR C 49 35.20 -19.45 -26.98
CA THR C 49 36.39 -18.69 -27.39
C THR C 49 37.13 -19.28 -28.60
N LEU C 50 37.04 -20.60 -28.78
CA LEU C 50 37.76 -21.28 -29.86
C LEU C 50 37.07 -21.14 -31.22
N ILE C 51 35.75 -21.34 -31.27
CA ILE C 51 35.01 -21.32 -32.54
C ILE C 51 34.89 -19.89 -33.10
N GLU C 52 35.01 -19.77 -34.42
CA GLU C 52 35.16 -18.47 -35.09
C GLU C 52 33.84 -17.71 -35.24
N THR C 53 32.89 -18.28 -35.96
CA THR C 53 31.66 -17.54 -36.32
C THR C 53 30.58 -17.73 -35.24
N HIS C 54 29.72 -16.72 -35.09
CA HIS C 54 28.70 -16.73 -34.03
C HIS C 54 27.61 -17.77 -34.24
N GLU C 55 27.11 -17.87 -35.47
CA GLU C 55 26.02 -18.79 -35.79
C GLU C 55 26.38 -20.27 -35.61
N ARG C 56 27.64 -20.62 -35.84
CA ARG C 56 28.08 -22.00 -35.65
C ARG C 56 28.27 -22.31 -34.16
N GLY C 57 28.56 -21.29 -33.37
CA GLY C 57 28.56 -21.43 -31.92
C GLY C 57 27.18 -21.77 -31.39
N VAL C 58 26.16 -21.14 -31.97
CA VAL C 58 24.76 -21.38 -31.60
C VAL C 58 24.36 -22.79 -32.00
N SER C 59 24.72 -23.19 -33.22
CA SER C 59 24.43 -24.54 -33.73
C SER C 59 24.99 -25.65 -32.84
N ILE C 60 26.27 -25.52 -32.46
CA ILE C 60 26.92 -26.54 -31.65
C ILE C 60 26.36 -26.56 -30.21
N ARG C 61 25.99 -25.41 -29.69
CA ARG C 61 25.39 -25.35 -28.35
C ARG C 61 24.03 -26.06 -28.33
N ARG C 62 23.22 -25.84 -29.36
CA ARG C 62 21.92 -26.50 -29.48
C ARG C 62 22.09 -28.01 -29.53
N GLN C 63 23.06 -28.47 -30.31
CA GLN C 63 23.30 -29.89 -30.50
C GLN C 63 23.77 -30.56 -29.21
N LEU C 64 24.72 -29.92 -28.51
CA LEU C 64 25.19 -30.41 -27.20
C LEU C 64 24.06 -30.40 -26.20
N LEU C 65 23.31 -29.30 -26.17
CA LEU C 65 22.16 -29.14 -25.29
C LEU C 65 21.10 -30.20 -25.57
N SER C 66 20.88 -30.51 -26.84
CA SER C 66 19.77 -31.36 -27.26
C SER C 66 19.93 -32.80 -26.77
N LYS C 67 21.16 -33.30 -26.74
CA LYS C 67 21.42 -34.68 -26.31
C LYS C 67 21.16 -34.90 -24.82
N LYS C 68 21.21 -33.81 -24.06
CA LYS C 68 20.94 -33.82 -22.62
C LYS C 68 19.45 -33.79 -22.27
N LEU C 69 18.60 -33.40 -23.24
CA LEU C 69 17.17 -33.24 -22.99
C LEU C 69 16.42 -34.57 -22.98
N SER C 70 15.31 -34.60 -22.25
CA SER C 70 14.44 -35.79 -22.22
C SER C 70 13.86 -36.07 -23.62
N GLU C 71 13.55 -35.02 -24.36
CA GLU C 71 13.19 -35.11 -25.77
C GLU C 71 14.23 -34.34 -26.58
N PRO C 72 15.21 -35.04 -27.16
CA PRO C 72 16.29 -34.39 -27.94
C PRO C 72 15.86 -33.64 -29.23
N SER C 73 14.61 -33.79 -29.65
CA SER C 73 14.09 -33.05 -30.79
C SER C 73 13.38 -31.76 -30.38
N SER C 74 13.51 -31.35 -29.12
CA SER C 74 12.80 -30.18 -28.60
C SER C 74 13.08 -28.92 -29.41
N LEU C 75 14.34 -28.71 -29.77
CA LEU C 75 14.79 -27.48 -30.42
C LEU C 75 14.50 -27.38 -31.91
N GLN C 76 13.87 -28.39 -32.48
CA GLN C 76 13.61 -28.45 -33.93
C GLN C 76 13.04 -27.13 -34.46
N TYR C 77 12.00 -26.64 -33.81
CA TYR C 77 11.24 -25.49 -34.31
C TYR C 77 11.59 -24.17 -33.65
N LEU C 78 12.57 -24.18 -32.75
CA LEU C 78 13.21 -22.94 -32.31
C LEU C 78 14.16 -22.50 -33.43
N PRO C 79 13.86 -21.38 -34.10
CA PRO C 79 14.71 -20.93 -35.19
C PRO C 79 15.99 -20.31 -34.65
N TYR C 80 17.05 -20.29 -35.47
CA TYR C 80 18.33 -19.71 -35.08
C TYR C 80 19.18 -19.18 -36.25
N ARG C 81 18.89 -19.65 -37.47
CA ARG C 81 19.68 -19.29 -38.65
C ARG C 81 19.41 -17.86 -39.10
N ASP C 82 20.45 -17.23 -39.64
CA ASP C 82 20.35 -15.93 -40.31
C ASP C 82 19.80 -14.84 -39.40
N TYR C 83 20.35 -14.80 -38.20
CA TYR C 83 20.07 -13.73 -37.24
C TYR C 83 21.40 -13.10 -36.86
N ASN C 84 21.38 -11.79 -36.67
CA ASN C 84 22.59 -11.02 -36.38
C ASN C 84 23.00 -11.20 -34.93
N TYR C 85 23.79 -12.23 -34.65
CA TYR C 85 24.22 -12.53 -33.28
C TYR C 85 25.35 -11.63 -32.83
N SER C 86 26.00 -10.94 -33.77
CA SER C 86 27.12 -10.05 -33.47
C SER C 86 26.70 -8.84 -32.62
N LEU C 87 25.45 -8.41 -32.76
CA LEU C 87 24.93 -7.32 -31.93
C LEU C 87 24.47 -7.79 -30.55
N VAL C 88 24.48 -9.10 -30.34
CA VAL C 88 23.94 -9.74 -29.14
C VAL C 88 24.99 -10.42 -28.25
N MET C 89 26.14 -10.79 -28.83
CA MET C 89 27.12 -11.60 -28.10
C MET C 89 28.03 -10.72 -27.24
N GLY C 90 27.96 -10.92 -25.93
CA GLY C 90 28.69 -10.10 -24.97
C GLY C 90 28.07 -8.71 -24.83
N ALA C 91 26.76 -8.61 -25.03
CA ALA C 91 26.03 -7.33 -24.96
C ALA C 91 24.56 -7.46 -24.53
N CYS C 92 23.85 -8.47 -25.07
CA CYS C 92 22.40 -8.63 -24.86
C CYS C 92 21.94 -10.02 -24.36
N CYS C 93 22.65 -11.10 -24.70
CA CYS C 93 22.24 -12.48 -24.33
C CYS C 93 23.41 -13.49 -24.36
N GLU C 94 23.35 -14.49 -23.48
CA GLU C 94 24.39 -15.53 -23.39
C GLU C 94 23.81 -16.95 -23.34
N ASN C 95 24.66 -17.94 -23.60
CA ASN C 95 24.24 -19.33 -23.80
C ASN C 95 23.14 -19.40 -24.84
N VAL C 96 23.30 -18.64 -25.93
CA VAL C 96 22.24 -18.41 -26.89
C VAL C 96 22.04 -19.62 -27.78
N ILE C 97 20.81 -20.11 -27.84
CA ILE C 97 20.46 -21.27 -28.64
C ILE C 97 19.54 -20.94 -29.81
N GLY C 98 19.21 -19.66 -29.99
CA GLY C 98 18.28 -19.25 -31.03
C GLY C 98 17.60 -17.92 -30.78
N TYR C 99 16.41 -17.76 -31.33
CA TYR C 99 15.58 -16.58 -31.11
C TYR C 99 14.09 -16.94 -31.15
N MET C 100 13.29 -16.11 -30.49
CA MET C 100 11.85 -16.34 -30.37
C MET C 100 11.12 -15.27 -31.18
N PRO C 101 10.45 -15.67 -32.26
CA PRO C 101 9.58 -14.75 -32.99
C PRO C 101 8.31 -14.37 -32.25
N ILE C 102 8.11 -13.08 -32.00
CA ILE C 102 6.85 -12.56 -31.47
C ILE C 102 6.16 -11.81 -32.60
N PRO C 103 4.98 -12.26 -33.03
CA PRO C 103 4.24 -11.56 -34.08
C PRO C 103 4.10 -10.07 -33.79
N VAL C 104 4.33 -9.24 -34.81
CA VAL C 104 4.22 -7.80 -34.69
C VAL C 104 3.06 -7.31 -35.53
N GLY C 105 2.05 -6.73 -34.89
CA GLY C 105 0.94 -6.09 -35.58
C GLY C 105 1.06 -4.58 -35.44
N VAL C 106 0.24 -3.84 -36.18
CA VAL C 106 0.35 -2.39 -36.16
C VAL C 106 -1.02 -1.73 -35.96
N ALA C 107 -1.07 -0.80 -35.01
CA ALA C 107 -2.28 -0.05 -34.73
C ALA C 107 -2.07 1.40 -35.11
N GLY C 108 -3.03 1.96 -35.83
CA GLY C 108 -2.95 3.35 -36.23
C GLY C 108 -3.81 3.71 -37.43
N PRO C 109 -3.76 4.97 -37.85
CA PRO C 109 -2.89 5.98 -37.24
C PRO C 109 -3.36 6.46 -35.87
N LEU C 110 -2.39 6.79 -35.03
CA LEU C 110 -2.64 7.41 -33.75
C LEU C 110 -2.30 8.87 -33.91
N CYS C 111 -3.30 9.72 -33.79
CA CYS C 111 -3.17 11.15 -33.99
C CYS C 111 -2.81 11.78 -32.67
N LEU C 112 -1.52 12.06 -32.51
CA LEU C 112 -0.96 12.57 -31.26
C LEU C 112 -0.13 13.82 -31.54
N ASP C 113 -0.50 14.92 -30.90
CA ASP C 113 0.16 16.23 -31.06
C ASP C 113 0.43 16.61 -32.53
N GLU C 114 -0.62 16.53 -33.35
CA GLU C 114 -0.56 16.94 -34.77
C GLU C 114 0.29 16.05 -35.68
N LYS C 115 0.76 14.91 -35.17
CA LYS C 115 1.47 13.93 -35.99
C LYS C 115 0.64 12.68 -36.06
N GLU C 116 1.03 11.76 -36.93
CA GLU C 116 0.34 10.50 -37.06
C GLU C 116 1.33 9.36 -36.95
N PHE C 117 1.01 8.39 -36.11
CA PHE C 117 1.94 7.32 -35.76
C PHE C 117 1.33 5.97 -36.07
N GLN C 118 2.11 5.10 -36.68
CA GLN C 118 1.73 3.71 -36.85
C GLN C 118 2.55 2.94 -35.83
N VAL C 119 1.85 2.39 -34.84
CA VAL C 119 2.49 1.88 -33.63
C VAL C 119 2.65 0.37 -33.72
N PRO C 120 3.89 -0.11 -33.67
CA PRO C 120 4.15 -1.55 -33.68
C PRO C 120 3.92 -2.18 -32.30
N MET C 121 3.27 -3.35 -32.30
CA MET C 121 2.93 -4.03 -31.06
C MET C 121 3.25 -5.52 -31.18
N ALA C 122 4.26 -5.97 -30.44
CA ALA C 122 4.66 -7.37 -30.46
C ALA C 122 3.87 -8.13 -29.40
N THR C 123 2.91 -8.93 -29.83
CA THR C 123 2.04 -9.62 -28.89
C THR C 123 1.46 -10.91 -29.44
N THR C 124 1.04 -11.79 -28.53
CA THR C 124 0.33 -13.02 -28.89
C THR C 124 -1.01 -13.13 -28.17
N GLU C 125 -1.55 -11.99 -27.76
CA GLU C 125 -2.89 -11.96 -27.17
C GLU C 125 -3.89 -11.61 -28.27
N GLY C 126 -4.83 -12.51 -28.54
CA GLY C 126 -5.81 -12.29 -29.58
C GLY C 126 -6.58 -10.98 -29.44
N CYS C 127 -6.63 -10.21 -30.52
CA CYS C 127 -7.46 -9.00 -30.63
C CYS C 127 -6.87 -7.73 -29.99
N LEU C 128 -5.66 -7.78 -29.47
CA LEU C 128 -5.09 -6.64 -28.74
C LEU C 128 -4.75 -5.50 -29.67
N VAL C 129 -4.14 -5.81 -30.82
CA VAL C 129 -3.87 -4.81 -31.84
C VAL C 129 -5.18 -4.27 -32.45
N ALA C 130 -6.11 -5.16 -32.77
CA ALA C 130 -7.41 -4.76 -33.35
C ALA C 130 -8.14 -3.78 -32.42
N SER C 131 -8.23 -4.14 -31.14
CA SER C 131 -8.89 -3.29 -30.16
C SER C 131 -8.18 -1.96 -29.99
N THR C 132 -6.84 -2.00 -29.97
CA THR C 132 -6.06 -0.79 -29.78
C THR C 132 -6.24 0.16 -30.95
N ASN C 133 -6.26 -0.40 -32.15
CA ASN C 133 -6.50 0.31 -33.39
C ASN C 133 -7.90 0.96 -33.43
N ARG C 134 -8.89 0.32 -32.81
CA ARG C 134 -10.21 0.94 -32.68
C ARG C 134 -10.17 2.18 -31.79
N GLY C 135 -9.42 2.11 -30.70
CA GLY C 135 -9.21 3.27 -29.85
C GLY C 135 -8.51 4.40 -30.58
N CYS C 136 -7.57 4.05 -31.45
CA CYS C 136 -6.88 5.01 -32.29
C CYS C 136 -7.85 5.71 -33.23
N ARG C 137 -8.80 4.94 -33.77
CA ARG C 137 -9.76 5.47 -34.72
C ARG C 137 -10.64 6.52 -34.06
N ALA C 138 -11.13 6.23 -32.85
CA ALA C 138 -11.98 7.17 -32.14
C ALA C 138 -11.24 8.45 -31.80
N ILE C 139 -9.96 8.33 -31.46
CA ILE C 139 -9.16 9.49 -31.12
C ILE C 139 -9.02 10.41 -32.32
N GLY C 140 -8.76 9.83 -33.50
CA GLY C 140 -8.55 10.59 -34.72
C GLY C 140 -9.80 11.29 -35.22
N LEU C 141 -10.95 10.62 -35.06
CA LEU C 141 -12.25 11.20 -35.39
C LEU C 141 -12.74 12.16 -34.31
N GLY C 142 -12.00 12.23 -33.20
CA GLY C 142 -12.25 13.20 -32.15
C GLY C 142 -11.37 14.43 -32.21
N GLY C 143 -10.50 14.53 -33.21
CA GLY C 143 -9.62 15.69 -33.37
C GLY C 143 -8.22 15.49 -32.82
N GLY C 144 -7.86 14.24 -32.54
CA GLY C 144 -6.52 13.92 -32.08
C GLY C 144 -6.36 14.09 -30.58
N ALA C 145 -5.35 13.41 -30.04
CA ALA C 145 -5.01 13.45 -28.64
C ALA C 145 -3.84 14.40 -28.47
N SER C 146 -3.67 14.93 -27.27
CA SER C 146 -2.54 15.79 -26.92
C SER C 146 -1.85 15.21 -25.68
N SER C 147 -0.53 15.29 -25.63
CA SER C 147 0.25 14.82 -24.50
C SER C 147 1.35 15.80 -24.10
N ARG C 148 1.82 15.69 -22.86
CA ARG C 148 2.96 16.45 -22.37
C ARG C 148 3.83 15.54 -21.49
N VAL C 149 5.14 15.73 -21.58
CA VAL C 149 6.07 15.08 -20.68
C VAL C 149 6.22 16.02 -19.48
N LEU C 150 5.87 15.52 -18.31
CA LEU C 150 5.83 16.31 -17.09
C LEU C 150 7.16 16.29 -16.33
N ALA C 151 7.91 15.22 -16.49
CA ALA C 151 9.22 15.08 -15.84
C ALA C 151 10.04 14.00 -16.54
N ASP C 152 11.34 14.03 -16.33
CA ASP C 152 12.25 13.12 -17.00
C ASP C 152 13.46 12.87 -16.11
N GLY C 153 13.66 11.61 -15.73
CA GLY C 153 14.83 11.24 -14.95
C GLY C 153 14.75 9.81 -14.48
N MET C 154 15.64 8.98 -15.03
CA MET C 154 15.85 7.62 -14.55
C MET C 154 16.47 7.69 -13.15
N THR C 155 16.26 6.66 -12.34
CA THR C 155 16.77 6.63 -10.97
C THR C 155 17.52 5.36 -10.64
N ARG C 156 18.39 5.47 -9.65
CA ARG C 156 18.95 4.32 -8.97
C ARG C 156 18.92 4.65 -7.48
N GLY C 157 18.65 3.64 -6.66
CA GLY C 157 18.34 3.86 -5.26
C GLY C 157 19.15 2.99 -4.32
N PRO C 158 20.47 3.20 -4.26
CA PRO C 158 21.33 2.44 -3.34
C PRO C 158 20.92 2.55 -1.88
N VAL C 159 21.33 1.57 -1.08
CA VAL C 159 21.29 1.65 0.37
C VAL C 159 22.71 1.71 0.94
N VAL C 160 22.98 2.73 1.75
CA VAL C 160 24.22 2.79 2.53
C VAL C 160 23.93 2.60 4.00
N ARG C 161 24.98 2.35 4.77
CA ARG C 161 24.87 2.11 6.20
C ARG C 161 25.95 2.87 6.93
N LEU C 162 25.56 3.53 8.00
CA LEU C 162 26.50 4.19 8.89
C LEU C 162 26.46 3.47 10.22
N PRO C 163 27.41 3.72 11.11
CA PRO C 163 27.43 3.03 12.40
C PRO C 163 26.13 3.21 13.20
N ARG C 164 25.61 4.43 13.20
CA ARG C 164 24.45 4.78 14.00
C ARG C 164 23.47 5.64 13.20
N ALA C 165 22.21 5.64 13.61
CA ALA C 165 21.17 6.47 12.98
C ALA C 165 21.45 7.97 13.09
N CYS C 166 22.21 8.39 14.09
CA CYS C 166 22.63 9.79 14.21
C CYS C 166 23.59 10.17 13.09
N ASP C 167 24.41 9.21 12.69
CA ASP C 167 25.34 9.37 11.59
C ASP C 167 24.61 9.42 10.26
N SER C 168 23.73 8.45 10.00
CA SER C 168 22.93 8.47 8.77
C SER C 168 22.15 9.78 8.65
N ALA C 169 21.66 10.28 9.78
CA ALA C 169 20.97 11.57 9.82
C ALA C 169 21.91 12.71 9.46
N GLU C 170 23.15 12.64 9.94
CA GLU C 170 24.17 13.62 9.59
C GLU C 170 24.34 13.68 8.08
N VAL C 171 24.41 12.52 7.45
CA VAL C 171 24.68 12.43 6.01
C VAL C 171 23.51 12.98 5.22
N LYS C 172 22.30 12.71 5.69
CA LYS C 172 21.09 13.21 5.05
C LYS C 172 21.07 14.74 5.07
N ALA C 173 21.38 15.33 6.22
CA ALA C 173 21.41 16.79 6.37
C ALA C 173 22.50 17.39 5.48
N TRP C 174 23.60 16.66 5.33
CA TRP C 174 24.72 17.08 4.50
C TRP C 174 24.32 17.11 3.02
N LEU C 175 23.58 16.09 2.58
CA LEU C 175 23.14 15.99 1.19
C LEU C 175 22.02 17.00 0.89
N GLU C 176 21.35 17.48 1.92
CA GLU C 176 20.30 18.48 1.77
C GLU C 176 20.82 19.91 1.66
N THR C 177 22.02 20.15 2.18
CA THR C 177 22.65 21.46 2.05
C THR C 177 22.96 21.75 0.59
N SER C 178 23.02 23.03 0.24
CA SER C 178 23.41 23.47 -1.10
C SER C 178 24.84 23.01 -1.42
N GLU C 179 25.70 23.01 -0.41
CA GLU C 179 27.14 22.75 -0.61
C GLU C 179 27.41 21.27 -0.81
N GLY C 180 26.80 20.43 0.01
CA GLY C 180 26.97 18.99 -0.07
C GLY C 180 26.38 18.39 -1.34
N PHE C 181 25.22 18.88 -1.75
CA PHE C 181 24.61 18.41 -3.01
C PHE C 181 25.52 18.74 -4.18
N ALA C 182 26.02 19.97 -4.23
CA ALA C 182 26.89 20.41 -5.31
C ALA C 182 28.12 19.50 -5.49
N VAL C 183 28.72 19.07 -4.38
CA VAL C 183 29.88 18.19 -4.43
C VAL C 183 29.50 16.84 -5.03
N ILE C 184 28.38 16.28 -4.60
CA ILE C 184 27.90 14.99 -5.09
C ILE C 184 27.50 15.08 -6.56
N LYS C 185 26.90 16.21 -6.94
CA LYS C 185 26.50 16.46 -8.31
C LYS C 185 27.71 16.45 -9.25
N GLU C 186 28.80 17.07 -8.83
CA GLU C 186 29.99 17.15 -9.67
C GLU C 186 30.57 15.76 -9.95
N ALA C 187 30.59 14.89 -8.95
CA ALA C 187 31.16 13.55 -9.08
C ALA C 187 30.28 12.65 -9.95
N PHE C 188 28.97 12.80 -9.81
CA PHE C 188 27.98 12.06 -10.61
C PHE C 188 28.05 12.47 -12.09
N ASP C 189 28.09 13.78 -12.33
CA ASP C 189 28.01 14.34 -13.68
C ASP C 189 29.29 14.16 -14.47
N SER C 190 30.40 13.92 -13.79
CA SER C 190 31.69 13.73 -14.43
C SER C 190 31.80 12.41 -15.19
N THR C 191 30.91 11.47 -14.89
CA THR C 191 30.93 10.13 -15.49
C THR C 191 30.41 10.06 -16.92
N SER C 192 29.58 11.02 -17.33
CA SER C 192 28.94 10.96 -18.65
C SER C 192 28.38 12.30 -19.14
N ARG C 193 28.22 12.40 -20.46
CA ARG C 193 27.71 13.62 -21.12
C ARG C 193 26.35 14.07 -20.61
N PHE C 194 25.40 13.14 -20.57
CA PHE C 194 24.00 13.43 -20.27
C PHE C 194 23.63 13.30 -18.80
N ALA C 195 24.59 12.87 -17.97
CA ALA C 195 24.36 12.68 -16.55
C ALA C 195 24.33 14.02 -15.83
N ARG C 196 23.13 14.51 -15.53
CA ARG C 196 22.94 15.74 -14.75
C ARG C 196 22.01 15.47 -13.57
N LEU C 197 22.59 15.46 -12.38
CA LEU C 197 21.90 15.06 -11.16
C LEU C 197 20.86 16.10 -10.73
N GLN C 198 19.61 15.68 -10.66
CA GLN C 198 18.52 16.46 -10.09
C GLN C 198 18.49 16.29 -8.57
N LYS C 199 17.56 16.96 -7.89
CA LYS C 199 17.47 16.89 -6.43
C LYS C 199 17.44 15.44 -5.90
N LEU C 200 18.29 15.14 -4.91
CA LEU C 200 18.32 13.82 -4.28
C LEU C 200 17.14 13.65 -3.34
N HIS C 201 16.52 12.48 -3.40
CA HIS C 201 15.51 12.09 -2.43
C HIS C 201 16.12 11.02 -1.53
N THR C 202 15.95 11.17 -0.22
CA THR C 202 16.52 10.23 0.74
C THR C 202 15.51 9.80 1.79
N SER C 203 15.72 8.60 2.32
CA SER C 203 14.92 8.07 3.41
C SER C 203 15.84 7.32 4.38
N ILE C 204 15.65 7.56 5.68
CA ILE C 204 16.39 6.87 6.72
C ILE C 204 15.53 5.75 7.24
N ALA C 205 16.17 4.61 7.50
CA ALA C 205 15.58 3.53 8.29
C ALA C 205 16.65 3.06 9.27
N GLY C 206 16.67 3.71 10.43
CA GLY C 206 17.71 3.45 11.43
C GLY C 206 19.04 3.93 10.88
N ARG C 207 20.03 3.06 10.88
CA ARG C 207 21.35 3.44 10.38
C ARG C 207 21.48 3.26 8.87
N ASN C 208 20.43 2.74 8.23
CA ASN C 208 20.33 2.71 6.78
C ASN C 208 19.96 4.07 6.21
N LEU C 209 20.53 4.40 5.06
CA LEU C 209 20.20 5.61 4.34
C LEU C 209 20.02 5.24 2.88
N TYR C 210 18.81 5.45 2.39
CA TYR C 210 18.46 5.16 1.01
C TYR C 210 18.56 6.45 0.21
N ILE C 211 19.30 6.44 -0.88
CA ILE C 211 19.54 7.64 -1.66
C ILE C 211 19.11 7.39 -3.09
N ARG C 212 18.12 8.16 -3.52
CA ARG C 212 17.54 8.05 -4.84
C ARG C 212 18.18 9.07 -5.76
N PHE C 213 19.18 8.64 -6.52
CA PHE C 213 19.83 9.49 -7.50
C PHE C 213 18.93 9.54 -8.73
N GLN C 214 18.60 10.74 -9.21
CA GLN C 214 17.77 10.90 -10.39
C GLN C 214 18.49 11.78 -11.42
N SER C 215 18.47 11.36 -12.68
CA SER C 215 19.12 12.10 -13.74
C SER C 215 18.52 11.77 -15.11
N ARG C 216 18.47 12.78 -15.98
CA ARG C 216 18.19 12.54 -17.40
C ARG C 216 19.34 11.70 -17.95
N SER C 217 19.14 11.11 -19.13
CA SER C 217 20.10 10.18 -19.68
C SER C 217 20.16 10.26 -21.21
N GLY C 218 19.92 11.44 -21.75
CA GLY C 218 19.80 11.60 -23.19
C GLY C 218 18.61 10.80 -23.70
N ASP C 219 18.86 9.97 -24.71
CA ASP C 219 17.83 9.12 -25.31
C ASP C 219 17.87 7.68 -24.81
N ALA C 220 18.85 7.35 -23.99
CA ALA C 220 18.95 6.01 -23.41
C ALA C 220 17.94 5.90 -22.26
N MET C 221 17.54 4.68 -21.95
CA MET C 221 16.73 4.42 -20.77
C MET C 221 17.54 4.81 -19.55
N GLY C 222 18.82 4.45 -19.57
CA GLY C 222 19.82 5.01 -18.68
C GLY C 222 20.14 4.24 -17.41
N MET C 223 19.82 2.96 -17.34
CA MET C 223 20.14 2.17 -16.13
C MET C 223 21.66 2.11 -15.92
N ASN C 224 22.41 1.84 -16.99
CA ASN C 224 23.87 1.76 -16.91
C ASN C 224 24.53 3.11 -16.61
N MET C 225 24.10 4.17 -17.29
CA MET C 225 24.66 5.49 -17.06
C MET C 225 24.47 5.95 -15.62
N ILE C 226 23.26 5.82 -15.10
CA ILE C 226 22.94 6.30 -13.75
C ILE C 226 23.72 5.50 -12.69
N SER C 227 23.85 4.19 -12.91
CA SER C 227 24.65 3.34 -12.01
C SER C 227 26.09 3.82 -11.94
N LYS C 228 26.68 4.16 -13.07
CA LYS C 228 28.05 4.61 -13.14
C LYS C 228 28.21 5.93 -12.38
N GLY C 229 27.25 6.83 -12.59
CA GLY C 229 27.21 8.09 -11.86
C GLY C 229 27.02 7.90 -10.38
N THR C 230 26.19 6.92 -10.02
CA THR C 230 25.88 6.62 -8.62
C THR C 230 27.11 6.13 -7.85
N GLU C 231 27.95 5.33 -8.51
CA GLU C 231 29.13 4.75 -7.87
C GLU C 231 30.21 5.80 -7.59
N LYS C 232 30.46 6.70 -8.55
CA LYS C 232 31.44 7.77 -8.36
C LYS C 232 30.95 8.77 -7.32
N ALA C 233 29.64 9.04 -7.34
CA ALA C 233 29.01 9.93 -6.37
C ALA C 233 29.14 9.39 -4.96
N LEU C 234 28.99 8.07 -4.82
CA LEU C 234 29.07 7.42 -3.51
C LEU C 234 30.52 7.28 -3.06
N SER C 235 31.44 7.20 -4.03
CA SER C 235 32.87 7.20 -3.72
C SER C 235 33.27 8.55 -3.13
N LYS C 236 32.74 9.63 -3.71
CA LYS C 236 32.97 10.98 -3.21
C LYS C 236 32.33 11.18 -1.83
N LEU C 237 31.17 10.56 -1.62
CA LEU C 237 30.48 10.62 -0.34
C LEU C 237 31.28 9.89 0.72
N HIS C 238 32.01 8.86 0.31
CA HIS C 238 32.86 8.09 1.22
C HIS C 238 34.03 8.93 1.75
N GLU C 239 34.49 9.88 0.96
CA GLU C 239 35.59 10.77 1.36
C GLU C 239 35.19 11.70 2.50
N TYR C 240 33.93 12.12 2.50
CA TYR C 240 33.39 12.97 3.57
C TYR C 240 32.94 12.13 4.78
N PHE C 241 32.62 10.87 4.55
CA PHE C 241 32.09 9.99 5.60
C PHE C 241 32.71 8.60 5.46
N PRO C 242 33.95 8.44 5.91
CA PRO C 242 34.69 7.17 5.75
C PRO C 242 34.07 5.93 6.39
N GLU C 243 33.26 6.10 7.44
CA GLU C 243 32.61 4.97 8.11
C GLU C 243 31.40 4.42 7.34
N MET C 244 31.01 5.10 6.26
CA MET C 244 29.87 4.69 5.44
C MET C 244 30.14 3.42 4.62
N GLN C 245 29.38 2.37 4.90
CA GLN C 245 29.39 1.13 4.13
C GLN C 245 28.39 1.21 2.97
N ILE C 246 28.82 0.84 1.77
CA ILE C 246 27.92 0.70 0.63
C ILE C 246 27.39 -0.74 0.58
N LEU C 247 26.16 -0.93 1.03
CA LEU C 247 25.59 -2.26 1.16
C LEU C 247 25.22 -2.85 -0.19
N ALA C 248 24.50 -2.06 -0.99
CA ALA C 248 24.13 -2.44 -2.33
C ALA C 248 23.91 -1.18 -3.18
N VAL C 249 24.38 -1.23 -4.42
CA VAL C 249 24.25 -0.10 -5.33
C VAL C 249 22.78 0.14 -5.70
N SER C 250 21.96 -0.91 -5.57
CA SER C 250 20.53 -0.76 -5.51
C SER C 250 20.01 -1.34 -4.21
N GLY C 251 19.46 -0.48 -3.37
CA GLY C 251 18.78 -0.90 -2.16
C GLY C 251 17.28 -0.94 -2.33
N ASN C 252 16.79 -1.09 -3.57
CA ASN C 252 15.36 -1.20 -3.92
C ASN C 252 14.56 0.10 -3.75
N TYR C 253 15.27 1.21 -3.65
CA TYR C 253 14.63 2.51 -3.48
C TYR C 253 14.54 3.24 -4.80
N CYS C 254 14.87 2.56 -5.90
CA CYS C 254 14.88 3.19 -7.23
C CYS C 254 13.48 3.58 -7.73
N THR C 255 12.51 2.67 -7.81
CA THR C 255 12.62 1.23 -7.63
C THR C 255 12.46 0.58 -9.01
N ASP C 256 13.29 -0.40 -9.29
CA ASP C 256 13.40 -0.97 -10.61
C ASP C 256 12.76 -2.34 -10.66
N LYS C 257 11.79 -2.51 -11.56
CA LYS C 257 11.18 -3.80 -11.83
C LYS C 257 10.47 -4.44 -10.63
N LYS C 258 10.06 -3.60 -9.68
CA LYS C 258 9.18 -4.02 -8.57
C LYS C 258 8.13 -2.91 -8.35
N PRO C 259 6.91 -3.29 -7.99
CA PRO C 259 5.89 -2.28 -7.66
C PRO C 259 6.31 -1.45 -6.46
N ALA C 260 6.31 -0.14 -6.59
CA ALA C 260 6.65 0.74 -5.49
C ALA C 260 5.94 2.08 -5.61
N ALA C 261 5.39 2.56 -4.50
CA ALA C 261 4.70 3.84 -4.46
C ALA C 261 5.65 4.99 -4.73
N ILE C 262 6.95 4.83 -4.47
CA ILE C 262 7.87 5.91 -4.76
C ILE C 262 7.88 6.25 -6.26
N ASN C 263 7.79 5.24 -7.13
CA ASN C 263 7.72 5.51 -8.57
C ASN C 263 6.40 6.18 -8.99
N TRP C 264 5.31 5.81 -8.30
CA TRP C 264 4.00 6.41 -8.51
C TRP C 264 3.96 7.90 -8.14
N ILE C 265 4.62 8.24 -7.03
CA ILE C 265 4.50 9.58 -6.46
C ILE C 265 5.60 10.50 -6.98
N GLU C 266 6.82 10.00 -7.03
CA GLU C 266 7.97 10.76 -7.53
C GLU C 266 8.16 10.66 -9.03
N GLY C 267 7.55 9.66 -9.66
CA GLY C 267 7.85 9.34 -11.05
C GLY C 267 9.21 8.65 -11.20
N ARG C 268 9.39 7.99 -12.34
CA ARG C 268 10.65 7.38 -12.74
C ARG C 268 10.69 7.32 -14.27
N GLY C 269 11.82 7.64 -14.88
CA GLY C 269 11.89 7.77 -16.32
C GLY C 269 11.03 8.94 -16.76
N LYS C 270 10.12 8.72 -17.69
CA LYS C 270 9.23 9.80 -18.15
C LYS C 270 7.91 9.77 -17.40
N SER C 271 7.54 10.91 -16.82
CA SER C 271 6.17 11.11 -16.35
C SER C 271 5.41 11.79 -17.47
N VAL C 272 4.25 11.25 -17.84
CA VAL C 272 3.54 11.68 -19.02
C VAL C 272 2.03 11.76 -18.76
N VAL C 273 1.40 12.75 -19.38
CA VAL C 273 -0.05 12.85 -19.41
C VAL C 273 -0.48 12.90 -20.86
N CYS C 274 -1.67 12.37 -21.11
CA CYS C 274 -2.26 12.38 -22.44
C CYS C 274 -3.77 12.54 -22.31
N GLU C 275 -4.38 13.15 -23.30
CA GLU C 275 -5.79 13.47 -23.22
C GLU C 275 -6.41 13.63 -24.60
N ALA C 276 -7.72 13.39 -24.67
CA ALA C 276 -8.50 13.62 -25.87
C ALA C 276 -9.99 13.74 -25.52
N VAL C 277 -10.75 14.38 -26.41
CA VAL C 277 -12.21 14.45 -26.28
C VAL C 277 -12.83 13.69 -27.45
N ILE C 278 -13.80 12.82 -27.13
CA ILE C 278 -14.40 11.94 -28.13
C ILE C 278 -15.86 12.36 -28.27
N PRO C 279 -16.24 12.92 -29.41
CA PRO C 279 -17.63 13.30 -29.65
C PRO C 279 -18.63 12.19 -29.29
N ALA C 280 -19.82 12.57 -28.83
CA ALA C 280 -20.87 11.60 -28.51
C ALA C 280 -21.13 10.67 -29.69
N LYS C 281 -21.17 11.23 -30.89
CA LYS C 281 -21.42 10.47 -32.10
C LYS C 281 -20.37 9.39 -32.31
N VAL C 282 -19.12 9.73 -32.03
CA VAL C 282 -18.00 8.81 -32.24
C VAL C 282 -18.00 7.70 -31.18
N VAL C 283 -18.45 8.03 -29.96
CA VAL C 283 -18.56 7.03 -28.90
C VAL C 283 -19.63 5.98 -29.25
N ARG C 284 -20.70 6.41 -29.93
CA ARG C 284 -21.77 5.49 -30.34
C ARG C 284 -21.36 4.63 -31.53
N GLU C 285 -20.87 5.26 -32.60
CA GLU C 285 -20.66 4.59 -33.88
C GLU C 285 -19.38 3.74 -33.91
N VAL C 286 -18.33 4.24 -33.28
CA VAL C 286 -17.02 3.55 -33.27
C VAL C 286 -16.86 2.66 -32.04
N LEU C 287 -17.30 3.13 -30.88
CA LEU C 287 -17.09 2.43 -29.61
C LEU C 287 -18.32 1.67 -29.10
N LYS C 288 -19.45 1.81 -29.78
CA LYS C 288 -20.65 1.01 -29.53
C LYS C 288 -21.21 1.16 -28.10
N THR C 289 -21.11 2.36 -27.54
CA THR C 289 -21.62 2.64 -26.21
C THR C 289 -21.96 4.14 -26.07
N THR C 290 -22.12 4.63 -24.84
CA THR C 290 -22.36 6.05 -24.59
C THR C 290 -21.30 6.63 -23.66
N THR C 291 -21.20 7.95 -23.66
CA THR C 291 -20.30 8.65 -22.76
C THR C 291 -20.64 8.36 -21.29
N GLU C 292 -21.92 8.28 -20.98
CA GLU C 292 -22.39 8.07 -19.61
C GLU C 292 -22.02 6.66 -19.13
N ALA C 293 -22.09 5.67 -20.01
CA ALA C 293 -21.74 4.30 -19.65
C ALA C 293 -20.23 4.15 -19.43
N MET C 294 -19.43 4.84 -20.24
CA MET C 294 -17.97 4.82 -20.15
C MET C 294 -17.51 5.39 -18.83
N ILE C 295 -18.11 6.51 -18.43
CA ILE C 295 -17.78 7.18 -17.19
C ILE C 295 -18.11 6.27 -16.01
N GLU C 296 -19.32 5.74 -16.00
CA GLU C 296 -19.76 4.85 -14.92
C GLU C 296 -18.82 3.66 -14.73
N VAL C 297 -18.33 3.10 -15.83
CA VAL C 297 -17.42 1.96 -15.76
C VAL C 297 -16.04 2.43 -15.27
N ASN C 298 -15.54 3.54 -15.79
CA ASN C 298 -14.22 4.03 -15.38
C ASN C 298 -14.15 4.31 -13.90
N ILE C 299 -15.14 5.04 -13.39
CA ILE C 299 -15.19 5.33 -11.97
C ILE C 299 -15.18 4.02 -11.15
N ASN C 300 -16.05 3.09 -11.49
CA ASN C 300 -16.28 1.93 -10.63
C ASN C 300 -15.36 0.74 -10.89
N LYS C 301 -14.63 0.77 -12.01
CA LYS C 301 -13.63 -0.24 -12.33
C LYS C 301 -12.27 0.33 -11.99
N ASN C 302 -11.87 1.37 -12.73
CA ASN C 302 -10.50 1.89 -12.62
C ASN C 302 -10.19 2.71 -11.37
N LEU C 303 -11.20 3.25 -10.70
CA LEU C 303 -10.96 3.89 -9.41
C LEU C 303 -11.39 3.00 -8.25
N VAL C 304 -12.69 2.70 -8.17
CA VAL C 304 -13.23 2.05 -7.00
C VAL C 304 -12.76 0.60 -6.93
N GLY C 305 -12.78 -0.10 -8.06
CA GLY C 305 -12.43 -1.50 -8.13
C GLY C 305 -10.96 -1.70 -7.80
N SER C 306 -10.12 -0.89 -8.41
CA SER C 306 -8.70 -0.91 -8.12
C SER C 306 -8.44 -0.59 -6.66
N ALA C 307 -9.23 0.33 -6.11
CA ALA C 307 -9.15 0.69 -4.68
C ALA C 307 -9.51 -0.48 -3.77
N MET C 308 -10.58 -1.20 -4.09
CA MET C 308 -11.04 -2.34 -3.31
C MET C 308 -10.03 -3.48 -3.38
N ALA C 309 -9.32 -3.57 -4.51
CA ALA C 309 -8.34 -4.63 -4.73
C ALA C 309 -6.99 -4.27 -4.10
N GLY C 310 -6.84 -3.05 -3.61
CA GLY C 310 -5.63 -2.63 -2.95
C GLY C 310 -4.54 -2.30 -3.95
N SER C 311 -4.89 -1.53 -4.97
CA SER C 311 -3.93 -1.14 -5.99
C SER C 311 -3.16 0.11 -5.63
N ILE C 312 -1.86 0.08 -5.84
CA ILE C 312 -1.03 1.28 -5.87
C ILE C 312 -0.58 1.49 -7.31
N GLY C 313 -1.13 2.50 -7.97
CA GLY C 313 -0.73 2.86 -9.33
C GLY C 313 -1.38 2.07 -10.46
N GLY C 314 -2.36 1.23 -10.13
CA GLY C 314 -3.00 0.37 -11.11
C GLY C 314 -4.43 0.79 -11.35
N TYR C 315 -4.65 2.10 -11.55
CA TYR C 315 -5.98 2.66 -11.76
C TYR C 315 -6.30 2.80 -13.23
N ASN C 316 -6.22 1.67 -13.92
CA ASN C 316 -6.40 1.62 -15.35
C ASN C 316 -6.91 0.24 -15.74
N ALA C 317 -7.33 0.07 -16.98
CA ALA C 317 -7.86 -1.20 -17.45
C ALA C 317 -6.77 -2.19 -17.86
N HIS C 318 -5.95 -1.80 -18.84
CA HIS C 318 -4.89 -2.69 -19.35
C HIS C 318 -3.71 -1.98 -19.99
N ALA C 319 -3.26 -0.90 -19.35
CA ALA C 319 -2.05 -0.21 -19.78
C ALA C 319 -0.91 -1.18 -20.02
N ALA C 320 -0.79 -2.19 -19.17
CA ALA C 320 0.32 -3.15 -19.27
C ALA C 320 0.36 -3.89 -20.60
N ASN C 321 -0.80 -4.21 -21.17
CA ASN C 321 -0.86 -4.85 -22.48
C ASN C 321 -0.22 -4.03 -23.57
N ILE C 322 -0.52 -2.73 -23.59
CA ILE C 322 0.02 -1.84 -24.62
C ILE C 322 1.49 -1.56 -24.34
N VAL C 323 1.82 -1.23 -23.10
CA VAL C 323 3.22 -1.00 -22.72
C VAL C 323 4.10 -2.18 -23.12
N THR C 324 3.67 -3.39 -22.80
CA THR C 324 4.46 -4.59 -23.05
C THR C 324 4.69 -4.86 -24.52
N ALA C 325 3.64 -4.73 -25.34
CA ALA C 325 3.75 -4.98 -26.76
C ALA C 325 4.61 -3.96 -27.48
N ILE C 326 4.47 -2.68 -27.12
CA ILE C 326 5.35 -1.68 -27.69
C ILE C 326 6.77 -1.93 -27.20
N TYR C 327 6.91 -2.33 -25.94
CA TYR C 327 8.24 -2.56 -25.36
C TYR C 327 8.98 -3.70 -26.09
N ILE C 328 8.27 -4.77 -26.41
CA ILE C 328 8.90 -5.92 -27.04
C ILE C 328 9.28 -5.58 -28.48
N ALA C 329 8.41 -4.85 -29.16
CA ALA C 329 8.64 -4.44 -30.54
C ALA C 329 9.81 -3.46 -30.67
N CYS C 330 9.92 -2.53 -29.72
CA CYS C 330 10.80 -1.40 -29.88
C CYS C 330 12.10 -1.53 -29.08
N GLY C 331 12.43 -2.75 -28.65
CA GLY C 331 13.71 -3.03 -28.03
C GLY C 331 13.87 -2.57 -26.61
N GLN C 332 12.75 -2.41 -25.90
CA GLN C 332 12.77 -1.98 -24.53
C GLN C 332 12.98 -3.17 -23.59
N ASP C 333 13.14 -2.87 -22.31
CA ASP C 333 13.22 -3.90 -21.29
C ASP C 333 11.78 -4.17 -20.87
N ALA C 334 11.25 -5.29 -21.34
CA ALA C 334 9.85 -5.64 -21.09
C ALA C 334 9.59 -5.98 -19.61
N ALA C 335 10.64 -6.29 -18.85
CA ALA C 335 10.52 -6.48 -17.40
C ALA C 335 10.11 -5.19 -16.71
N GLN C 336 10.48 -4.07 -17.31
CA GLN C 336 10.14 -2.76 -16.76
C GLN C 336 8.67 -2.39 -17.00
N ASN C 337 7.90 -3.29 -17.61
CA ASN C 337 6.45 -3.12 -17.67
C ASN C 337 5.85 -3.00 -16.27
N VAL C 338 6.50 -3.59 -15.28
CA VAL C 338 6.02 -3.52 -13.89
C VAL C 338 5.75 -2.07 -13.47
N GLY C 339 6.80 -1.23 -13.49
CA GLY C 339 6.65 0.19 -13.15
C GLY C 339 6.14 1.09 -14.29
N SER C 340 6.43 0.71 -15.53
CA SER C 340 6.06 1.53 -16.69
C SER C 340 4.57 1.49 -17.02
N SER C 341 3.90 0.44 -16.58
CA SER C 341 2.46 0.30 -16.77
C SER C 341 1.63 1.10 -15.76
N ASN C 342 2.29 1.73 -14.77
CA ASN C 342 1.60 2.62 -13.83
C ASN C 342 0.78 3.65 -14.61
N CYS C 343 -0.50 3.74 -14.27
CA CYS C 343 -1.42 4.55 -15.04
C CYS C 343 -2.71 4.81 -14.29
N ILE C 344 -3.19 6.04 -14.34
CA ILE C 344 -4.54 6.35 -13.93
C ILE C 344 -5.31 6.90 -15.13
N THR C 345 -6.44 6.26 -15.41
CA THR C 345 -7.27 6.59 -16.54
C THR C 345 -8.49 7.30 -15.99
N LEU C 346 -8.65 8.57 -16.36
CA LEU C 346 -9.81 9.37 -15.98
C LEU C 346 -10.75 9.64 -17.17
N MET C 347 -12.03 9.65 -16.86
CA MET C 347 -13.06 9.95 -17.85
C MET C 347 -14.10 10.85 -17.23
N GLU C 348 -14.46 11.90 -17.95
CA GLU C 348 -15.56 12.75 -17.54
C GLU C 348 -16.31 13.32 -18.73
N ALA C 349 -17.54 13.74 -18.48
CA ALA C 349 -18.40 14.33 -19.50
C ALA C 349 -17.86 15.68 -19.91
N SER C 350 -18.10 16.03 -21.18
CA SER C 350 -17.56 17.25 -21.79
C SER C 350 -18.51 17.82 -22.83
N GLY C 351 -18.23 19.05 -23.24
CA GLY C 351 -19.01 19.70 -24.30
C GLY C 351 -20.26 20.36 -23.79
N PRO C 352 -20.97 21.04 -24.69
CA PRO C 352 -22.17 21.82 -24.36
C PRO C 352 -23.16 21.12 -23.45
N THR C 353 -23.45 19.86 -23.75
CA THR C 353 -24.50 19.12 -23.05
C THR C 353 -23.96 17.88 -22.32
N ASN C 354 -22.71 17.96 -21.85
CA ASN C 354 -22.07 16.86 -21.14
C ASN C 354 -22.23 15.51 -21.83
N GLU C 355 -22.16 15.51 -23.17
CA GLU C 355 -22.40 14.31 -23.97
C GLU C 355 -21.13 13.76 -24.63
N ASP C 356 -20.07 14.57 -24.69
CA ASP C 356 -18.79 14.14 -25.24
C ASP C 356 -17.90 13.56 -24.13
N LEU C 357 -16.91 12.77 -24.53
CA LEU C 357 -16.09 12.01 -23.59
C LEU C 357 -14.69 12.57 -23.48
N TYR C 358 -14.42 13.31 -22.41
CA TYR C 358 -13.05 13.63 -22.03
C TYR C 358 -12.39 12.42 -21.39
N ILE C 359 -11.25 12.01 -21.95
CA ILE C 359 -10.42 10.94 -21.41
C ILE C 359 -8.98 11.40 -21.27
N SER C 360 -8.35 11.02 -20.15
CA SER C 360 -6.91 11.22 -19.98
C SER C 360 -6.26 10.01 -19.29
N CYS C 361 -5.04 9.70 -19.70
CA CYS C 361 -4.21 8.75 -18.97
C CYS C 361 -3.01 9.48 -18.44
N THR C 362 -2.64 9.19 -17.21
CA THR C 362 -1.46 9.78 -16.58
C THR C 362 -0.55 8.65 -16.11
N MET C 363 0.64 8.61 -16.68
CA MET C 363 1.59 7.54 -16.48
C MET C 363 2.89 8.12 -15.95
N PRO C 364 3.05 8.15 -14.63
CA PRO C 364 4.19 8.83 -14.01
C PRO C 364 5.56 8.17 -14.14
N SER C 365 5.65 6.91 -14.56
CA SER C 365 6.93 6.24 -14.57
C SER C 365 7.16 5.34 -15.79
N ILE C 366 7.18 5.95 -16.96
CA ILE C 366 7.48 5.26 -18.21
C ILE C 366 8.99 5.20 -18.41
N GLU C 367 9.54 4.01 -18.23
CA GLU C 367 10.97 3.79 -18.31
C GLU C 367 11.32 3.29 -19.70
N ILE C 368 12.08 4.10 -20.43
CA ILE C 368 12.13 3.99 -21.88
C ILE C 368 13.36 4.67 -22.51
N GLY C 369 13.90 4.06 -23.55
CA GLY C 369 14.98 4.65 -24.35
C GLY C 369 14.94 4.25 -25.82
N THR C 370 15.62 5.02 -26.66
CA THR C 370 15.73 4.73 -28.09
C THR C 370 17.16 4.40 -28.54
N VAL C 371 18.10 4.46 -27.59
CA VAL C 371 19.47 4.00 -27.76
C VAL C 371 19.82 3.02 -26.63
N GLY C 372 20.59 1.98 -26.95
CA GLY C 372 21.03 1.00 -25.96
C GLY C 372 20.12 -0.21 -25.85
N GLY C 373 20.66 -1.31 -25.31
CA GLY C 373 19.89 -2.51 -25.03
C GLY C 373 19.33 -3.16 -26.29
N GLY C 374 18.07 -3.55 -26.24
CA GLY C 374 17.37 -4.11 -27.39
C GLY C 374 17.25 -3.19 -28.59
N THR C 375 17.39 -1.88 -28.37
CA THR C 375 17.34 -0.91 -29.49
C THR C 375 18.62 -0.89 -30.35
N ASN C 376 19.65 -1.63 -29.95
CA ASN C 376 20.83 -1.84 -30.79
C ASN C 376 20.56 -2.83 -31.91
N LEU C 377 19.54 -3.67 -31.72
CA LEU C 377 19.21 -4.72 -32.67
C LEU C 377 18.35 -4.16 -33.80
N LEU C 378 18.50 -4.72 -35.00
CA LEU C 378 17.99 -4.09 -36.22
C LEU C 378 16.48 -4.22 -36.43
N PRO C 379 15.88 -5.37 -36.13
CA PRO C 379 14.42 -5.47 -36.14
C PRO C 379 13.77 -4.48 -35.17
N GLN C 380 14.38 -4.34 -34.00
CA GLN C 380 13.88 -3.40 -32.99
C GLN C 380 14.07 -1.95 -33.47
N GLN C 381 15.11 -1.70 -34.27
CA GLN C 381 15.35 -0.37 -34.82
C GLN C 381 14.37 -0.07 -35.94
N ALA C 382 13.95 -1.10 -36.65
CA ALA C 382 12.96 -0.92 -37.71
C ALA C 382 11.67 -0.36 -37.10
N CYS C 383 11.22 -0.93 -35.98
CA CYS C 383 10.01 -0.49 -35.32
C CYS C 383 10.14 0.91 -34.74
N LEU C 384 11.31 1.21 -34.19
CA LEU C 384 11.62 2.56 -33.72
C LEU C 384 11.63 3.55 -34.89
N GLN C 385 12.08 3.08 -36.05
CA GLN C 385 12.13 3.91 -37.26
C GLN C 385 10.74 4.19 -37.83
N MET C 386 9.82 3.24 -37.72
CA MET C 386 8.42 3.48 -38.09
C MET C 386 7.90 4.72 -37.36
N LEU C 387 8.26 4.84 -36.08
CA LEU C 387 7.79 5.92 -35.22
C LEU C 387 8.60 7.21 -35.32
N GLY C 388 9.71 7.17 -36.04
CA GLY C 388 10.54 8.34 -36.28
C GLY C 388 11.38 8.70 -35.06
N VAL C 389 11.65 7.72 -34.21
CA VAL C 389 12.34 7.94 -32.93
C VAL C 389 13.55 7.04 -32.73
N GLN C 390 14.00 6.36 -33.78
CA GLN C 390 15.15 5.47 -33.67
C GLN C 390 16.44 6.23 -33.36
N GLY C 391 17.19 5.72 -32.39
CA GLY C 391 18.49 6.25 -32.04
C GLY C 391 18.46 7.57 -31.30
N ALA C 392 19.63 8.19 -31.16
CA ALA C 392 19.76 9.49 -30.52
C ALA C 392 19.25 10.62 -31.42
N CYS C 393 18.77 11.69 -30.78
CA CYS C 393 18.45 12.94 -31.45
C CYS C 393 19.58 13.93 -31.22
N LYS C 394 20.25 14.30 -32.32
CA LYS C 394 21.39 15.22 -32.29
C LYS C 394 21.01 16.63 -31.81
N ASP C 395 19.96 17.19 -32.38
CA ASP C 395 19.60 18.60 -32.12
C ASP C 395 18.94 18.82 -30.77
N ASN C 396 18.39 17.76 -30.18
CA ASN C 396 17.59 17.88 -28.98
C ASN C 396 17.71 16.59 -28.16
N PRO C 397 18.87 16.37 -27.55
CA PRO C 397 19.13 15.14 -26.78
C PRO C 397 18.00 14.79 -25.82
N GLY C 398 17.48 13.56 -25.96
CA GLY C 398 16.38 13.08 -25.16
C GLY C 398 15.01 13.20 -25.83
N GLU C 399 14.95 13.77 -27.02
CA GLU C 399 13.68 14.10 -27.68
C GLU C 399 13.03 12.89 -28.34
N ASN C 400 13.85 11.94 -28.81
CA ASN C 400 13.33 10.69 -29.34
C ASN C 400 12.73 9.82 -28.22
N ALA C 401 13.41 9.76 -27.07
CA ALA C 401 12.92 9.01 -25.92
C ALA C 401 11.67 9.64 -25.32
N ARG C 402 11.58 10.96 -25.36
CA ARG C 402 10.41 11.69 -24.88
C ARG C 402 9.22 11.41 -25.79
N GLN C 403 9.50 11.39 -27.09
CA GLN C 403 8.46 11.17 -28.09
C GLN C 403 7.89 9.76 -28.01
N LEU C 404 8.75 8.76 -27.82
CA LEU C 404 8.31 7.38 -27.69
C LEU C 404 7.46 7.22 -26.42
N ALA C 405 7.86 7.87 -25.34
CA ALA C 405 7.08 7.87 -24.11
C ALA C 405 5.70 8.47 -24.32
N ARG C 406 5.64 9.54 -25.10
CA ARG C 406 4.36 10.19 -25.43
C ARG C 406 3.50 9.26 -26.28
N ILE C 407 4.14 8.54 -27.20
CA ILE C 407 3.47 7.54 -28.04
C ILE C 407 2.91 6.40 -27.18
N VAL C 408 3.72 5.92 -26.24
CA VAL C 408 3.30 4.86 -25.32
C VAL C 408 2.04 5.30 -24.58
N CYS C 409 2.10 6.46 -23.95
CA CYS C 409 0.97 6.99 -23.19
C CYS C 409 -0.26 7.23 -24.06
N GLY C 410 -0.03 7.71 -25.28
CA GLY C 410 -1.10 7.97 -26.21
C GLY C 410 -1.74 6.67 -26.66
N THR C 411 -0.92 5.66 -26.90
CA THR C 411 -1.38 4.36 -27.35
C THR C 411 -2.10 3.62 -26.20
N VAL C 412 -1.62 3.82 -24.98
CA VAL C 412 -2.27 3.26 -23.81
C VAL C 412 -3.68 3.84 -23.74
N MET C 413 -3.80 5.15 -23.97
CA MET C 413 -5.11 5.81 -23.93
C MET C 413 -6.06 5.24 -24.98
N ALA C 414 -5.57 4.99 -26.20
CA ALA C 414 -6.34 4.30 -27.25
C ALA C 414 -6.81 2.93 -26.77
N GLY C 415 -5.89 2.18 -26.15
CA GLY C 415 -6.20 0.89 -25.59
C GLY C 415 -7.26 0.98 -24.51
N GLU C 416 -7.15 1.99 -23.65
CA GLU C 416 -8.14 2.21 -22.60
C GLU C 416 -9.51 2.53 -23.16
N LEU C 417 -9.56 3.33 -24.21
CA LEU C 417 -10.83 3.77 -24.77
C LEU C 417 -11.58 2.54 -25.25
N SER C 418 -10.92 1.74 -26.07
CA SER C 418 -11.53 0.60 -26.72
C SER C 418 -11.92 -0.50 -25.74
N LEU C 419 -11.03 -0.89 -24.83
CA LEU C 419 -11.39 -1.92 -23.87
C LEU C 419 -12.49 -1.44 -22.90
N MET C 420 -12.42 -0.19 -22.45
CA MET C 420 -13.40 0.32 -21.52
C MET C 420 -14.76 0.43 -22.18
N ALA C 421 -14.75 0.61 -23.50
CA ALA C 421 -15.96 0.62 -24.30
C ALA C 421 -16.50 -0.78 -24.49
N ALA C 422 -15.62 -1.75 -24.70
CA ALA C 422 -16.05 -3.14 -24.87
C ALA C 422 -16.70 -3.67 -23.59
N LEU C 423 -16.14 -3.31 -22.44
CA LEU C 423 -16.68 -3.70 -21.15
C LEU C 423 -18.00 -2.99 -20.84
N ALA C 424 -18.12 -1.73 -21.27
CA ALA C 424 -19.32 -0.92 -21.01
C ALA C 424 -20.53 -1.42 -21.81
N ALA C 425 -20.28 -1.97 -22.99
CA ALA C 425 -21.32 -2.44 -23.90
C ALA C 425 -21.75 -3.87 -23.62
N GLY C 426 -20.84 -4.67 -23.05
CA GLY C 426 -21.16 -6.00 -22.55
C GLY C 426 -21.47 -7.02 -23.64
N GLY D 24 -7.35 -16.10 -59.04
CA GLY D 24 -7.84 -15.01 -58.14
C GLY D 24 -6.80 -13.91 -57.96
N ALA D 25 -6.26 -13.80 -56.75
CA ALA D 25 -5.23 -12.80 -56.44
C ALA D 25 -3.86 -13.18 -57.02
N LYS D 26 -3.65 -14.47 -57.28
CA LYS D 26 -2.37 -14.96 -57.79
C LYS D 26 -2.02 -14.41 -59.18
N PHE D 27 -3.03 -14.05 -59.96
CA PHE D 27 -2.82 -13.48 -61.31
C PHE D 27 -2.62 -11.96 -61.26
N LEU D 28 -3.17 -11.32 -60.23
CA LEU D 28 -2.91 -9.90 -59.95
C LEU D 28 -1.51 -9.72 -59.38
N SER D 29 -1.07 -8.47 -59.32
CA SER D 29 0.22 -8.14 -58.72
C SER D 29 0.00 -7.41 -57.38
N ASP D 30 1.08 -7.29 -56.60
CA ASP D 30 1.02 -6.61 -55.30
C ASP D 30 0.60 -5.14 -55.49
N ALA D 31 1.20 -4.48 -56.47
CA ALA D 31 0.92 -3.08 -56.79
C ALA D 31 -0.55 -2.80 -57.15
N GLU D 32 -1.23 -3.80 -57.71
CA GLU D 32 -2.60 -3.66 -58.19
C GLU D 32 -3.68 -3.89 -57.11
N ILE D 33 -3.43 -4.81 -56.19
CA ILE D 33 -4.39 -5.13 -55.12
C ILE D 33 -4.50 -3.99 -54.13
N ILE D 34 -3.38 -3.33 -53.90
CA ILE D 34 -3.33 -2.12 -53.06
C ILE D 34 -4.16 -1.01 -53.68
N GLN D 35 -4.13 -0.91 -55.02
CA GLN D 35 -4.94 0.08 -55.76
C GLN D 35 -6.43 0.01 -55.40
N LEU D 36 -6.91 -1.18 -55.10
CA LEU D 36 -8.32 -1.41 -54.75
C LEU D 36 -8.64 -1.03 -53.30
N VAL D 37 -7.76 -1.40 -52.37
CA VAL D 37 -7.98 -1.11 -50.95
C VAL D 37 -7.88 0.40 -50.68
N ASN D 38 -7.00 1.07 -51.40
CA ASN D 38 -6.85 2.53 -51.34
C ASN D 38 -8.11 3.23 -51.85
N ALA D 39 -8.73 2.66 -52.90
CA ALA D 39 -9.96 3.22 -53.48
C ALA D 39 -11.22 2.92 -52.66
N LYS D 40 -11.07 2.17 -51.56
CA LYS D 40 -12.16 1.83 -50.63
C LYS D 40 -13.20 0.85 -51.21
N HIS D 41 -12.82 0.17 -52.29
CA HIS D 41 -13.65 -0.84 -52.93
C HIS D 41 -13.41 -2.23 -52.32
N ILE D 42 -12.94 -2.28 -51.07
CA ILE D 42 -12.55 -3.54 -50.42
C ILE D 42 -11.99 -3.26 -49.01
N LEU D 50 -8.94 -13.53 -47.52
CA LEU D 50 -9.10 -12.66 -48.68
C LEU D 50 -8.06 -13.02 -49.75
N ILE D 51 -6.80 -13.01 -49.34
CA ILE D 51 -5.70 -13.45 -50.19
C ILE D 51 -5.43 -14.93 -49.88
N GLU D 52 -4.90 -15.67 -50.85
CA GLU D 52 -4.89 -17.14 -50.80
C GLU D 52 -3.70 -17.77 -50.04
N THR D 53 -2.76 -16.95 -49.61
CA THR D 53 -1.56 -17.41 -48.89
C THR D 53 -1.27 -16.45 -47.74
N HIS D 54 -0.92 -16.99 -46.58
CA HIS D 54 -0.76 -16.17 -45.37
C HIS D 54 0.43 -15.22 -45.47
N GLU D 55 1.57 -15.74 -45.94
CA GLU D 55 2.78 -14.93 -46.08
C GLU D 55 2.64 -13.75 -47.04
N ARG D 56 1.75 -13.87 -48.04
CA ARG D 56 1.53 -12.79 -49.00
C ARG D 56 0.62 -11.72 -48.42
N GLY D 57 -0.35 -12.13 -47.59
CA GLY D 57 -1.19 -11.20 -46.86
C GLY D 57 -0.35 -10.28 -45.99
N VAL D 58 0.73 -10.81 -45.43
CA VAL D 58 1.67 -10.03 -44.64
C VAL D 58 2.45 -9.05 -45.53
N SER D 59 2.86 -9.52 -46.71
CA SER D 59 3.59 -8.67 -47.65
C SER D 59 2.78 -7.45 -48.07
N ILE D 60 1.52 -7.69 -48.43
CA ILE D 60 0.61 -6.63 -48.88
C ILE D 60 0.27 -5.66 -47.75
N ARG D 61 0.26 -6.16 -46.51
CA ARG D 61 -0.03 -5.30 -45.37
C ARG D 61 1.15 -4.39 -45.11
N ARG D 62 2.37 -4.93 -45.25
CA ARG D 62 3.60 -4.17 -45.11
C ARG D 62 3.67 -3.04 -46.13
N GLN D 63 3.14 -3.28 -47.32
CA GLN D 63 3.21 -2.31 -48.41
C GLN D 63 2.15 -1.23 -48.25
N LEU D 64 0.98 -1.60 -47.72
CA LEU D 64 -0.04 -0.63 -47.37
C LEU D 64 0.46 0.30 -46.27
N LEU D 65 0.97 -0.32 -45.19
CA LEU D 65 1.57 0.42 -44.08
C LEU D 65 2.72 1.29 -44.57
N SER D 66 3.54 0.74 -45.47
CA SER D 66 4.71 1.42 -46.02
C SER D 66 4.38 2.78 -46.62
N LYS D 67 3.22 2.89 -47.26
CA LYS D 67 2.79 4.12 -47.91
C LYS D 67 2.44 5.26 -46.94
N LYS D 68 2.21 4.91 -45.66
CA LYS D 68 1.83 5.88 -44.63
C LYS D 68 3.01 6.39 -43.80
N LEU D 69 4.20 5.79 -43.96
CA LEU D 69 5.36 6.17 -43.16
C LEU D 69 6.25 7.19 -43.86
N SER D 70 6.89 8.06 -43.08
CA SER D 70 7.83 9.02 -43.62
C SER D 70 9.06 8.28 -44.18
N GLU D 71 9.52 7.25 -43.46
CA GLU D 71 10.58 6.36 -43.92
C GLU D 71 10.00 4.96 -44.23
N PRO D 72 9.54 4.73 -45.47
CA PRO D 72 9.07 3.39 -45.85
C PRO D 72 10.13 2.30 -45.80
N SER D 73 11.39 2.66 -46.00
CA SER D 73 12.50 1.69 -45.93
C SER D 73 12.82 1.24 -44.50
N SER D 74 12.19 1.87 -43.52
CA SER D 74 12.27 1.39 -42.13
C SER D 74 11.89 -0.08 -41.96
N LEU D 75 10.97 -0.57 -42.79
CA LEU D 75 10.45 -1.94 -42.70
C LEU D 75 11.40 -3.04 -43.18
N GLN D 76 12.43 -2.68 -43.95
CA GLN D 76 13.26 -3.67 -44.63
C GLN D 76 14.02 -4.64 -43.75
N TYR D 77 14.29 -4.25 -42.50
CA TYR D 77 15.01 -5.13 -41.56
C TYR D 77 14.12 -5.71 -40.47
N LEU D 78 12.84 -5.36 -40.48
CA LEU D 78 11.84 -6.07 -39.71
C LEU D 78 11.48 -7.34 -40.48
N PRO D 79 11.95 -8.51 -40.02
CA PRO D 79 11.79 -9.73 -40.82
C PRO D 79 10.34 -10.15 -40.88
N TYR D 80 9.99 -10.96 -41.87
CA TYR D 80 8.64 -11.48 -42.02
C TYR D 80 8.56 -12.82 -42.76
N ARG D 81 9.57 -13.13 -43.58
CA ARG D 81 9.55 -14.31 -44.43
C ARG D 81 9.65 -15.61 -43.65
N ASP D 82 9.10 -16.67 -44.25
CA ASP D 82 9.17 -18.04 -43.74
C ASP D 82 8.82 -18.17 -42.26
N TYR D 83 7.76 -17.48 -41.85
CA TYR D 83 7.20 -17.66 -40.53
C TYR D 83 5.81 -18.26 -40.69
N ASN D 84 5.41 -19.12 -39.75
CA ASN D 84 4.13 -19.80 -39.82
C ASN D 84 2.99 -18.92 -39.31
N TYR D 85 2.43 -18.12 -40.21
CA TYR D 85 1.38 -17.17 -39.85
C TYR D 85 0.01 -17.84 -39.68
N SER D 86 -0.14 -19.08 -40.12
CA SER D 86 -1.41 -19.81 -39.97
C SER D 86 -1.81 -20.00 -38.50
N LEU D 87 -0.83 -20.24 -37.63
CA LEU D 87 -1.07 -20.44 -36.20
C LEU D 87 -1.38 -19.13 -35.48
N VAL D 88 -1.08 -18.01 -36.14
CA VAL D 88 -1.32 -16.67 -35.60
C VAL D 88 -2.67 -16.09 -36.05
N MET D 89 -3.07 -16.33 -37.29
CA MET D 89 -4.13 -15.54 -37.92
C MET D 89 -5.52 -15.91 -37.41
N GLY D 90 -6.00 -15.16 -36.43
CA GLY D 90 -7.32 -15.36 -35.84
C GLY D 90 -7.29 -15.44 -34.33
N ALA D 91 -6.20 -16.03 -33.80
CA ALA D 91 -6.08 -16.34 -32.37
C ALA D 91 -5.13 -15.44 -31.58
N CYS D 92 -4.10 -14.88 -32.23
CA CYS D 92 -3.01 -14.18 -31.54
C CYS D 92 -2.84 -12.69 -31.89
N CYS D 93 -3.05 -12.30 -33.15
CA CYS D 93 -2.59 -10.98 -33.62
C CYS D 93 -3.25 -10.49 -34.93
N GLU D 94 -3.50 -9.17 -35.02
CA GLU D 94 -4.16 -8.56 -36.18
C GLU D 94 -3.28 -7.48 -36.84
N ASN D 95 -3.48 -7.29 -38.15
CA ASN D 95 -2.64 -6.39 -38.95
C ASN D 95 -1.15 -6.74 -38.82
N VAL D 96 -0.84 -8.02 -38.94
CA VAL D 96 0.51 -8.54 -38.75
C VAL D 96 1.38 -8.17 -39.94
N ILE D 97 2.57 -7.65 -39.66
CA ILE D 97 3.50 -7.19 -40.70
C ILE D 97 4.86 -7.88 -40.64
N GLY D 98 5.00 -8.87 -39.75
CA GLY D 98 6.29 -9.48 -39.48
C GLY D 98 6.38 -10.04 -38.08
N TYR D 99 7.61 -10.20 -37.60
CA TYR D 99 7.83 -10.68 -36.25
C TYR D 99 9.08 -10.06 -35.65
N MET D 100 9.17 -10.10 -34.33
CA MET D 100 10.26 -9.47 -33.59
C MET D 100 11.11 -10.55 -32.93
N PRO D 101 12.28 -10.84 -33.48
CA PRO D 101 13.12 -11.91 -32.92
C PRO D 101 13.73 -11.44 -31.61
N ILE D 102 13.57 -12.24 -30.56
CA ILE D 102 14.14 -11.96 -29.25
C ILE D 102 15.15 -13.07 -28.96
N PRO D 103 16.41 -12.73 -28.75
CA PRO D 103 17.42 -13.75 -28.46
C PRO D 103 17.06 -14.63 -27.28
N VAL D 104 17.17 -15.95 -27.45
CA VAL D 104 16.89 -16.92 -26.40
C VAL D 104 18.19 -17.53 -25.90
N GLY D 105 18.43 -17.39 -24.61
CA GLY D 105 19.54 -18.01 -23.90
C GLY D 105 19.04 -19.09 -22.96
N VAL D 106 19.95 -19.92 -22.48
CA VAL D 106 19.62 -21.05 -21.63
C VAL D 106 20.41 -20.99 -20.31
N ALA D 107 19.68 -21.05 -19.20
CA ALA D 107 20.25 -21.17 -17.87
C ALA D 107 19.93 -22.55 -17.31
N GLY D 108 20.95 -23.23 -16.81
CA GLY D 108 20.78 -24.58 -16.29
C GLY D 108 22.05 -25.40 -16.39
N PRO D 109 22.03 -26.62 -15.87
CA PRO D 109 20.80 -27.25 -15.36
C PRO D 109 20.35 -26.62 -14.04
N LEU D 110 19.04 -26.42 -13.91
CA LEU D 110 18.43 -26.06 -12.65
C LEU D 110 17.95 -27.35 -12.00
N CYS D 111 18.59 -27.72 -10.88
CA CYS D 111 18.19 -28.91 -10.13
C CYS D 111 17.02 -28.56 -9.25
N LEU D 112 15.84 -29.04 -9.62
CA LEU D 112 14.61 -28.68 -8.96
C LEU D 112 13.74 -29.92 -8.75
N ASP D 113 13.44 -30.23 -7.50
CA ASP D 113 12.59 -31.37 -7.14
C ASP D 113 13.09 -32.68 -7.75
N GLU D 114 14.39 -32.92 -7.56
CA GLU D 114 15.06 -34.15 -8.02
C GLU D 114 15.15 -34.28 -9.55
N LYS D 115 14.90 -33.20 -10.28
CA LYS D 115 15.00 -33.21 -11.75
C LYS D 115 15.91 -32.09 -12.23
N GLU D 116 16.30 -32.13 -13.49
CA GLU D 116 17.15 -31.09 -14.08
C GLU D 116 16.41 -30.41 -15.23
N PHE D 117 16.40 -29.08 -15.21
CA PHE D 117 15.74 -28.29 -16.25
C PHE D 117 16.74 -27.37 -16.93
N GLN D 118 16.60 -27.24 -18.25
CA GLN D 118 17.39 -26.30 -19.01
C GLN D 118 16.40 -25.20 -19.38
N VAL D 119 16.58 -24.03 -18.77
CA VAL D 119 15.54 -23.01 -18.73
C VAL D 119 15.79 -21.93 -19.80
N PRO D 120 14.90 -21.84 -20.79
CA PRO D 120 15.04 -20.84 -21.85
C PRO D 120 14.62 -19.46 -21.35
N MET D 121 15.34 -18.43 -21.78
CA MET D 121 15.15 -17.08 -21.30
C MET D 121 15.31 -16.14 -22.49
N ALA D 122 14.20 -15.57 -22.96
CA ALA D 122 14.22 -14.62 -24.07
C ALA D 122 14.38 -13.22 -23.51
N THR D 123 15.53 -12.61 -23.77
CA THR D 123 15.83 -11.29 -23.23
C THR D 123 16.86 -10.57 -24.10
N THR D 124 16.88 -9.24 -24.02
CA THR D 124 17.92 -8.43 -24.65
C THR D 124 18.75 -7.73 -23.59
N GLU D 125 18.67 -8.19 -22.35
CA GLU D 125 19.40 -7.58 -21.26
C GLU D 125 20.70 -8.32 -21.08
N GLY D 126 21.81 -7.58 -21.11
CA GLY D 126 23.12 -8.16 -21.03
C GLY D 126 23.31 -8.87 -19.72
N CYS D 127 23.97 -10.03 -19.79
CA CYS D 127 24.37 -10.83 -18.64
C CYS D 127 23.25 -11.46 -17.83
N LEU D 128 21.99 -11.24 -18.19
CA LEU D 128 20.88 -11.75 -17.39
C LEU D 128 20.85 -13.27 -17.38
N VAL D 129 21.17 -13.89 -18.52
CA VAL D 129 21.17 -15.34 -18.63
C VAL D 129 22.39 -15.92 -17.92
N ALA D 130 23.52 -15.26 -18.05
CA ALA D 130 24.77 -15.73 -17.43
C ALA D 130 24.66 -15.71 -15.92
N SER D 131 24.04 -14.66 -15.37
CA SER D 131 23.87 -14.53 -13.93
C SER D 131 22.90 -15.55 -13.39
N THR D 132 21.78 -15.72 -14.09
CA THR D 132 20.79 -16.71 -13.70
C THR D 132 21.42 -18.10 -13.71
N ASN D 133 22.24 -18.37 -14.72
CA ASN D 133 22.92 -19.65 -14.87
C ASN D 133 23.87 -19.90 -13.69
N ARG D 134 24.54 -18.84 -13.23
CA ARG D 134 25.38 -18.94 -12.04
C ARG D 134 24.53 -19.29 -10.82
N GLY D 135 23.38 -18.64 -10.68
CA GLY D 135 22.43 -18.98 -9.64
C GLY D 135 22.10 -20.46 -9.64
N CYS D 136 21.85 -21.00 -10.83
CA CYS D 136 21.58 -22.41 -11.00
C CYS D 136 22.73 -23.28 -10.51
N ARG D 137 23.96 -22.90 -10.87
CA ARG D 137 25.16 -23.65 -10.50
C ARG D 137 25.29 -23.74 -8.97
N ALA D 138 25.02 -22.63 -8.28
CA ALA D 138 25.10 -22.58 -6.83
C ALA D 138 24.08 -23.50 -6.18
N ILE D 139 22.86 -23.50 -6.74
CA ILE D 139 21.77 -24.34 -6.26
C ILE D 139 22.03 -25.83 -6.43
N GLY D 140 22.61 -26.22 -7.57
CA GLY D 140 22.87 -27.62 -7.87
C GLY D 140 23.91 -28.22 -6.94
N LEU D 141 24.98 -27.46 -6.72
CA LEU D 141 26.04 -27.83 -5.79
C LEU D 141 25.60 -27.81 -4.32
N GLY D 142 24.48 -27.15 -4.03
CA GLY D 142 23.88 -27.20 -2.72
C GLY D 142 22.83 -28.29 -2.57
N GLY D 143 22.82 -29.26 -3.49
CA GLY D 143 21.89 -30.37 -3.43
C GLY D 143 20.53 -30.12 -4.08
N GLY D 144 20.41 -28.99 -4.77
CA GLY D 144 19.20 -28.66 -5.52
C GLY D 144 18.13 -27.95 -4.70
N ALA D 145 17.10 -27.51 -5.40
CA ALA D 145 16.01 -26.74 -4.81
C ALA D 145 14.74 -27.59 -4.74
N SER D 146 13.87 -27.28 -3.77
CA SER D 146 12.59 -27.95 -3.62
C SER D 146 11.49 -26.92 -3.70
N SER D 147 10.35 -27.30 -4.29
CA SER D 147 9.26 -26.35 -4.51
C SER D 147 7.92 -27.03 -4.32
N ARG D 148 6.94 -26.23 -3.92
CA ARG D 148 5.58 -26.71 -3.72
C ARG D 148 4.61 -25.69 -4.29
N VAL D 149 3.55 -26.17 -4.94
CA VAL D 149 2.47 -25.31 -5.37
C VAL D 149 1.50 -25.26 -4.21
N LEU D 150 1.34 -24.07 -3.65
CA LEU D 150 0.50 -23.83 -2.47
C LEU D 150 -0.98 -23.60 -2.79
N ALA D 151 -1.26 -23.02 -3.95
CA ALA D 151 -2.62 -22.75 -4.41
C ALA D 151 -2.68 -22.68 -5.94
N ASP D 152 -3.87 -22.83 -6.52
CA ASP D 152 -4.02 -22.86 -7.96
C ASP D 152 -5.42 -22.45 -8.41
N GLY D 153 -5.50 -21.33 -9.11
CA GLY D 153 -6.76 -20.85 -9.65
C GLY D 153 -6.71 -19.44 -10.20
N MET D 154 -6.83 -19.32 -11.51
CA MET D 154 -7.00 -18.03 -12.16
C MET D 154 -8.32 -17.38 -11.70
N THR D 155 -8.35 -16.05 -11.70
CA THR D 155 -9.54 -15.32 -11.26
C THR D 155 -10.08 -14.32 -12.27
N ARG D 156 -11.26 -13.83 -11.97
CA ARG D 156 -11.89 -12.77 -12.74
C ARG D 156 -12.85 -12.08 -11.81
N GLY D 157 -12.82 -10.76 -11.80
CA GLY D 157 -13.36 -9.98 -10.72
C GLY D 157 -14.31 -8.90 -11.20
N PRO D 158 -15.46 -9.30 -11.75
CA PRO D 158 -16.49 -8.36 -12.22
C PRO D 158 -17.02 -7.44 -11.14
N VAL D 159 -17.45 -6.26 -11.58
CA VAL D 159 -18.17 -5.34 -10.72
C VAL D 159 -19.64 -5.38 -11.13
N VAL D 160 -20.52 -5.50 -10.14
CA VAL D 160 -21.96 -5.43 -10.36
C VAL D 160 -22.54 -4.37 -9.43
N ARG D 161 -23.72 -3.83 -9.76
CA ARG D 161 -24.40 -2.83 -8.93
C ARG D 161 -25.84 -3.21 -8.66
N LEU D 162 -26.29 -2.96 -7.44
CA LEU D 162 -27.71 -3.06 -7.10
C LEU D 162 -28.22 -1.65 -6.77
N PRO D 163 -29.53 -1.45 -6.70
CA PRO D 163 -30.10 -0.13 -6.38
C PRO D 163 -29.63 0.49 -5.07
N ARG D 164 -29.37 -0.34 -4.06
CA ARG D 164 -28.96 0.13 -2.75
C ARG D 164 -27.85 -0.75 -2.16
N ALA D 165 -27.12 -0.19 -1.19
CA ALA D 165 -26.15 -0.95 -0.42
C ALA D 165 -26.79 -2.10 0.36
N CYS D 166 -28.03 -1.90 0.80
CA CYS D 166 -28.78 -2.96 1.48
C CYS D 166 -29.03 -4.13 0.55
N ASP D 167 -29.22 -3.83 -0.74
CA ASP D 167 -29.40 -4.87 -1.74
C ASP D 167 -28.06 -5.56 -2.06
N SER D 168 -27.01 -4.79 -2.29
CA SER D 168 -25.69 -5.38 -2.54
C SER D 168 -25.27 -6.29 -1.38
N ALA D 169 -25.58 -5.89 -0.16
CA ALA D 169 -25.32 -6.70 1.04
C ALA D 169 -26.13 -8.00 1.06
N GLU D 170 -27.37 -7.94 0.58
CA GLU D 170 -28.18 -9.15 0.51
C GLU D 170 -27.54 -10.16 -0.43
N VAL D 171 -26.99 -9.67 -1.54
CA VAL D 171 -26.33 -10.53 -2.52
C VAL D 171 -25.06 -11.16 -1.93
N LYS D 172 -24.28 -10.35 -1.22
CA LYS D 172 -23.08 -10.84 -0.53
C LYS D 172 -23.45 -11.97 0.44
N ALA D 173 -24.45 -11.72 1.29
CA ALA D 173 -24.92 -12.72 2.26
C ALA D 173 -25.32 -14.01 1.57
N TRP D 174 -26.03 -13.87 0.46
CA TRP D 174 -26.54 -15.02 -0.29
C TRP D 174 -25.42 -15.86 -0.90
N LEU D 175 -24.42 -15.19 -1.47
CA LEU D 175 -23.26 -15.86 -2.06
C LEU D 175 -22.38 -16.57 -1.03
N GLU D 176 -22.50 -16.19 0.23
CA GLU D 176 -21.70 -16.78 1.30
C GLU D 176 -22.36 -17.99 1.95
N THR D 177 -23.63 -18.24 1.63
CA THR D 177 -24.29 -19.48 2.05
C THR D 177 -23.83 -20.63 1.17
N SER D 178 -23.94 -21.84 1.70
CA SER D 178 -23.59 -23.04 0.95
C SER D 178 -24.55 -23.28 -0.22
N GLU D 179 -25.81 -22.87 -0.08
CA GLU D 179 -26.80 -23.08 -1.14
C GLU D 179 -26.60 -22.10 -2.30
N GLY D 180 -26.22 -20.87 -1.97
CA GLY D 180 -25.98 -19.84 -2.96
C GLY D 180 -24.73 -20.14 -3.78
N PHE D 181 -23.64 -20.45 -3.10
CA PHE D 181 -22.39 -20.80 -3.76
C PHE D 181 -22.51 -22.04 -4.66
N ALA D 182 -23.35 -22.99 -4.26
CA ALA D 182 -23.53 -24.21 -5.04
C ALA D 182 -24.25 -23.92 -6.35
N VAL D 183 -25.23 -23.00 -6.34
CA VAL D 183 -25.94 -22.64 -7.56
C VAL D 183 -25.07 -21.79 -8.50
N ILE D 184 -24.19 -20.96 -7.92
CA ILE D 184 -23.25 -20.18 -8.73
C ILE D 184 -22.17 -21.12 -9.28
N LYS D 185 -21.84 -22.16 -8.51
CA LYS D 185 -20.85 -23.13 -8.94
C LYS D 185 -21.38 -23.93 -10.12
N GLU D 186 -22.63 -24.41 -10.05
CA GLU D 186 -23.22 -25.21 -11.13
C GLU D 186 -23.22 -24.46 -12.47
N ALA D 187 -23.53 -23.16 -12.42
CA ALA D 187 -23.60 -22.34 -13.62
C ALA D 187 -22.21 -22.10 -14.20
N PHE D 188 -21.27 -21.77 -13.34
CA PHE D 188 -19.89 -21.56 -13.74
C PHE D 188 -19.31 -22.82 -14.38
N ASP D 189 -19.50 -23.95 -13.71
CA ASP D 189 -18.91 -25.23 -14.10
C ASP D 189 -19.46 -25.80 -15.39
N SER D 190 -20.68 -25.41 -15.74
CA SER D 190 -21.34 -25.89 -16.96
C SER D 190 -20.69 -25.44 -18.27
N THR D 191 -19.95 -24.33 -18.24
CA THR D 191 -19.42 -23.73 -19.46
C THR D 191 -18.25 -24.48 -20.10
N SER D 192 -17.48 -25.23 -19.31
CA SER D 192 -16.33 -25.96 -19.84
C SER D 192 -15.79 -27.09 -18.95
N ARG D 193 -14.87 -27.88 -19.53
CA ARG D 193 -14.35 -29.10 -18.92
C ARG D 193 -13.65 -28.86 -17.59
N PHE D 194 -12.78 -27.85 -17.55
CA PHE D 194 -11.99 -27.55 -16.35
C PHE D 194 -12.57 -26.44 -15.46
N ALA D 195 -13.76 -25.95 -15.77
CA ALA D 195 -14.40 -24.93 -14.95
C ALA D 195 -14.88 -25.53 -13.64
N ARG D 196 -14.06 -25.41 -12.59
CA ARG D 196 -14.42 -25.91 -11.27
C ARG D 196 -14.23 -24.81 -10.22
N LEU D 197 -15.31 -24.09 -9.93
CA LEU D 197 -15.28 -22.91 -9.07
C LEU D 197 -14.90 -23.22 -7.62
N GLN D 198 -13.87 -22.52 -7.14
CA GLN D 198 -13.46 -22.57 -5.73
C GLN D 198 -14.18 -21.47 -4.96
N LYS D 199 -13.82 -21.28 -3.68
CA LYS D 199 -14.39 -20.24 -2.83
C LYS D 199 -14.52 -18.90 -3.55
N LEU D 200 -15.60 -18.17 -3.28
CA LEU D 200 -15.78 -16.82 -3.82
C LEU D 200 -15.17 -15.82 -2.86
N HIS D 201 -14.70 -14.70 -3.41
CA HIS D 201 -14.30 -13.58 -2.59
C HIS D 201 -15.03 -12.31 -3.01
N THR D 202 -15.67 -11.64 -2.06
CA THR D 202 -16.47 -10.47 -2.37
C THR D 202 -16.12 -9.28 -1.51
N SER D 203 -16.19 -8.11 -2.11
CA SER D 203 -16.13 -6.86 -1.38
C SER D 203 -17.22 -5.91 -1.85
N ILE D 204 -17.84 -5.21 -0.90
CA ILE D 204 -18.86 -4.22 -1.20
C ILE D 204 -18.23 -2.83 -1.15
N ALA D 205 -18.68 -1.98 -2.06
CA ALA D 205 -18.41 -0.56 -2.03
C ALA D 205 -19.75 0.13 -2.25
N GLY D 206 -20.50 0.31 -1.17
CA GLY D 206 -21.81 0.90 -1.23
C GLY D 206 -22.75 -0.04 -1.96
N ARG D 207 -23.32 0.43 -3.06
CA ARG D 207 -24.23 -0.39 -3.84
C ARG D 207 -23.49 -1.24 -4.90
N ASN D 208 -22.19 -1.00 -5.07
CA ASN D 208 -21.33 -1.90 -5.84
C ASN D 208 -21.02 -3.19 -5.09
N LEU D 209 -20.91 -4.29 -5.83
CA LEU D 209 -20.43 -5.56 -5.30
C LEU D 209 -19.39 -6.16 -6.27
N TYR D 210 -18.17 -6.36 -5.77
CA TYR D 210 -17.10 -6.98 -6.54
C TYR D 210 -17.06 -8.47 -6.19
N ILE D 211 -17.06 -9.31 -7.21
CA ILE D 211 -17.11 -10.76 -7.03
C ILE D 211 -15.91 -11.36 -7.72
N ARG D 212 -15.11 -12.09 -6.97
CA ARG D 212 -13.88 -12.67 -7.46
C ARG D 212 -14.10 -14.15 -7.64
N PHE D 213 -14.20 -14.56 -8.89
CA PHE D 213 -14.34 -15.97 -9.25
C PHE D 213 -12.94 -16.55 -9.39
N GLN D 214 -12.71 -17.69 -8.76
CA GLN D 214 -11.47 -18.41 -8.87
C GLN D 214 -11.74 -19.84 -9.29
N SER D 215 -11.04 -20.27 -10.34
CA SER D 215 -11.13 -21.65 -10.79
C SER D 215 -9.81 -22.10 -11.40
N ARG D 216 -9.57 -23.40 -11.34
CA ARG D 216 -8.50 -24.02 -12.13
C ARG D 216 -8.97 -24.05 -13.58
N SER D 217 -8.07 -24.37 -14.50
CA SER D 217 -8.37 -24.18 -15.91
C SER D 217 -7.62 -25.16 -16.80
N GLY D 218 -7.43 -26.38 -16.31
CA GLY D 218 -6.57 -27.33 -16.98
C GLY D 218 -5.17 -26.77 -17.02
N ASP D 219 -4.51 -26.91 -18.16
CA ASP D 219 -3.15 -26.41 -18.34
C ASP D 219 -3.11 -25.02 -18.99
N ALA D 220 -4.27 -24.48 -19.34
CA ALA D 220 -4.38 -23.13 -19.88
C ALA D 220 -4.22 -22.09 -18.78
N MET D 221 -3.69 -20.93 -19.14
CA MET D 221 -3.61 -19.80 -18.19
C MET D 221 -5.00 -19.50 -17.65
N GLY D 222 -5.99 -19.53 -18.54
CA GLY D 222 -7.38 -19.64 -18.16
C GLY D 222 -8.21 -18.37 -18.20
N MET D 223 -7.77 -17.33 -18.90
CA MET D 223 -8.52 -16.07 -18.91
C MET D 223 -9.86 -16.22 -19.64
N ASN D 224 -9.81 -16.77 -20.85
CA ASN D 224 -11.03 -16.93 -21.66
C ASN D 224 -12.01 -17.89 -21.00
N MET D 225 -11.48 -18.98 -20.46
CA MET D 225 -12.29 -19.98 -19.79
C MET D 225 -13.01 -19.41 -18.57
N ILE D 226 -12.28 -18.68 -17.74
CA ILE D 226 -12.86 -18.13 -16.52
C ILE D 226 -13.83 -16.97 -16.83
N SER D 227 -13.60 -16.26 -17.94
CA SER D 227 -14.50 -15.19 -18.38
C SER D 227 -15.86 -15.75 -18.79
N LYS D 228 -15.84 -16.87 -19.52
CA LYS D 228 -17.06 -17.51 -19.99
C LYS D 228 -17.83 -18.09 -18.81
N GLY D 229 -17.10 -18.65 -17.85
CA GLY D 229 -17.69 -19.18 -16.64
C GLY D 229 -18.32 -18.06 -15.82
N THR D 230 -17.65 -16.92 -15.79
CA THR D 230 -18.09 -15.78 -15.03
C THR D 230 -19.39 -15.18 -15.60
N GLU D 231 -19.45 -15.08 -16.93
CA GLU D 231 -20.62 -14.51 -17.61
C GLU D 231 -21.87 -15.34 -17.35
N LYS D 232 -21.74 -16.66 -17.41
CA LYS D 232 -22.87 -17.55 -17.15
C LYS D 232 -23.22 -17.56 -15.67
N ALA D 233 -22.23 -17.36 -14.81
CA ALA D 233 -22.45 -17.30 -13.37
C ALA D 233 -23.15 -16.01 -12.97
N LEU D 234 -22.72 -14.89 -13.57
CA LEU D 234 -23.33 -13.60 -13.33
C LEU D 234 -24.74 -13.57 -13.89
N SER D 235 -24.95 -14.30 -14.98
CA SER D 235 -26.27 -14.41 -15.61
C SER D 235 -27.23 -15.17 -14.69
N LYS D 236 -26.71 -16.18 -13.99
CA LYS D 236 -27.48 -16.94 -13.02
C LYS D 236 -27.77 -16.12 -11.76
N LEU D 237 -26.84 -15.23 -11.41
CA LEU D 237 -27.01 -14.32 -10.29
C LEU D 237 -28.07 -13.26 -10.61
N HIS D 238 -28.16 -12.88 -11.89
CA HIS D 238 -29.16 -11.93 -12.36
C HIS D 238 -30.57 -12.52 -12.17
N GLU D 239 -30.69 -13.83 -12.32
CA GLU D 239 -31.97 -14.49 -12.09
C GLU D 239 -32.42 -14.36 -10.63
N TYR D 240 -31.52 -14.58 -9.68
CA TYR D 240 -31.84 -14.42 -8.25
C TYR D 240 -32.06 -12.95 -7.87
N PHE D 241 -31.44 -12.04 -8.60
CA PHE D 241 -31.50 -10.61 -8.30
C PHE D 241 -31.68 -9.80 -9.58
N PRO D 242 -32.90 -9.76 -10.11
CA PRO D 242 -33.18 -9.11 -11.41
C PRO D 242 -32.91 -7.60 -11.50
N GLU D 243 -32.86 -6.91 -10.35
CA GLU D 243 -32.50 -5.49 -10.33
C GLU D 243 -30.98 -5.26 -10.42
N MET D 244 -30.19 -6.32 -10.33
CA MET D 244 -28.74 -6.23 -10.48
C MET D 244 -28.31 -5.81 -11.88
N GLN D 245 -27.33 -4.92 -11.93
CA GLN D 245 -26.69 -4.48 -13.16
C GLN D 245 -25.29 -5.06 -13.20
N ILE D 246 -24.98 -5.76 -14.28
CA ILE D 246 -23.62 -6.18 -14.55
C ILE D 246 -22.93 -4.99 -15.19
N LEU D 247 -22.13 -4.27 -14.42
CA LEU D 247 -21.49 -3.08 -14.94
C LEU D 247 -20.30 -3.43 -15.84
N ALA D 248 -19.53 -4.44 -15.46
CA ALA D 248 -18.39 -4.88 -16.27
C ALA D 248 -17.88 -6.25 -15.81
N VAL D 249 -17.60 -7.11 -16.78
CA VAL D 249 -17.14 -8.48 -16.49
C VAL D 249 -15.78 -8.46 -15.75
N SER D 250 -15.01 -7.39 -15.92
CA SER D 250 -13.86 -7.10 -15.05
C SER D 250 -13.99 -5.74 -14.39
N GLY D 251 -14.23 -5.73 -13.09
CA GLY D 251 -14.19 -4.53 -12.28
C GLY D 251 -12.85 -4.29 -11.60
N ASN D 252 -11.78 -4.88 -12.14
CA ASN D 252 -10.42 -4.71 -11.60
C ASN D 252 -10.19 -5.40 -10.26
N TYR D 253 -11.08 -6.31 -9.90
CA TYR D 253 -11.01 -7.01 -8.63
C TYR D 253 -10.34 -8.38 -8.82
N CYS D 254 -9.76 -8.62 -10.00
CA CYS D 254 -9.22 -9.95 -10.33
C CYS D 254 -7.92 -10.25 -9.56
N THR D 255 -6.88 -9.44 -9.63
CA THR D 255 -6.73 -8.30 -10.53
C THR D 255 -5.78 -8.71 -11.64
N ASP D 256 -6.15 -8.39 -12.88
CA ASP D 256 -5.35 -8.77 -14.04
C ASP D 256 -4.51 -7.61 -14.55
N LYS D 257 -3.19 -7.82 -14.58
CA LYS D 257 -2.23 -6.91 -15.23
C LYS D 257 -2.14 -5.52 -14.61
N LYS D 258 -2.63 -5.35 -13.38
CA LYS D 258 -2.34 -4.16 -12.57
C LYS D 258 -1.85 -4.63 -11.21
N PRO D 259 -1.01 -3.83 -10.54
CA PRO D 259 -0.60 -4.15 -9.18
C PRO D 259 -1.80 -4.11 -8.23
N ALA D 260 -1.99 -5.17 -7.45
CA ALA D 260 -3.07 -5.23 -6.46
C ALA D 260 -2.67 -6.09 -5.27
N ALA D 261 -2.95 -5.60 -4.07
CA ALA D 261 -2.74 -6.35 -2.83
C ALA D 261 -3.59 -7.62 -2.78
N ILE D 262 -4.72 -7.64 -3.49
CA ILE D 262 -5.59 -8.81 -3.47
C ILE D 262 -4.90 -10.03 -4.09
N ASN D 263 -4.08 -9.82 -5.11
CA ASN D 263 -3.33 -10.93 -5.73
C ASN D 263 -2.20 -11.43 -4.83
N TRP D 264 -1.63 -10.51 -4.06
CA TRP D 264 -0.55 -10.82 -3.13
C TRP D 264 -1.04 -11.62 -1.92
N ILE D 265 -2.22 -11.25 -1.40
CA ILE D 265 -2.73 -11.83 -0.16
C ILE D 265 -3.51 -13.12 -0.41
N GLU D 266 -4.29 -13.13 -1.50
CA GLU D 266 -5.17 -14.23 -1.85
C GLU D 266 -4.56 -15.15 -2.90
N GLY D 267 -3.50 -14.71 -3.55
CA GLY D 267 -2.92 -15.44 -4.66
C GLY D 267 -3.76 -15.27 -5.93
N ARG D 268 -3.17 -15.61 -7.08
CA ARG D 268 -3.84 -15.61 -8.38
C ARG D 268 -3.06 -16.52 -9.31
N GLY D 269 -3.74 -17.39 -10.03
CA GLY D 269 -3.06 -18.45 -10.76
C GLY D 269 -2.37 -19.39 -9.78
N LYS D 270 -1.09 -19.65 -9.99
CA LYS D 270 -0.34 -20.56 -9.14
C LYS D 270 0.38 -19.78 -8.06
N SER D 271 0.15 -20.15 -6.79
CA SER D 271 0.96 -19.66 -5.68
C SER D 271 2.02 -20.72 -5.43
N VAL D 272 3.28 -20.33 -5.40
CA VAL D 272 4.38 -21.26 -5.38
C VAL D 272 5.42 -20.81 -4.34
N VAL D 273 6.08 -21.79 -3.73
CA VAL D 273 7.22 -21.53 -2.85
C VAL D 273 8.38 -22.42 -3.31
N CYS D 274 9.60 -21.89 -3.23
CA CYS D 274 10.81 -22.64 -3.55
C CYS D 274 11.86 -22.32 -2.50
N GLU D 275 12.77 -23.26 -2.27
CA GLU D 275 13.83 -23.10 -1.29
C GLU D 275 15.08 -23.91 -1.64
N ALA D 276 16.20 -23.51 -1.05
CA ALA D 276 17.45 -24.25 -1.17
C ALA D 276 18.38 -23.82 -0.03
N VAL D 277 19.31 -24.70 0.33
CA VAL D 277 20.40 -24.36 1.24
C VAL D 277 21.68 -24.42 0.42
N ILE D 278 22.43 -23.32 0.41
CA ILE D 278 23.66 -23.20 -0.35
C ILE D 278 24.85 -23.29 0.61
N PRO D 279 25.60 -24.39 0.59
CA PRO D 279 26.74 -24.55 1.51
C PRO D 279 27.68 -23.35 1.53
N ALA D 280 28.27 -23.07 2.69
CA ALA D 280 29.15 -21.90 2.86
C ALA D 280 30.21 -21.78 1.77
N LYS D 281 30.91 -22.88 1.50
CA LYS D 281 31.98 -22.91 0.49
C LYS D 281 31.44 -22.52 -0.90
N VAL D 282 30.23 -22.95 -1.21
CA VAL D 282 29.61 -22.64 -2.50
C VAL D 282 29.29 -21.14 -2.64
N VAL D 283 28.77 -20.52 -1.57
CA VAL D 283 28.56 -19.06 -1.54
C VAL D 283 29.88 -18.32 -1.75
N ARG D 284 30.96 -18.91 -1.23
CA ARG D 284 32.29 -18.30 -1.30
C ARG D 284 32.86 -18.39 -2.72
N GLU D 285 32.89 -19.61 -3.26
CA GLU D 285 33.64 -19.92 -4.47
C GLU D 285 32.88 -19.58 -5.74
N VAL D 286 31.59 -19.91 -5.76
CA VAL D 286 30.71 -19.62 -6.89
C VAL D 286 30.18 -18.17 -6.86
N LEU D 287 29.60 -17.78 -5.72
CA LEU D 287 28.90 -16.50 -5.59
C LEU D 287 29.80 -15.33 -5.13
N LYS D 288 31.03 -15.64 -4.71
CA LYS D 288 32.06 -14.63 -4.39
C LYS D 288 31.68 -13.69 -3.24
N THR D 289 31.04 -14.24 -2.22
CA THR D 289 30.62 -13.48 -1.05
C THR D 289 30.43 -14.44 0.12
N THR D 290 29.71 -14.02 1.16
CA THR D 290 29.42 -14.88 2.30
C THR D 290 27.93 -14.95 2.61
N THR D 291 27.55 -15.98 3.36
CA THR D 291 26.19 -16.16 3.83
C THR D 291 25.70 -14.95 4.61
N GLU D 292 26.58 -14.40 5.44
CA GLU D 292 26.28 -13.28 6.30
C GLU D 292 26.00 -12.02 5.48
N ALA D 293 26.87 -11.73 4.51
CA ALA D 293 26.73 -10.56 3.65
C ALA D 293 25.45 -10.65 2.82
N MET D 294 25.13 -11.84 2.36
CA MET D 294 23.89 -12.09 1.61
C MET D 294 22.64 -11.79 2.45
N ILE D 295 22.64 -12.23 3.71
CA ILE D 295 21.50 -12.03 4.59
C ILE D 295 21.33 -10.56 4.88
N GLU D 296 22.44 -9.84 4.98
CA GLU D 296 22.42 -8.43 5.30
C GLU D 296 21.86 -7.59 4.15
N VAL D 297 22.18 -7.98 2.92
CA VAL D 297 21.68 -7.25 1.75
C VAL D 297 20.22 -7.59 1.56
N ASN D 298 19.86 -8.86 1.71
CA ASN D 298 18.47 -9.27 1.54
C ASN D 298 17.53 -8.55 2.49
N ILE D 299 17.89 -8.54 3.77
CA ILE D 299 17.07 -7.88 4.78
C ILE D 299 16.89 -6.42 4.41
N ASN D 300 17.99 -5.74 4.12
CA ASN D 300 17.96 -4.29 4.02
C ASN D 300 17.60 -3.73 2.64
N LYS D 301 17.59 -4.60 1.63
CA LYS D 301 17.20 -4.24 0.27
C LYS D 301 15.79 -4.76 0.03
N ASN D 302 15.63 -6.07 0.06
CA ASN D 302 14.40 -6.72 -0.37
C ASN D 302 13.26 -6.58 0.62
N LEU D 303 13.58 -6.38 1.90
CA LEU D 303 12.56 -6.14 2.92
C LEU D 303 12.51 -4.65 3.25
N VAL D 304 13.50 -4.13 3.97
CA VAL D 304 13.47 -2.75 4.44
C VAL D 304 13.41 -1.78 3.28
N GLY D 305 14.25 -1.98 2.28
CA GLY D 305 14.30 -1.08 1.13
C GLY D 305 13.00 -1.03 0.35
N SER D 306 12.44 -2.19 0.08
CA SER D 306 11.14 -2.29 -0.58
C SER D 306 10.05 -1.68 0.29
N ALA D 307 10.16 -1.85 1.60
CA ALA D 307 9.25 -1.23 2.57
C ALA D 307 9.28 0.29 2.51
N MET D 308 10.47 0.89 2.52
CA MET D 308 10.64 2.36 2.43
C MET D 308 10.14 2.90 1.10
N ALA D 309 10.30 2.11 0.05
CA ALA D 309 9.82 2.46 -1.27
C ALA D 309 8.28 2.34 -1.42
N GLY D 310 7.63 1.74 -0.44
CA GLY D 310 6.16 1.62 -0.45
C GLY D 310 5.70 0.50 -1.35
N SER D 311 6.41 -0.62 -1.30
CA SER D 311 6.12 -1.74 -2.16
C SER D 311 5.11 -2.65 -1.50
N ILE D 312 4.14 -3.08 -2.31
CA ILE D 312 3.29 -4.22 -2.02
C ILE D 312 3.70 -5.31 -3.00
N GLY D 313 4.27 -6.41 -2.48
CA GLY D 313 4.59 -7.57 -3.28
C GLY D 313 5.93 -7.55 -4.01
N GLY D 314 6.63 -6.44 -3.98
CA GLY D 314 7.91 -6.31 -4.65
C GLY D 314 9.07 -6.46 -3.68
N TYR D 315 9.05 -7.52 -2.87
CA TYR D 315 10.08 -7.77 -1.85
C TYR D 315 11.14 -8.73 -2.40
N ASN D 316 11.76 -8.32 -3.49
CA ASN D 316 12.69 -9.15 -4.25
C ASN D 316 13.61 -8.27 -5.05
N ALA D 317 14.74 -8.82 -5.49
CA ALA D 317 15.72 -8.09 -6.29
C ALA D 317 15.25 -7.86 -7.72
N HIS D 318 15.03 -8.94 -8.47
CA HIS D 318 14.67 -8.81 -9.88
C HIS D 318 13.89 -10.00 -10.45
N ALA D 319 12.98 -10.55 -9.67
CA ALA D 319 12.10 -11.60 -10.13
C ALA D 319 11.50 -11.30 -11.52
N ALA D 320 11.12 -10.05 -11.76
CA ALA D 320 10.56 -9.63 -13.05
C ALA D 320 11.46 -9.92 -14.23
N ASN D 321 12.76 -9.83 -14.06
CA ASN D 321 13.70 -10.15 -15.14
C ASN D 321 13.56 -11.59 -15.60
N ILE D 322 13.50 -12.51 -14.64
CA ILE D 322 13.42 -13.95 -14.93
C ILE D 322 12.01 -14.30 -15.43
N VAL D 323 10.97 -13.84 -14.73
CA VAL D 323 9.60 -14.11 -15.14
C VAL D 323 9.40 -13.69 -16.59
N THR D 324 9.73 -12.44 -16.88
CA THR D 324 9.60 -11.89 -18.23
C THR D 324 10.38 -12.68 -19.27
N ALA D 325 11.62 -13.03 -18.95
CA ALA D 325 12.47 -13.76 -19.91
C ALA D 325 11.88 -15.12 -20.22
N ILE D 326 11.47 -15.85 -19.19
CA ILE D 326 10.85 -17.15 -19.38
C ILE D 326 9.50 -17.01 -20.07
N TYR D 327 8.76 -15.96 -19.75
CA TYR D 327 7.40 -15.77 -20.28
C TYR D 327 7.44 -15.51 -21.80
N ILE D 328 8.39 -14.70 -22.24
CA ILE D 328 8.53 -14.40 -23.66
C ILE D 328 8.97 -15.67 -24.40
N ALA D 329 9.97 -16.36 -23.85
CA ALA D 329 10.44 -17.64 -24.41
C ALA D 329 9.37 -18.71 -24.51
N CYS D 330 8.46 -18.77 -23.54
CA CYS D 330 7.54 -19.90 -23.40
C CYS D 330 6.10 -19.59 -23.79
N GLY D 331 5.89 -18.53 -24.54
CA GLY D 331 4.58 -18.20 -25.09
C GLY D 331 3.56 -17.73 -24.06
N GLN D 332 4.04 -17.14 -22.98
CA GLN D 332 3.17 -16.63 -21.94
C GLN D 332 2.72 -15.21 -22.28
N ASP D 333 1.74 -14.71 -21.54
CA ASP D 333 1.33 -13.32 -21.65
C ASP D 333 2.31 -12.44 -20.85
N ALA D 334 3.21 -11.77 -21.56
CA ALA D 334 4.31 -11.04 -20.90
C ALA D 334 3.84 -9.84 -20.09
N ALA D 335 2.63 -9.36 -20.37
CA ALA D 335 2.02 -8.26 -19.62
C ALA D 335 1.56 -8.70 -18.24
N GLN D 336 1.42 -10.00 -18.05
CA GLN D 336 1.12 -10.52 -16.73
C GLN D 336 2.36 -10.62 -15.81
N ASN D 337 3.52 -10.15 -16.26
CA ASN D 337 4.66 -9.97 -15.36
C ASN D 337 4.39 -8.96 -14.23
N VAL D 338 3.42 -8.07 -14.40
CA VAL D 338 3.06 -7.11 -13.35
C VAL D 338 2.78 -7.85 -12.04
N GLY D 339 1.85 -8.80 -12.09
CA GLY D 339 1.49 -9.62 -10.95
C GLY D 339 2.28 -10.91 -10.78
N SER D 340 2.64 -11.56 -11.88
CA SER D 340 3.42 -12.80 -11.84
C SER D 340 4.79 -12.61 -11.17
N SER D 341 5.30 -11.38 -11.20
CA SER D 341 6.59 -11.07 -10.61
C SER D 341 6.53 -10.87 -9.10
N ASN D 342 5.32 -10.85 -8.53
CA ASN D 342 5.17 -10.72 -7.08
C ASN D 342 6.04 -11.77 -6.38
N CYS D 343 6.93 -11.34 -5.49
CA CYS D 343 7.90 -12.23 -4.86
C CYS D 343 8.51 -11.65 -3.57
N ILE D 344 8.55 -12.49 -2.54
CA ILE D 344 9.32 -12.20 -1.34
C ILE D 344 10.47 -13.20 -1.22
N THR D 345 11.67 -12.65 -1.21
CA THR D 345 12.89 -13.43 -1.17
C THR D 345 13.40 -13.34 0.24
N LEU D 346 13.54 -14.48 0.90
CA LEU D 346 14.05 -14.56 2.26
C LEU D 346 15.36 -15.34 2.33
N MET D 347 16.25 -14.87 3.20
CA MET D 347 17.55 -15.47 3.37
C MET D 347 17.88 -15.54 4.86
N GLU D 348 18.24 -16.74 5.32
CA GLU D 348 18.64 -16.97 6.71
C GLU D 348 19.94 -17.76 6.79
N ALA D 349 20.60 -17.65 7.94
CA ALA D 349 21.75 -18.49 8.27
C ALA D 349 21.26 -19.91 8.55
N SER D 350 22.06 -20.89 8.16
CA SER D 350 21.68 -22.30 8.24
C SER D 350 22.91 -23.20 8.48
N GLY D 351 22.65 -24.47 8.81
CA GLY D 351 23.71 -25.43 9.07
C GLY D 351 24.11 -25.46 10.54
N PRO D 352 24.89 -26.47 10.94
CA PRO D 352 25.35 -26.57 12.33
C PRO D 352 26.21 -25.35 12.72
N THR D 353 27.10 -24.92 11.84
CA THR D 353 27.97 -23.78 12.12
C THR D 353 27.28 -22.43 11.84
N ASN D 354 26.02 -22.48 11.40
CA ASN D 354 25.24 -21.29 11.07
C ASN D 354 25.88 -20.48 9.92
N GLU D 355 26.55 -21.17 9.01
CA GLU D 355 27.26 -20.52 7.90
C GLU D 355 26.74 -20.88 6.52
N ASP D 356 25.83 -21.86 6.43
CA ASP D 356 25.13 -22.16 5.18
C ASP D 356 23.98 -21.15 4.93
N LEU D 357 23.64 -20.95 3.66
CA LEU D 357 22.65 -19.96 3.25
C LEU D 357 21.31 -20.63 2.90
N TYR D 358 20.33 -20.50 3.77
CA TYR D 358 18.96 -20.83 3.43
C TYR D 358 18.38 -19.69 2.62
N ILE D 359 17.85 -19.99 1.45
CA ILE D 359 17.16 -18.99 0.63
C ILE D 359 15.82 -19.58 0.24
N SER D 360 14.76 -18.77 0.31
CA SER D 360 13.48 -19.13 -0.29
C SER D 360 12.92 -17.97 -1.10
N CYS D 361 12.08 -18.31 -2.07
CA CYS D 361 11.29 -17.34 -2.81
C CYS D 361 9.84 -17.78 -2.73
N THR D 362 8.96 -16.83 -2.41
CA THR D 362 7.54 -17.10 -2.38
C THR D 362 6.86 -16.18 -3.38
N MET D 363 6.13 -16.78 -4.31
CA MET D 363 5.54 -16.09 -5.43
C MET D 363 4.07 -16.49 -5.50
N PRO D 364 3.20 -15.68 -4.92
CA PRO D 364 1.82 -16.12 -4.69
C PRO D 364 0.91 -15.94 -5.88
N SER D 365 1.37 -15.33 -6.97
CA SER D 365 0.50 -15.04 -8.10
C SER D 365 1.11 -15.22 -9.49
N ILE D 366 1.64 -16.42 -9.73
CA ILE D 366 2.19 -16.79 -11.04
C ILE D 366 1.08 -17.16 -12.03
N GLU D 367 0.87 -16.29 -13.01
CA GLU D 367 -0.17 -16.47 -14.04
C GLU D 367 0.46 -17.09 -15.30
N ILE D 368 0.08 -18.33 -15.58
CA ILE D 368 0.84 -19.20 -16.47
C ILE D 368 -0.01 -20.32 -17.08
N GLY D 369 0.35 -20.74 -18.30
CA GLY D 369 -0.29 -21.87 -18.97
C GLY D 369 0.61 -22.50 -20.03
N THR D 370 0.36 -23.77 -20.34
CA THR D 370 1.10 -24.48 -21.39
C THR D 370 0.24 -24.84 -22.61
N VAL D 371 -1.05 -24.52 -22.59
CA VAL D 371 -1.88 -24.53 -23.79
C VAL D 371 -2.55 -23.18 -24.00
N GLY D 372 -2.75 -22.80 -25.26
CA GLY D 372 -3.44 -21.57 -25.59
C GLY D 372 -2.49 -20.40 -25.71
N GLY D 373 -2.98 -19.27 -26.22
CA GLY D 373 -2.17 -18.08 -26.43
C GLY D 373 -0.94 -18.34 -27.27
N GLY D 374 0.18 -17.75 -26.86
CA GLY D 374 1.45 -17.90 -27.55
C GLY D 374 2.03 -19.31 -27.49
N THR D 375 1.52 -20.17 -26.60
CA THR D 375 1.96 -21.57 -26.55
C THR D 375 1.38 -22.42 -27.69
N ASN D 376 0.54 -21.83 -28.54
CA ASN D 376 0.05 -22.48 -29.75
C ASN D 376 1.01 -22.37 -30.93
N LEU D 377 2.09 -21.61 -30.77
CA LEU D 377 3.05 -21.38 -31.85
C LEU D 377 4.26 -22.30 -31.63
N LEU D 378 4.86 -22.76 -32.73
CA LEU D 378 5.87 -23.80 -32.66
C LEU D 378 7.17 -23.40 -31.96
N PRO D 379 7.72 -22.22 -32.24
CA PRO D 379 8.94 -21.78 -31.53
C PRO D 379 8.73 -21.75 -30.02
N GLN D 380 7.58 -21.24 -29.59
CA GLN D 380 7.28 -21.15 -28.16
C GLN D 380 7.16 -22.56 -27.57
N GLN D 381 6.55 -23.47 -28.33
CA GLN D 381 6.44 -24.87 -27.93
C GLN D 381 7.80 -25.56 -27.83
N ALA D 382 8.76 -25.14 -28.63
CA ALA D 382 10.11 -25.69 -28.56
C ALA D 382 10.67 -25.47 -27.15
N CYS D 383 10.50 -24.27 -26.63
CA CYS D 383 10.97 -23.94 -25.29
C CYS D 383 10.18 -24.67 -24.20
N LEU D 384 8.87 -24.83 -24.39
CA LEU D 384 8.07 -25.63 -23.47
C LEU D 384 8.48 -27.10 -23.49
N GLN D 385 8.89 -27.58 -24.67
CA GLN D 385 9.33 -28.97 -24.83
C GLN D 385 10.66 -29.22 -24.15
N MET D 386 11.57 -28.23 -24.20
CA MET D 386 12.83 -28.26 -23.46
C MET D 386 12.57 -28.64 -22.02
N LEU D 387 11.59 -27.97 -21.42
CA LEU D 387 11.27 -28.11 -20.02
C LEU D 387 10.38 -29.32 -19.73
N GLY D 388 9.79 -29.91 -20.77
CA GLY D 388 8.97 -31.09 -20.64
C GLY D 388 7.59 -30.77 -20.09
N VAL D 389 7.07 -29.60 -20.47
CA VAL D 389 5.76 -29.14 -20.00
C VAL D 389 4.84 -28.65 -21.13
N GLN D 390 5.18 -28.98 -22.38
CA GLN D 390 4.44 -28.50 -23.54
C GLN D 390 3.05 -29.10 -23.61
N GLY D 391 2.05 -28.26 -23.77
CA GLY D 391 0.69 -28.73 -23.98
C GLY D 391 0.06 -29.29 -22.72
N ALA D 392 -1.06 -29.99 -22.92
CA ALA D 392 -1.81 -30.56 -21.82
C ALA D 392 -1.11 -31.80 -21.25
N CYS D 393 -1.09 -31.90 -19.92
CA CYS D 393 -0.76 -33.15 -19.26
C CYS D 393 -2.01 -34.03 -19.28
N LYS D 394 -2.01 -35.05 -20.13
CA LYS D 394 -3.22 -35.87 -20.31
C LYS D 394 -3.52 -36.75 -19.08
N ASP D 395 -2.48 -37.12 -18.33
CA ASP D 395 -2.68 -37.93 -17.12
C ASP D 395 -3.39 -37.14 -16.00
N ASN D 396 -2.99 -35.89 -15.84
CA ASN D 396 -3.36 -35.07 -14.69
C ASN D 396 -3.52 -33.61 -15.11
N PRO D 397 -4.71 -33.24 -15.59
CA PRO D 397 -4.98 -31.88 -16.06
C PRO D 397 -4.47 -30.78 -15.12
N GLY D 398 -3.55 -29.97 -15.63
CA GLY D 398 -3.00 -28.83 -14.90
C GLY D 398 -1.57 -29.01 -14.45
N GLU D 399 -1.03 -30.22 -14.60
CA GLU D 399 0.27 -30.56 -14.01
C GLU D 399 1.45 -29.97 -14.76
N ASN D 400 1.31 -29.78 -16.08
CA ASN D 400 2.32 -29.10 -16.87
C ASN D 400 2.41 -27.61 -16.53
N ALA D 401 1.26 -26.96 -16.34
CA ALA D 401 1.23 -25.55 -15.94
C ALA D 401 1.78 -25.39 -14.53
N ARG D 402 1.42 -26.32 -13.64
CA ARG D 402 1.95 -26.33 -12.27
C ARG D 402 3.46 -26.49 -12.30
N GLN D 403 3.95 -27.37 -13.15
CA GLN D 403 5.38 -27.65 -13.27
C GLN D 403 6.10 -26.40 -13.78
N LEU D 404 5.48 -25.72 -14.73
CA LEU D 404 6.09 -24.52 -15.30
C LEU D 404 6.18 -23.42 -14.27
N ALA D 405 5.17 -23.28 -13.43
CA ALA D 405 5.18 -22.29 -12.36
C ALA D 405 6.31 -22.60 -11.39
N ARG D 406 6.49 -23.88 -11.06
CA ARG D 406 7.57 -24.31 -10.17
C ARG D 406 8.93 -23.99 -10.80
N ILE D 407 9.06 -24.22 -12.11
CA ILE D 407 10.28 -23.84 -12.82
C ILE D 407 10.51 -22.33 -12.79
N VAL D 408 9.45 -21.55 -12.95
CA VAL D 408 9.58 -20.09 -12.92
C VAL D 408 10.10 -19.64 -11.55
N CYS D 409 9.59 -20.26 -10.48
CA CYS D 409 9.89 -19.83 -9.11
C CYS D 409 11.30 -20.24 -8.73
N GLY D 410 11.71 -21.41 -9.20
CA GLY D 410 13.05 -21.92 -8.98
C GLY D 410 14.09 -21.12 -9.72
N THR D 411 13.78 -20.74 -10.96
CA THR D 411 14.69 -19.93 -11.76
C THR D 411 14.74 -18.50 -11.24
N VAL D 412 13.62 -18.01 -10.71
CA VAL D 412 13.61 -16.71 -10.04
C VAL D 412 14.56 -16.74 -8.83
N MET D 413 14.51 -17.83 -8.07
CA MET D 413 15.38 -17.98 -6.90
C MET D 413 16.86 -18.04 -7.30
N ALA D 414 17.13 -18.69 -8.43
CA ALA D 414 18.47 -18.71 -9.00
C ALA D 414 18.92 -17.29 -9.37
N GLY D 415 18.04 -16.54 -10.03
CA GLY D 415 18.29 -15.14 -10.35
C GLY D 415 18.54 -14.28 -9.12
N GLU D 416 17.75 -14.50 -8.06
CA GLU D 416 17.88 -13.75 -6.82
C GLU D 416 19.24 -14.00 -6.19
N LEU D 417 19.64 -15.26 -6.15
CA LEU D 417 20.90 -15.67 -5.55
C LEU D 417 22.07 -14.95 -6.21
N SER D 418 22.16 -15.05 -7.53
CA SER D 418 23.27 -14.45 -8.27
C SER D 418 23.33 -12.94 -8.17
N LEU D 419 22.20 -12.26 -8.38
CA LEU D 419 22.20 -10.81 -8.37
C LEU D 419 22.51 -10.25 -6.97
N MET D 420 21.99 -10.92 -5.95
CA MET D 420 22.22 -10.48 -4.57
C MET D 420 23.67 -10.71 -4.18
N ALA D 421 24.26 -11.80 -4.69
CA ALA D 421 25.68 -12.06 -4.52
C ALA D 421 26.51 -10.98 -5.20
N ALA D 422 26.10 -10.56 -6.39
CA ALA D 422 26.81 -9.52 -7.14
C ALA D 422 26.71 -8.17 -6.44
N LEU D 423 25.59 -7.91 -5.79
CA LEU D 423 25.38 -6.64 -5.08
C LEU D 423 26.14 -6.61 -3.75
N ALA D 424 26.18 -7.75 -3.07
CA ALA D 424 26.84 -7.87 -1.76
C ALA D 424 28.35 -7.84 -1.92
N ALA D 425 28.84 -8.41 -3.03
CA ALA D 425 30.26 -8.39 -3.34
C ALA D 425 30.65 -7.03 -3.88
#